data_5T08
#
_entry.id   5T08
#
_cell.length_a   185.065
_cell.length_b   98.364
_cell.length_c   133.239
_cell.angle_alpha   90.00
_cell.angle_beta   126.48
_cell.angle_gamma   90.00
#
_symmetry.space_group_name_H-M   'C 1 2 1'
#
loop_
_entity.id
_entity.type
_entity.pdbx_description
1 polymer Hemagglutinin
2 polymer 'Hemagglutinin HA2 chain'
3 non-polymer 2-acetamido-2-deoxy-beta-D-glucopyranose
4 water water
#
loop_
_entity_poly.entity_id
_entity_poly.type
_entity_poly.pdbx_seq_one_letter_code
_entity_poly.pdbx_strand_id
1 'polypeptide(L)'
;ADPGDKICIGYHANNSTTQVDTLLEKNVTVTHSVELLENQKEKRFCKIMNKAPLDLKDCTIEGWILGNPKCDLLLGDQSW
SYIVERPNAQNGICYPGVLNELEELKAFIGSGERVERFEMFPKSTWAGVDTSRGVTNACPSYTIDSSFYRNLVWIVKTDS
ATYPVIKGTYNNTGTQPILYFWGVHHPLDTTVQDNLYGSGDKYVRMGTESMNFAKSPEIAARPAVNDQRSRIDYYWSVLR
PGETLNVESNGNLIAPWYAYKFVSTNKKGAVFKSDLPIENCDATCQTITGVLRTNKTFQNVSPLWIGECPKYVKSESLRL
ATGLRNVPQIATR
;
A,C,E
2 'polypeptide(L)'
;GIFGAIAGFIEGGWTGMIDGWYGYHHENSQGSGYAADRESTQKAIDGITNKVNSIINKMNTQFEAVDHEFSNLERRIGNL
NKRMEDGFLDVWTYNAELLVLLENERTLDLHDANVKNLYEKVKSQLRDNANDLGNGCFEFWHKCDNECMESVKNGTYDYP
KYQKESKLNRQGIEGRLVPR
;
B,D,F
#
loop_
_chem_comp.id
_chem_comp.type
_chem_comp.name
_chem_comp.formula
NAG D-saccharide, beta linking 2-acetamido-2-deoxy-beta-D-glucopyranose 'C8 H15 N O6'
#
# COMPACT_ATOMS: atom_id res chain seq x y z
N PRO A 3 64.13 23.30 -12.83
CA PRO A 3 62.86 22.55 -12.84
C PRO A 3 61.90 23.02 -13.94
N GLY A 4 60.92 22.18 -14.27
CA GLY A 4 60.00 22.50 -15.35
C GLY A 4 58.62 22.88 -14.82
N ASP A 5 57.96 23.80 -15.52
CA ASP A 5 56.68 24.37 -15.12
C ASP A 5 55.53 23.33 -15.22
N LYS A 6 54.70 23.25 -14.17
CA LYS A 6 53.68 22.18 -14.00
C LYS A 6 52.29 22.80 -13.89
N ILE A 7 51.32 22.20 -14.57
CA ILE A 7 49.94 22.43 -14.20
C ILE A 7 49.28 21.06 -14.06
N CYS A 8 48.47 20.94 -13.01
CA CYS A 8 47.91 19.67 -12.54
C CYS A 8 46.38 19.82 -12.42
N ILE A 9 45.64 18.78 -12.81
CA ILE A 9 44.21 18.79 -12.70
C ILE A 9 43.84 17.88 -11.54
N GLY A 10 42.94 18.35 -10.68
CA GLY A 10 42.67 17.69 -9.42
C GLY A 10 41.32 18.02 -8.82
N TYR A 11 41.12 17.53 -7.60
CA TYR A 11 39.87 17.76 -6.92
C TYR A 11 40.08 18.04 -5.45
N HIS A 12 38.99 18.54 -4.86
CA HIS A 12 38.91 18.95 -3.47
C HIS A 12 38.98 17.76 -2.54
N ALA A 13 39.65 17.95 -1.40
CA ALA A 13 39.60 17.06 -0.27
C ALA A 13 39.54 17.94 0.96
N ASN A 14 39.04 17.38 2.05
CA ASN A 14 38.92 18.11 3.30
C ASN A 14 39.02 17.16 4.50
N ASN A 15 38.81 17.71 5.69
CA ASN A 15 38.87 16.95 6.94
C ASN A 15 37.66 16.02 7.22
N SER A 16 36.60 16.10 6.42
CA SER A 16 35.39 15.28 6.67
C SER A 16 35.70 13.82 6.93
N THR A 17 35.12 13.29 8.00
CA THR A 17 35.16 11.86 8.24
C THR A 17 33.81 11.22 7.95
N THR A 18 32.82 12.02 7.57
CA THR A 18 31.44 11.53 7.31
C THR A 18 31.34 10.61 6.09
N GLN A 19 30.76 9.43 6.27
CA GLN A 19 30.63 8.42 5.21
C GLN A 19 29.21 8.27 4.67
N VAL A 20 29.08 7.67 3.49
CA VAL A 20 27.80 7.34 2.89
C VAL A 20 27.93 5.93 2.34
N ASP A 21 26.81 5.26 2.05
CA ASP A 21 26.89 3.99 1.36
C ASP A 21 26.41 4.18 -0.06
N THR A 22 26.79 3.27 -0.94
CA THR A 22 26.26 3.24 -2.28
C THR A 22 25.99 1.81 -2.64
N LEU A 23 25.38 1.60 -3.79
CA LEU A 23 25.12 0.26 -4.28
C LEU A 23 26.38 -0.56 -4.44
N LEU A 24 27.49 0.10 -4.84
CA LEU A 24 28.72 -0.60 -5.16
C LEU A 24 29.64 -0.68 -3.96
N GLU A 25 29.48 0.23 -3.00
CA GLU A 25 30.47 0.34 -1.94
C GLU A 25 29.89 0.99 -0.69
N LYS A 26 30.21 0.41 0.46
CA LYS A 26 29.81 0.98 1.74
C LYS A 26 30.94 1.76 2.35
N ASN A 27 30.60 2.69 3.24
CA ASN A 27 31.59 3.43 3.97
C ASN A 27 32.49 4.28 3.13
N VAL A 28 31.90 5.10 2.30
CA VAL A 28 32.66 5.99 1.46
C VAL A 28 32.68 7.34 2.13
N THR A 29 33.87 7.82 2.48
CA THR A 29 34.02 9.14 3.11
C THR A 29 33.93 10.16 2.01
N VAL A 30 33.11 11.18 2.22
CA VAL A 30 32.87 12.19 1.19
C VAL A 30 33.02 13.57 1.77
N THR A 31 33.39 14.52 0.91
CA THR A 31 33.65 15.88 1.34
C THR A 31 32.41 16.60 1.87
N HIS A 32 31.27 16.36 1.21
CA HIS A 32 30.01 17.00 1.60
C HIS A 32 28.86 16.02 1.49
N SER A 33 27.91 16.11 2.40
CA SER A 33 26.76 15.22 2.38
C SER A 33 25.62 15.87 3.17
N VAL A 34 24.39 15.37 2.97
CA VAL A 34 23.21 15.82 3.72
C VAL A 34 22.56 14.63 4.44
N GLU A 35 22.26 14.77 5.74
CA GLU A 35 21.45 13.75 6.40
C GLU A 35 19.99 14.11 6.18
N LEU A 36 19.24 13.20 5.54
CA LEU A 36 17.86 13.49 5.22
C LEU A 36 16.87 12.96 6.28
N LEU A 37 17.38 12.23 7.27
CA LEU A 37 16.51 11.57 8.25
C LEU A 37 16.67 12.18 9.63
N GLU A 38 15.55 12.45 10.27
CA GLU A 38 15.53 13.06 11.58
C GLU A 38 15.28 11.98 12.62
N ASN A 39 16.12 11.91 13.65
CA ASN A 39 15.84 10.98 14.73
C ASN A 39 15.70 11.64 16.09
N GLN A 40 15.74 12.96 16.12
CA GLN A 40 15.58 13.66 17.40
C GLN A 40 14.14 14.14 17.62
N LYS A 41 13.70 14.03 18.87
CA LYS A 41 12.37 14.47 19.28
C LYS A 41 12.43 15.13 20.67
N GLU A 42 11.42 15.93 20.98
CA GLU A 42 11.24 16.45 22.33
C GLU A 42 10.13 15.63 22.97
N LYS A 43 10.44 14.98 24.08
CA LYS A 43 9.55 14.00 24.70
C LYS A 43 8.51 14.76 25.50
N ARG A 44 7.61 15.43 24.76
CA ARG A 44 6.54 16.20 25.37
C ARG A 44 5.44 16.50 24.33
N PHE A 45 4.31 16.98 24.84
CA PHE A 45 3.20 17.38 23.99
C PHE A 45 3.11 18.89 24.00
N CYS A 46 2.90 19.47 22.82
CA CYS A 46 2.88 20.92 22.61
C CYS A 46 1.59 21.33 21.89
N LYS A 47 1.30 22.63 21.88
CA LYS A 47 0.18 23.19 21.12
C LYS A 47 0.41 23.07 19.63
N ILE A 48 -0.58 22.60 18.89
CA ILE A 48 -0.45 22.53 17.44
C ILE A 48 -0.82 23.77 16.64
N MET A 49 -1.99 24.34 16.88
CA MET A 49 -2.37 25.45 16.02
C MET A 49 -2.48 26.65 16.94
N ASN A 50 -1.59 26.66 17.92
CA ASN A 50 -1.65 27.54 19.09
C ASN A 50 -2.82 27.07 19.95
N LYS A 51 -3.27 25.85 19.69
CA LYS A 51 -4.35 25.23 20.46
C LYS A 51 -3.75 24.17 21.36
N ALA A 52 -4.02 24.29 22.65
CA ALA A 52 -3.57 23.31 23.62
C ALA A 52 -4.35 22.00 23.48
N PRO A 53 -3.65 20.87 23.68
CA PRO A 53 -4.38 19.60 23.64
C PRO A 53 -5.23 19.41 24.89
N LEU A 54 -6.20 18.52 24.84
CA LEU A 54 -6.99 18.26 26.02
C LEU A 54 -6.30 17.17 26.84
N ASP A 55 -6.06 17.46 28.12
CA ASP A 55 -5.45 16.47 29.02
C ASP A 55 -6.53 15.79 29.87
N LEU A 56 -6.83 14.53 29.60
CA LEU A 56 -7.88 13.82 30.32
C LEU A 56 -7.45 13.41 31.73
N LYS A 57 -6.14 13.43 32.00
CA LYS A 57 -5.57 13.24 33.34
C LYS A 57 -5.91 11.87 33.95
N ASP A 58 -6.63 11.88 35.07
CA ASP A 58 -7.03 10.62 35.69
C ASP A 58 -8.33 10.03 35.10
N CYS A 59 -8.89 10.66 34.08
CA CYS A 59 -10.13 10.16 33.44
C CYS A 59 -9.88 9.56 32.07
N THR A 60 -10.50 8.42 31.75
CA THR A 60 -10.50 7.95 30.36
C THR A 60 -11.49 8.72 29.53
N ILE A 61 -11.49 8.50 28.21
CA ILE A 61 -12.45 9.15 27.31
C ILE A 61 -13.93 8.86 27.74
N GLU A 62 -14.22 7.64 28.19
CA GLU A 62 -15.57 7.32 28.70
C GLU A 62 -15.92 8.15 29.96
N GLY A 63 -14.99 8.20 30.91
CA GLY A 63 -15.18 8.92 32.15
C GLY A 63 -15.47 10.37 31.85
N TRP A 64 -14.77 10.92 30.85
CA TRP A 64 -14.96 12.31 30.48
C TRP A 64 -16.35 12.65 29.91
N ILE A 65 -16.73 12.07 28.78
CA ILE A 65 -17.98 12.47 28.15
C ILE A 65 -19.24 11.93 28.85
N LEU A 66 -19.15 10.84 29.61
CA LEU A 66 -20.31 10.40 30.40
C LEU A 66 -20.48 11.31 31.63
N GLY A 67 -19.46 12.11 31.93
CA GLY A 67 -19.44 12.88 33.16
C GLY A 67 -19.35 12.04 34.43
N ASN A 68 -18.34 11.18 34.51
CA ASN A 68 -18.03 10.48 35.75
C ASN A 68 -17.81 11.57 36.81
N PRO A 69 -18.40 11.40 38.01
CA PRO A 69 -18.37 12.47 39.01
C PRO A 69 -16.95 12.87 39.40
N LYS A 70 -16.04 11.90 39.42
CA LYS A 70 -14.64 12.20 39.73
C LYS A 70 -13.92 13.02 38.63
N CYS A 71 -14.61 13.21 37.50
CA CYS A 71 -14.06 13.90 36.34
C CYS A 71 -14.56 15.34 36.18
N ASP A 72 -15.00 15.96 37.27
CA ASP A 72 -15.62 17.28 37.13
C ASP A 72 -14.63 18.35 36.65
N LEU A 73 -13.36 18.08 36.78
CA LEU A 73 -12.35 19.02 36.37
C LEU A 73 -12.40 19.28 34.90
N LEU A 74 -13.00 18.36 34.16
CA LEU A 74 -13.17 18.47 32.72
C LEU A 74 -14.62 18.78 32.33
N LEU A 75 -15.43 19.13 33.31
CA LEU A 75 -16.86 19.36 33.14
C LEU A 75 -17.38 20.40 32.15
N GLY A 76 -16.69 21.52 32.01
CA GLY A 76 -17.18 22.57 31.13
C GLY A 76 -16.93 22.37 29.65
N ASP A 77 -17.06 23.45 28.89
CA ASP A 77 -16.83 23.40 27.48
C ASP A 77 -15.35 23.09 27.31
N GLN A 78 -15.02 22.44 26.20
CA GLN A 78 -13.65 22.04 25.87
C GLN A 78 -13.30 22.34 24.43
N SER A 79 -12.08 22.80 24.21
CA SER A 79 -11.54 23.01 22.87
C SER A 79 -10.12 22.45 22.82
N TRP A 80 -9.76 21.78 21.73
CA TRP A 80 -8.48 21.09 21.66
C TRP A 80 -8.04 20.81 20.23
N SER A 81 -6.73 20.68 20.05
CA SER A 81 -6.12 20.34 18.77
C SER A 81 -5.83 18.84 18.70
N TYR A 82 -5.74 18.22 19.87
CA TYR A 82 -5.73 16.76 19.99
C TYR A 82 -5.98 16.39 21.45
N ILE A 83 -6.21 15.10 21.68
CA ILE A 83 -6.53 14.59 23.01
C ILE A 83 -5.42 13.68 23.54
N VAL A 84 -5.05 13.87 24.80
CA VAL A 84 -4.07 12.98 25.41
C VAL A 84 -4.72 12.17 26.53
N GLU A 85 -4.69 10.86 26.39
CA GLU A 85 -5.31 9.99 27.39
C GLU A 85 -4.22 9.20 28.12
N ARG A 86 -4.16 9.34 29.45
CA ARG A 86 -3.13 8.66 30.22
C ARG A 86 -3.41 7.18 30.30
N PRO A 87 -2.39 6.38 30.04
CA PRO A 87 -2.59 4.92 30.01
C PRO A 87 -3.19 4.38 31.31
N ASN A 88 -2.88 4.99 32.45
CA ASN A 88 -3.39 4.43 33.71
C ASN A 88 -4.58 5.16 34.37
N ALA A 89 -5.30 5.98 33.60
CA ALA A 89 -6.46 6.71 34.12
C ALA A 89 -7.45 5.72 34.75
N GLN A 90 -7.95 6.03 35.95
CA GLN A 90 -8.79 5.09 36.69
C GLN A 90 -10.28 5.41 36.55
N ASN A 91 -10.56 6.65 36.19
CA ASN A 91 -11.91 7.16 36.17
C ASN A 91 -12.62 7.05 34.82
N GLY A 92 -13.28 5.92 34.61
CA GLY A 92 -14.06 5.70 33.40
C GLY A 92 -15.52 5.36 33.66
N ILE A 93 -15.89 4.13 33.35
CA ILE A 93 -17.26 3.66 33.52
C ILE A 93 -17.35 3.10 34.92
N CYS A 94 -17.83 3.93 35.84
CA CYS A 94 -17.90 3.56 37.25
C CYS A 94 -19.01 2.55 37.55
N TYR A 95 -20.19 2.70 36.94
CA TYR A 95 -21.22 1.69 37.10
C TYR A 95 -21.09 0.65 35.99
N PRO A 96 -20.84 -0.61 36.34
CA PRO A 96 -20.35 -1.58 35.35
C PRO A 96 -21.32 -1.79 34.19
N GLY A 97 -20.77 -1.75 32.98
CA GLY A 97 -21.57 -1.94 31.80
C GLY A 97 -20.75 -1.75 30.55
N VAL A 98 -21.34 -2.05 29.41
CA VAL A 98 -20.72 -1.82 28.11
C VAL A 98 -21.15 -0.50 27.49
N LEU A 99 -20.19 0.30 27.01
CA LEU A 99 -20.53 1.48 26.23
C LEU A 99 -20.51 1.06 24.76
N ASN A 100 -21.69 0.85 24.21
CA ASN A 100 -21.80 0.23 22.89
C ASN A 100 -21.23 1.09 21.76
N GLU A 101 -20.66 0.42 20.78
CA GLU A 101 -19.94 1.08 19.67
C GLU A 101 -18.89 2.08 20.19
N LEU A 102 -18.08 1.61 21.14
CA LEU A 102 -17.08 2.44 21.82
C LEU A 102 -15.96 2.92 20.88
N GLU A 103 -15.48 2.03 20.03
CA GLU A 103 -14.36 2.36 19.12
C GLU A 103 -14.82 3.43 18.14
N GLU A 104 -16.03 3.27 17.65
CA GLU A 104 -16.56 4.22 16.71
C GLU A 104 -16.90 5.55 17.42
N LEU A 105 -17.21 5.52 18.72
CA LEU A 105 -17.33 6.75 19.50
C LEU A 105 -15.98 7.46 19.70
N LYS A 106 -14.93 6.70 19.99
CA LYS A 106 -13.61 7.26 20.24
C LYS A 106 -13.16 7.94 18.93
N ALA A 107 -13.37 7.24 17.80
CA ALA A 107 -13.05 7.80 16.49
C ALA A 107 -13.86 9.06 16.22
N PHE A 108 -15.14 9.07 16.61
CA PHE A 108 -15.94 10.27 16.42
C PHE A 108 -15.43 11.43 17.29
N ILE A 109 -15.12 11.16 18.55
CA ILE A 109 -14.62 12.24 19.41
C ILE A 109 -13.26 12.78 18.92
N GLY A 110 -12.35 11.89 18.52
CA GLY A 110 -11.13 12.33 17.85
C GLY A 110 -11.76 12.96 16.63
N SER A 111 -11.24 14.09 16.17
CA SER A 111 -11.87 14.87 15.08
C SER A 111 -13.23 15.58 15.29
N GLY A 112 -13.58 16.11 16.46
CA GLY A 112 -12.63 16.47 17.50
C GLY A 112 -12.19 17.89 17.74
N GLU A 113 -12.85 18.92 17.22
CA GLU A 113 -12.34 20.27 17.50
C GLU A 113 -12.78 20.91 18.85
N ARG A 114 -14.03 20.70 19.27
CA ARG A 114 -14.49 21.17 20.59
C ARG A 114 -15.95 20.83 20.90
N VAL A 115 -16.30 20.88 22.18
CA VAL A 115 -17.67 20.60 22.62
C VAL A 115 -18.19 21.65 23.59
N GLU A 116 -19.50 21.88 23.51
CA GLU A 116 -20.22 22.75 24.44
C GLU A 116 -21.22 21.94 25.25
N ARG A 117 -21.00 21.85 26.56
CA ARG A 117 -21.91 21.11 27.40
C ARG A 117 -23.19 21.94 27.62
N PHE A 118 -24.33 21.25 27.62
CA PHE A 118 -25.61 21.91 27.88
C PHE A 118 -26.65 20.90 28.32
N GLU A 119 -27.68 21.39 28.97
CA GLU A 119 -28.73 20.52 29.49
C GLU A 119 -29.71 20.20 28.38
N MET A 120 -29.65 18.97 27.88
CA MET A 120 -30.55 18.57 26.80
C MET A 120 -31.97 18.25 27.27
N PHE A 121 -32.10 17.46 28.34
CA PHE A 121 -33.38 17.09 28.88
C PHE A 121 -33.43 17.49 30.35
N PRO A 122 -34.27 18.47 30.67
CA PRO A 122 -34.37 18.84 32.09
C PRO A 122 -35.04 17.71 32.84
N LYS A 123 -34.79 17.60 34.14
CA LYS A 123 -35.37 16.54 34.95
C LYS A 123 -36.90 16.59 34.91
N SER A 124 -37.43 17.79 34.73
CA SER A 124 -38.86 18.02 34.65
C SER A 124 -39.51 17.31 33.46
N THR A 125 -38.71 16.95 32.46
CA THR A 125 -39.19 16.30 31.25
C THR A 125 -39.94 15.02 31.60
N TRP A 126 -39.50 14.32 32.63
CA TRP A 126 -40.07 13.03 32.98
C TRP A 126 -41.10 13.21 34.11
N ALA A 127 -42.29 12.67 33.89
CA ALA A 127 -43.44 12.91 34.77
C ALA A 127 -43.85 11.66 35.51
N GLY A 128 -44.02 11.81 36.83
CA GLY A 128 -44.55 10.74 37.65
C GLY A 128 -43.48 9.76 38.03
N VAL A 129 -42.24 10.15 37.78
CA VAL A 129 -41.11 9.33 38.17
C VAL A 129 -40.18 10.19 39.00
N ASP A 130 -39.33 9.56 39.82
CA ASP A 130 -38.41 10.33 40.65
C ASP A 130 -36.99 10.44 40.04
N THR A 131 -36.63 11.66 39.67
CA THR A 131 -35.31 12.01 39.17
C THR A 131 -34.19 11.94 40.25
N SER A 132 -34.53 12.27 41.51
CA SER A 132 -33.57 12.43 42.61
C SER A 132 -32.83 11.17 43.09
N ARG A 133 -33.43 9.99 43.00
CA ARG A 133 -32.93 8.79 43.69
C ARG A 133 -31.59 8.29 43.20
N GLY A 134 -31.32 8.37 41.89
CA GLY A 134 -30.40 7.40 41.32
C GLY A 134 -28.95 7.85 41.42
N VAL A 135 -28.32 7.31 42.46
CA VAL A 135 -26.92 7.49 42.73
C VAL A 135 -26.44 6.14 43.21
N THR A 136 -25.19 5.83 42.96
CA THR A 136 -24.67 4.54 43.38
C THR A 136 -23.38 4.74 44.18
N ASN A 137 -23.10 3.85 45.13
CA ASN A 137 -21.78 3.82 45.75
C ASN A 137 -20.67 3.53 44.72
N ALA A 138 -21.02 2.82 43.64
CA ALA A 138 -20.09 2.54 42.54
C ALA A 138 -19.53 3.81 41.91
N CYS A 139 -20.30 4.89 41.96
CA CYS A 139 -19.87 6.13 41.31
C CYS A 139 -19.70 7.28 42.28
N PRO A 140 -18.65 7.21 43.12
CA PRO A 140 -18.47 8.37 43.98
C PRO A 140 -17.90 9.56 43.24
N SER A 141 -18.26 10.75 43.67
CA SER A 141 -17.47 11.93 43.39
C SER A 141 -16.38 11.94 44.46
N TYR A 142 -15.44 12.85 44.32
CA TYR A 142 -14.34 12.95 45.29
C TYR A 142 -14.89 13.33 46.65
N THR A 143 -15.86 14.24 46.66
CA THR A 143 -16.57 14.62 47.88
C THR A 143 -17.66 13.65 48.42
N ILE A 144 -18.49 13.07 47.54
CA ILE A 144 -19.68 12.33 47.99
C ILE A 144 -19.61 10.83 47.63
N ASP A 145 -19.88 9.96 48.59
CA ASP A 145 -19.73 8.51 48.39
C ASP A 145 -20.69 7.85 47.40
N SER A 146 -21.91 8.38 47.31
CA SER A 146 -22.84 7.88 46.33
C SER A 146 -23.21 9.02 45.40
N SER A 147 -23.05 8.80 44.09
CA SER A 147 -23.28 9.84 43.10
C SER A 147 -23.54 9.15 41.76
N PHE A 148 -23.69 9.93 40.69
CA PHE A 148 -23.91 9.38 39.37
C PHE A 148 -23.28 10.24 38.32
N TYR A 149 -23.20 9.73 37.09
CA TYR A 149 -22.70 10.49 35.94
C TYR A 149 -23.40 11.83 35.83
N ARG A 150 -22.65 12.87 35.50
CA ARG A 150 -23.23 14.20 35.37
C ARG A 150 -24.16 14.33 34.17
N ASN A 151 -23.96 13.50 33.15
CA ASN A 151 -24.72 13.66 31.90
C ASN A 151 -25.90 12.72 31.75
N LEU A 152 -26.18 11.97 32.81
CA LEU A 152 -27.26 11.01 32.80
C LEU A 152 -28.10 11.14 34.08
N VAL A 153 -29.37 10.75 33.98
CA VAL A 153 -30.22 10.62 35.15
C VAL A 153 -30.64 9.16 35.26
N TRP A 154 -30.31 8.56 36.39
CA TRP A 154 -30.81 7.24 36.70
C TRP A 154 -32.20 7.38 37.31
N ILE A 155 -33.24 7.35 36.48
CA ILE A 155 -34.63 7.50 36.93
C ILE A 155 -35.19 6.24 37.62
N VAL A 156 -35.91 6.47 38.71
CA VAL A 156 -36.44 5.38 39.52
C VAL A 156 -37.94 5.64 39.74
N LYS A 157 -38.69 4.59 40.05
CA LYS A 157 -40.10 4.70 40.40
C LYS A 157 -40.26 5.51 41.68
N THR A 158 -41.30 6.33 41.73
CA THR A 158 -41.62 7.03 42.97
C THR A 158 -42.30 6.08 43.95
N ASP A 159 -42.70 6.58 45.12
CA ASP A 159 -43.37 5.77 46.15
C ASP A 159 -44.69 5.14 45.65
N SER A 160 -45.13 5.56 44.46
CA SER A 160 -46.24 4.91 43.76
C SER A 160 -45.86 3.52 43.31
N ALA A 161 -46.87 2.67 43.14
CA ALA A 161 -46.66 1.32 42.66
C ALA A 161 -46.14 1.36 41.23
N THR A 162 -46.54 2.39 40.48
CA THR A 162 -46.24 2.42 39.07
C THR A 162 -45.12 3.37 38.63
N TYR A 163 -44.43 2.91 37.62
CA TYR A 163 -43.54 3.72 36.84
C TYR A 163 -44.36 3.94 35.59
N PRO A 164 -44.78 5.18 35.34
CA PRO A 164 -45.63 5.51 34.21
C PRO A 164 -44.89 5.57 32.90
N VAL A 165 -45.59 5.65 31.77
CA VAL A 165 -44.91 5.95 30.52
C VAL A 165 -44.38 7.35 30.63
N ILE A 166 -43.13 7.55 30.24
CA ILE A 166 -42.54 8.86 30.27
C ILE A 166 -42.03 9.16 28.87
N LYS A 167 -42.14 10.42 28.47
CA LYS A 167 -41.77 10.80 27.14
C LYS A 167 -40.92 12.04 27.22
N GLY A 168 -39.96 12.15 26.32
CA GLY A 168 -39.15 13.35 26.22
C GLY A 168 -38.86 13.68 24.77
N THR A 169 -38.84 14.98 24.46
CA THR A 169 -38.55 15.41 23.12
C THR A 169 -37.49 16.49 23.14
N TYR A 170 -36.60 16.46 22.15
CA TYR A 170 -35.68 17.54 21.93
C TYR A 170 -35.50 17.72 20.43
N ASN A 171 -35.67 18.96 19.98
CA ASN A 171 -35.55 19.36 18.59
C ASN A 171 -34.27 20.17 18.36
N ASN A 172 -33.41 19.71 17.47
CA ASN A 172 -32.17 20.45 17.21
C ASN A 172 -32.36 21.57 16.19
N THR A 173 -32.46 22.80 16.69
CA THR A 173 -32.62 23.96 15.83
C THR A 173 -31.29 24.66 15.55
N GLY A 174 -30.18 23.96 15.81
CA GLY A 174 -28.89 24.59 16.12
C GLY A 174 -27.70 24.75 15.18
N THR A 175 -27.70 24.05 14.04
CA THR A 175 -26.58 24.07 13.06
C THR A 175 -25.37 23.21 13.48
N GLN A 176 -25.40 22.64 14.67
CA GLN A 176 -24.32 21.79 15.16
C GLN A 176 -24.84 20.43 15.58
N PRO A 177 -24.10 19.38 15.26
CA PRO A 177 -24.54 18.06 15.71
C PRO A 177 -24.44 18.03 17.23
N ILE A 178 -25.35 17.27 17.85
CA ILE A 178 -25.31 17.07 19.28
C ILE A 178 -24.96 15.64 19.61
N LEU A 179 -23.92 15.45 20.42
CA LEU A 179 -23.47 14.14 20.81
C LEU A 179 -24.08 13.86 22.17
N TYR A 180 -24.86 12.79 22.27
CA TYR A 180 -25.59 12.56 23.50
C TYR A 180 -25.57 11.09 23.85
N PHE A 181 -25.85 10.79 25.11
CA PHE A 181 -25.74 9.44 25.63
C PHE A 181 -27.00 9.08 26.38
N TRP A 182 -27.23 7.77 26.53
CA TRP A 182 -28.31 7.25 27.36
C TRP A 182 -27.99 5.81 27.77
N GLY A 183 -28.84 5.23 28.60
CA GLY A 183 -28.64 3.86 29.05
C GLY A 183 -29.89 3.03 29.26
N VAL A 184 -29.70 1.72 29.36
CA VAL A 184 -30.71 0.76 29.80
C VAL A 184 -30.18 -0.06 30.97
N HIS A 185 -30.96 -0.13 32.06
CA HIS A 185 -30.45 -0.76 33.28
C HIS A 185 -30.93 -2.19 33.41
N HIS A 186 -29.95 -3.09 33.63
CA HIS A 186 -30.22 -4.49 33.84
C HIS A 186 -29.98 -4.87 35.29
N PRO A 187 -31.06 -5.03 36.06
CA PRO A 187 -30.90 -5.45 37.45
C PRO A 187 -30.43 -6.89 37.50
N LEU A 188 -29.73 -7.23 38.56
CA LEU A 188 -29.42 -8.63 38.83
C LEU A 188 -30.70 -9.39 39.21
N ASP A 189 -31.64 -8.67 39.82
CA ASP A 189 -32.84 -9.26 40.47
C ASP A 189 -34.17 -8.93 39.82
N THR A 190 -35.10 -9.89 39.89
CA THR A 190 -36.51 -9.57 39.70
C THR A 190 -36.91 -8.64 40.87
N THR A 191 -36.29 -8.86 42.02
CA THR A 191 -36.51 -8.08 43.22
C THR A 191 -36.15 -6.62 43.05
N VAL A 192 -34.92 -6.38 42.59
CA VAL A 192 -34.44 -5.03 42.32
C VAL A 192 -35.24 -4.42 41.18
N GLN A 193 -35.55 -5.24 40.19
CA GLN A 193 -36.39 -4.78 39.08
C GLN A 193 -37.73 -4.28 39.62
N ASP A 194 -38.36 -5.06 40.50
CA ASP A 194 -39.65 -4.64 41.04
C ASP A 194 -39.47 -3.38 41.86
N ASN A 195 -38.44 -3.40 42.69
CA ASN A 195 -38.22 -2.36 43.67
C ASN A 195 -38.01 -1.00 43.01
N LEU A 196 -37.12 -0.96 42.02
CA LEU A 196 -36.81 0.26 41.23
C LEU A 196 -37.85 0.71 40.20
N TYR A 197 -38.49 -0.23 39.51
CA TYR A 197 -39.39 0.14 38.42
C TYR A 197 -40.74 -0.56 38.60
N GLY A 198 -41.69 -0.30 37.72
CA GLY A 198 -42.97 -0.96 37.85
C GLY A 198 -42.84 -2.46 37.67
N SER A 199 -43.91 -3.20 37.97
CA SER A 199 -43.99 -4.60 37.62
C SER A 199 -44.20 -4.70 36.10
N GLY A 200 -43.97 -5.87 35.53
CA GLY A 200 -44.33 -6.10 34.12
C GLY A 200 -43.30 -5.71 33.07
N ASP A 201 -43.67 -5.92 31.80
CA ASP A 201 -42.77 -5.75 30.67
C ASP A 201 -42.30 -4.31 30.54
N LYS A 202 -41.01 -4.11 30.32
CA LYS A 202 -40.45 -2.77 30.36
C LYS A 202 -39.67 -2.51 29.07
N TYR A 203 -39.64 -1.25 28.63
CA TYR A 203 -38.95 -0.87 27.39
C TYR A 203 -38.36 0.51 27.47
N VAL A 204 -37.32 0.72 26.66
CA VAL A 204 -36.75 2.02 26.36
C VAL A 204 -36.80 2.18 24.84
N ARG A 205 -37.49 3.19 24.35
CA ARG A 205 -37.52 3.41 22.91
C ARG A 205 -37.16 4.85 22.59
N MET A 206 -36.41 5.05 21.51
CA MET A 206 -36.03 6.40 21.10
C MET A 206 -36.02 6.47 19.60
N GLY A 207 -36.29 7.63 19.05
CA GLY A 207 -36.24 7.76 17.61
C GLY A 207 -35.98 9.16 17.13
N THR A 208 -35.44 9.24 15.92
CA THR A 208 -35.24 10.49 15.19
C THR A 208 -35.74 10.23 13.79
N GLU A 209 -35.63 11.24 12.92
CA GLU A 209 -35.99 11.10 11.52
C GLU A 209 -35.21 10.00 10.81
N SER A 210 -33.97 9.80 11.26
CA SER A 210 -33.06 8.81 10.69
C SER A 210 -32.67 7.62 11.57
N MET A 211 -33.14 7.58 12.82
CA MET A 211 -32.70 6.58 13.80
C MET A 211 -33.86 6.00 14.60
N ASN A 212 -33.83 4.70 14.87
CA ASN A 212 -34.80 4.06 15.77
C ASN A 212 -34.05 3.18 16.76
N PHE A 213 -34.39 3.27 18.03
CA PHE A 213 -33.79 2.42 19.06
C PHE A 213 -34.87 1.83 19.94
N ALA A 214 -34.82 0.51 20.16
CA ALA A 214 -35.67 -0.18 21.15
C ALA A 214 -34.90 -1.22 21.97
N LYS A 215 -35.00 -1.14 23.29
CA LYS A 215 -34.36 -2.13 24.16
C LYS A 215 -35.19 -2.39 25.40
N SER A 216 -35.14 -3.61 25.90
CA SER A 216 -35.86 -3.96 27.13
C SER A 216 -34.85 -4.57 28.11
N PRO A 217 -35.16 -4.55 29.42
CA PRO A 217 -34.12 -5.00 30.36
C PRO A 217 -33.80 -6.50 30.25
N GLU A 218 -32.52 -6.84 30.42
CA GLU A 218 -32.07 -8.22 30.46
C GLU A 218 -31.59 -8.54 31.87
N ILE A 219 -32.39 -9.30 32.60
CA ILE A 219 -32.24 -9.38 34.04
C ILE A 219 -31.50 -10.65 34.45
N ALA A 220 -30.31 -10.47 35.01
CA ALA A 220 -29.50 -11.59 35.51
C ALA A 220 -28.37 -11.13 36.42
N ALA A 221 -27.88 -12.03 37.26
CA ALA A 221 -26.71 -11.76 38.08
C ALA A 221 -25.41 -11.85 37.23
N ARG A 222 -24.56 -10.86 37.37
CA ARG A 222 -23.26 -10.86 36.71
C ARG A 222 -22.17 -10.76 37.74
N PRO A 223 -20.94 -11.19 37.41
CA PRO A 223 -19.86 -11.09 38.40
C PRO A 223 -19.76 -9.67 38.91
N ALA A 224 -19.47 -9.50 40.19
CA ALA A 224 -19.45 -8.17 40.77
C ALA A 224 -18.32 -7.33 40.18
N VAL A 225 -18.64 -6.10 39.80
CA VAL A 225 -17.64 -5.10 39.45
C VAL A 225 -18.04 -3.84 40.18
N ASN A 226 -17.09 -3.20 40.90
CA ASN A 226 -17.40 -2.04 41.71
C ASN A 226 -18.56 -2.30 42.68
N ASP A 227 -18.64 -3.55 43.15
CA ASP A 227 -19.65 -4.00 44.10
C ASP A 227 -21.03 -3.93 43.44
N GLN A 228 -21.08 -4.35 42.18
CA GLN A 228 -22.32 -4.39 41.40
C GLN A 228 -22.40 -5.64 40.54
N ARG A 229 -23.45 -6.44 40.73
CA ARG A 229 -23.70 -7.59 39.88
C ARG A 229 -24.72 -7.25 38.77
N SER A 230 -25.26 -6.04 38.85
CA SER A 230 -26.12 -5.47 37.82
C SER A 230 -25.26 -4.79 36.72
N ARG A 231 -25.86 -4.54 35.56
CA ARG A 231 -25.15 -3.81 34.51
C ARG A 231 -26.00 -2.73 33.89
N ILE A 232 -25.34 -1.75 33.30
CA ILE A 232 -25.96 -0.76 32.47
C ILE A 232 -25.42 -0.84 31.05
N ASP A 233 -26.33 -0.85 30.08
CA ASP A 233 -25.97 -0.71 28.67
C ASP A 233 -25.98 0.76 28.33
N TYR A 234 -24.81 1.28 28.01
CA TYR A 234 -24.70 2.68 27.68
C TYR A 234 -24.76 2.77 26.16
N TYR A 235 -25.30 3.86 25.66
CA TYR A 235 -25.40 4.10 24.21
C TYR A 235 -25.10 5.56 23.93
N TRP A 236 -24.74 5.83 22.69
CA TRP A 236 -24.41 7.18 22.26
C TRP A 236 -24.96 7.37 20.86
N SER A 237 -25.22 8.61 20.49
CA SER A 237 -25.64 8.94 19.15
C SER A 237 -25.38 10.40 18.87
N VAL A 238 -25.56 10.75 17.61
CA VAL A 238 -25.36 12.11 17.17
C VAL A 238 -26.64 12.64 16.52
N LEU A 239 -27.17 13.70 17.10
CA LEU A 239 -28.41 14.30 16.65
C LEU A 239 -28.05 15.40 15.67
N ARG A 240 -28.36 15.15 14.40
CA ARG A 240 -27.94 16.04 13.31
C ARG A 240 -28.68 17.37 13.38
N PRO A 241 -28.12 18.43 12.80
CA PRO A 241 -28.88 19.70 12.82
C PRO A 241 -30.25 19.54 12.15
N GLY A 242 -31.30 20.06 12.77
CA GLY A 242 -32.65 20.00 12.20
C GLY A 242 -33.39 18.73 12.58
N GLU A 243 -32.69 17.79 13.20
CA GLU A 243 -33.32 16.55 13.63
C GLU A 243 -33.99 16.64 15.03
N THR A 244 -34.96 15.75 15.28
CA THR A 244 -35.65 15.69 16.57
C THR A 244 -35.47 14.33 17.19
N LEU A 245 -35.25 14.31 18.50
CA LEU A 245 -35.13 13.07 19.26
C LEU A 245 -36.36 12.90 20.13
N ASN A 246 -36.98 11.72 20.06
CA ASN A 246 -38.13 11.36 20.88
C ASN A 246 -37.70 10.26 21.80
N VAL A 247 -38.01 10.39 23.10
CA VAL A 247 -37.67 9.39 24.11
C VAL A 247 -38.91 8.83 24.78
N GLU A 248 -39.06 7.51 24.81
CA GLU A 248 -40.20 6.93 25.50
C GLU A 248 -39.76 5.78 26.37
N SER A 249 -40.13 5.80 27.66
CA SER A 249 -39.79 4.64 28.50
C SER A 249 -40.85 4.18 29.52
N ASN A 250 -41.06 2.86 29.52
CA ASN A 250 -41.76 2.07 30.55
C ASN A 250 -41.08 1.97 31.91
N GLY A 251 -39.76 1.76 31.84
CA GLY A 251 -38.90 1.62 32.99
C GLY A 251 -37.46 1.46 32.52
N ASN A 252 -36.54 1.41 33.48
CA ASN A 252 -35.14 1.04 33.23
C ASN A 252 -34.43 2.02 32.30
N LEU A 253 -34.83 3.27 32.33
CA LEU A 253 -34.23 4.25 31.46
C LEU A 253 -33.22 5.05 32.25
N ILE A 254 -31.98 5.09 31.74
CA ILE A 254 -31.01 6.05 32.24
C ILE A 254 -31.07 7.15 31.22
N ALA A 255 -31.76 8.22 31.59
CA ALA A 255 -32.13 9.26 30.64
C ALA A 255 -30.98 10.17 30.27
N PRO A 256 -31.00 10.74 29.04
CA PRO A 256 -30.07 11.81 28.68
C PRO A 256 -30.36 13.01 29.56
N TRP A 257 -29.33 13.60 30.18
CA TRP A 257 -29.51 14.81 30.98
C TRP A 257 -28.75 15.96 30.37
N TYR A 258 -27.44 15.81 30.20
CA TYR A 258 -26.61 16.84 29.58
C TYR A 258 -25.97 16.23 28.35
N ALA A 259 -25.76 17.05 27.34
CA ALA A 259 -25.24 16.56 26.08
C ALA A 259 -24.29 17.59 25.52
N TYR A 260 -23.67 17.27 24.39
CA TYR A 260 -22.67 18.16 23.82
C TYR A 260 -22.94 18.57 22.39
N LYS A 261 -22.85 19.87 22.14
CA LYS A 261 -22.80 20.40 20.79
C LYS A 261 -21.39 20.25 20.28
N PHE A 262 -21.28 19.78 19.05
CA PHE A 262 -20.05 19.18 18.58
C PHE A 262 -19.57 19.90 17.34
N VAL A 263 -18.34 20.41 17.36
CA VAL A 263 -17.81 20.96 16.13
C VAL A 263 -16.75 20.02 15.57
N SER A 264 -16.94 19.55 14.35
CA SER A 264 -15.93 18.73 13.70
C SER A 264 -14.81 19.60 13.23
N THR A 265 -13.70 19.00 12.85
CA THR A 265 -12.57 19.81 12.46
C THR A 265 -11.91 19.49 11.13
N ASN A 266 -11.48 20.54 10.45
CA ASN A 266 -10.78 20.44 9.18
C ASN A 266 -9.47 19.72 9.43
N LYS A 267 -8.87 20.03 10.57
CA LYS A 267 -7.61 19.45 10.98
C LYS A 267 -7.79 17.97 11.19
N LYS A 268 -6.74 17.20 10.98
CA LYS A 268 -6.81 15.77 11.22
C LYS A 268 -6.98 15.70 12.74
N GLY A 269 -7.81 14.79 13.21
CA GLY A 269 -8.05 14.70 14.63
C GLY A 269 -7.34 13.52 15.23
N ALA A 270 -6.67 13.72 16.36
CA ALA A 270 -5.98 12.62 16.99
C ALA A 270 -6.11 12.45 18.50
N VAL A 271 -6.16 11.20 18.92
CA VAL A 271 -6.18 10.79 20.32
C VAL A 271 -4.88 10.06 20.66
N PHE A 272 -4.08 10.59 21.59
CA PHE A 272 -2.79 9.97 21.92
C PHE A 272 -2.85 9.30 23.30
N LYS A 273 -2.61 8.00 23.34
CA LYS A 273 -2.52 7.30 24.61
C LYS A 273 -1.05 7.37 25.04
N SER A 274 -0.75 8.26 25.98
CA SER A 274 0.62 8.47 26.42
C SER A 274 0.76 9.08 27.81
N ASP A 275 1.87 8.78 28.47
CA ASP A 275 2.19 9.40 29.75
C ASP A 275 3.09 10.66 29.65
N LEU A 276 3.42 11.10 28.44
CA LEU A 276 4.29 12.26 28.21
C LEU A 276 3.67 13.57 28.72
N PRO A 277 4.50 14.49 29.25
CA PRO A 277 4.00 15.77 29.79
C PRO A 277 3.50 16.76 28.74
N ILE A 278 2.56 17.61 29.14
CA ILE A 278 2.03 18.69 28.30
C ILE A 278 2.61 19.98 28.83
N GLU A 279 3.18 20.82 27.95
CA GLU A 279 3.85 22.05 28.37
C GLU A 279 3.43 23.29 27.55
N ASN A 280 3.74 24.49 28.05
CA ASN A 280 3.38 25.73 27.34
C ASN A 280 4.36 26.00 26.18
N CYS A 281 4.28 25.14 25.18
CA CYS A 281 5.16 25.17 24.04
C CYS A 281 4.37 25.02 22.76
N ASP A 282 4.97 25.44 21.65
CA ASP A 282 4.29 25.39 20.35
C ASP A 282 4.98 24.41 19.42
N ALA A 283 4.18 23.62 18.70
CA ALA A 283 4.73 22.67 17.74
C ALA A 283 4.05 22.75 16.36
N THR A 284 4.77 22.32 15.34
CA THR A 284 4.26 22.19 13.98
C THR A 284 4.06 20.72 13.64
N CYS A 285 4.95 19.90 14.19
CA CYS A 285 4.89 18.45 14.12
C CYS A 285 4.81 17.84 15.51
N GLN A 286 3.71 17.14 15.80
CA GLN A 286 3.55 16.42 17.06
C GLN A 286 3.30 14.92 16.86
N THR A 287 4.29 14.11 17.21
CA THR A 287 4.13 12.66 17.16
C THR A 287 3.70 12.18 18.54
N ILE A 288 3.23 10.94 18.61
CA ILE A 288 2.74 10.39 19.87
C ILE A 288 3.85 10.26 20.91
N THR A 289 5.09 10.04 20.43
CA THR A 289 6.24 9.96 21.32
C THR A 289 7.07 11.24 21.36
N GLY A 290 6.63 12.29 20.68
CA GLY A 290 7.25 13.58 20.85
C GLY A 290 7.13 14.58 19.74
N VAL A 291 7.62 15.78 20.04
CA VAL A 291 7.67 16.88 19.09
C VAL A 291 8.83 16.72 18.14
N LEU A 292 8.55 16.93 16.87
CA LEU A 292 9.61 17.00 15.88
C LEU A 292 9.72 18.44 15.48
N ARG A 293 10.94 18.93 15.49
CA ARG A 293 11.25 20.30 15.16
C ARG A 293 12.35 20.27 14.13
N THR A 294 11.98 20.08 12.86
CA THR A 294 13.00 19.75 11.88
C THR A 294 12.77 20.28 10.46
N ASN A 295 13.88 20.45 9.73
CA ASN A 295 13.94 20.60 8.26
C ASN A 295 13.78 19.32 7.47
N LYS A 296 14.18 18.20 8.08
CA LYS A 296 14.47 16.99 7.32
C LYS A 296 13.25 16.34 6.66
N THR A 297 13.52 15.62 5.58
CA THR A 297 12.52 14.94 4.78
C THR A 297 11.89 13.72 5.43
N PHE A 298 12.70 13.03 6.22
CA PHE A 298 12.37 11.72 6.76
C PHE A 298 12.52 11.73 8.26
N GLN A 299 11.81 10.84 8.92
CA GLN A 299 11.86 10.72 10.35
C GLN A 299 11.71 9.25 10.79
N ASN A 300 12.41 8.81 11.82
CA ASN A 300 12.23 7.43 12.33
C ASN A 300 11.59 7.36 13.73
N VAL A 301 11.08 8.50 14.19
CA VAL A 301 10.47 8.63 15.52
C VAL A 301 9.08 7.93 15.79
N SER A 302 8.11 8.15 14.92
CA SER A 302 6.79 7.50 15.00
C SER A 302 5.98 7.68 13.71
N PRO A 303 5.07 6.73 13.42
CA PRO A 303 4.16 6.90 12.27
C PRO A 303 2.85 7.58 12.65
N LEU A 304 2.67 7.83 13.94
CA LEU A 304 1.47 8.49 14.44
C LEU A 304 1.73 9.92 14.79
N TRP A 305 1.06 10.83 14.12
CA TRP A 305 1.24 12.24 14.42
C TRP A 305 0.05 13.07 13.98
N ILE A 306 0.00 14.29 14.46
CA ILE A 306 -0.88 15.30 13.92
C ILE A 306 -0.02 16.51 13.55
N GLY A 307 -0.48 17.29 12.58
CA GLY A 307 0.30 18.38 12.01
C GLY A 307 1.09 17.94 10.78
N GLU A 308 2.07 18.75 10.40
CA GLU A 308 2.91 18.46 9.24
C GLU A 308 4.26 17.88 9.66
N CYS A 309 4.47 16.63 9.27
CA CYS A 309 5.58 15.88 9.78
C CYS A 309 6.31 15.28 8.61
N PRO A 310 7.60 15.00 8.80
CA PRO A 310 8.30 14.29 7.71
C PRO A 310 7.80 12.83 7.62
N LYS A 311 8.04 12.21 6.46
CA LYS A 311 7.60 10.85 6.24
C LYS A 311 8.31 9.89 7.18
N TYR A 312 7.56 8.97 7.76
CA TYR A 312 8.12 7.96 8.66
C TYR A 312 8.75 6.80 7.91
N VAL A 313 9.93 6.39 8.34
CA VAL A 313 10.62 5.25 7.76
C VAL A 313 11.34 4.50 8.86
N LYS A 314 11.72 3.26 8.57
CA LYS A 314 12.35 2.42 9.57
C LYS A 314 13.85 2.70 9.63
N SER A 315 14.32 3.51 8.69
CA SER A 315 15.74 3.78 8.50
C SER A 315 16.43 4.40 9.72
N GLU A 316 17.70 4.07 9.93
CA GLU A 316 18.51 4.72 10.96
C GLU A 316 19.10 6.04 10.45
N SER A 317 19.46 6.08 9.17
CA SER A 317 20.08 7.27 8.57
C SER A 317 19.83 7.24 7.07
N LEU A 318 19.64 8.41 6.47
CA LEU A 318 19.51 8.51 5.02
C LEU A 318 20.43 9.65 4.56
N ARG A 319 21.72 9.38 4.43
CA ARG A 319 22.64 10.45 4.08
C ARG A 319 22.96 10.44 2.59
N LEU A 320 22.64 11.53 1.91
CA LEU A 320 22.90 11.63 0.50
C LEU A 320 24.26 12.29 0.36
N ALA A 321 25.12 11.67 -0.43
CA ALA A 321 26.37 12.34 -0.82
C ALA A 321 26.06 13.56 -1.71
N THR A 322 26.73 14.68 -1.47
CA THR A 322 26.61 15.83 -2.35
C THR A 322 27.99 16.20 -2.94
N GLY A 323 29.01 16.03 -2.09
CA GLY A 323 30.41 16.19 -2.47
C GLY A 323 30.97 14.92 -3.09
N LEU A 324 32.29 14.90 -3.35
CA LEU A 324 32.92 13.74 -3.95
C LEU A 324 33.67 12.87 -2.95
N ARG A 325 34.30 11.81 -3.46
CA ARG A 325 35.11 10.97 -2.61
C ARG A 325 36.21 11.80 -1.94
N ASN A 326 36.37 11.68 -0.64
CA ASN A 326 37.34 12.50 0.09
C ASN A 326 38.65 11.74 0.27
N VAL A 327 39.67 12.18 -0.46
CA VAL A 327 40.98 11.49 -0.51
C VAL A 327 42.07 12.47 -0.14
N PRO A 328 42.07 12.91 1.13
CA PRO A 328 43.04 13.92 1.55
C PRO A 328 44.44 13.34 1.69
N GLN A 329 45.46 14.19 1.60
CA GLN A 329 46.84 13.77 1.76
C GLN A 329 47.19 13.26 3.16
N ILE A 330 47.94 12.15 3.22
CA ILE A 330 48.47 11.62 4.47
C ILE A 330 49.58 12.50 5.09
N ALA A 331 49.22 13.16 6.17
CA ALA A 331 50.05 14.17 6.84
C ALA A 331 51.34 13.67 7.45
N THR A 332 51.36 12.50 8.12
CA THR A 332 52.59 12.03 8.80
C THR A 332 53.46 13.12 9.48
N GLY B 1 37.37 4.71 -9.77
CA GLY B 1 36.09 5.34 -9.67
C GLY B 1 35.71 4.91 -11.06
N ILE B 2 34.47 5.11 -11.52
CA ILE B 2 34.07 4.71 -12.89
C ILE B 2 34.67 5.48 -14.13
N PHE B 3 34.86 6.80 -14.00
CA PHE B 3 35.52 7.53 -15.04
C PHE B 3 37.05 7.48 -14.80
N GLY B 4 37.48 6.90 -13.68
CA GLY B 4 38.86 6.52 -13.45
C GLY B 4 39.81 7.62 -12.97
N ALA B 5 39.30 8.83 -12.90
CA ALA B 5 40.06 9.96 -12.39
C ALA B 5 40.18 9.96 -10.88
N ILE B 6 39.05 10.01 -10.17
CA ILE B 6 39.08 10.25 -8.73
C ILE B 6 39.50 8.96 -8.08
N ALA B 7 40.47 9.04 -7.17
CA ALA B 7 41.06 7.86 -6.55
C ALA B 7 41.47 6.89 -7.66
N GLY B 8 41.97 7.47 -8.75
CA GLY B 8 42.30 6.71 -9.95
C GLY B 8 43.62 7.10 -10.53
N PHE B 9 43.63 7.56 -11.79
CA PHE B 9 44.88 8.08 -12.38
C PHE B 9 45.27 9.41 -11.73
N ILE B 10 44.32 10.11 -11.11
CA ILE B 10 44.68 11.13 -10.12
C ILE B 10 44.47 10.58 -8.71
N GLU B 11 45.57 10.21 -8.05
CA GLU B 11 45.54 9.44 -6.80
C GLU B 11 44.86 10.10 -5.62
N GLY B 12 45.11 11.39 -5.40
CA GLY B 12 44.61 12.06 -4.21
C GLY B 12 43.86 13.38 -4.41
N GLY B 13 43.11 13.78 -3.39
CA GLY B 13 42.47 15.11 -3.35
C GLY B 13 43.40 16.22 -2.85
N TRP B 14 43.01 17.48 -2.99
CA TRP B 14 43.81 18.58 -2.47
C TRP B 14 43.13 19.32 -1.33
N THR B 15 43.68 19.21 -0.13
CA THR B 15 43.15 19.97 1.01
C THR B 15 43.33 21.45 0.79
N GLY B 16 44.36 21.79 0.01
CA GLY B 16 44.70 23.16 -0.35
C GLY B 16 43.73 23.93 -1.24
N MET B 17 43.06 23.22 -2.13
CA MET B 17 42.13 23.87 -3.04
C MET B 17 40.77 24.06 -2.33
N ILE B 18 40.68 25.13 -1.55
CA ILE B 18 39.55 25.51 -0.67
C ILE B 18 38.26 26.03 -1.33
N ASP B 19 38.35 26.68 -2.48
CA ASP B 19 37.22 27.38 -3.09
C ASP B 19 36.46 26.63 -4.20
N GLY B 20 36.70 25.34 -4.37
CA GLY B 20 36.00 24.61 -5.40
C GLY B 20 36.07 23.12 -5.22
N TRP B 21 35.24 22.38 -5.94
CA TRP B 21 35.31 20.92 -6.03
C TRP B 21 36.41 20.35 -6.93
N TYR B 22 36.59 20.98 -8.09
CA TYR B 22 37.53 20.57 -9.11
C TYR B 22 38.35 21.79 -9.52
N GLY B 23 39.58 21.58 -9.98
CA GLY B 23 40.46 22.71 -10.26
C GLY B 23 41.88 22.36 -10.65
N TYR B 24 42.75 23.36 -10.52
CA TYR B 24 44.13 23.24 -10.98
C TYR B 24 45.13 23.48 -9.88
N HIS B 25 46.23 22.75 -9.96
CA HIS B 25 47.40 23.09 -9.19
C HIS B 25 48.54 23.42 -10.16
N HIS B 26 49.13 24.59 -9.99
CA HIS B 26 50.11 25.01 -10.97
C HIS B 26 51.45 25.31 -10.28
N GLU B 27 52.54 25.17 -11.03
CA GLU B 27 53.83 25.65 -10.57
C GLU B 27 54.68 26.24 -11.69
N ASN B 28 55.27 27.38 -11.40
CA ASN B 28 56.14 28.06 -12.36
C ASN B 28 57.19 28.93 -11.65
N SER B 29 58.02 29.63 -12.42
CA SER B 29 59.07 30.43 -11.82
C SER B 29 58.50 31.47 -10.87
N GLN B 30 57.38 32.09 -11.25
CA GLN B 30 56.72 33.06 -10.37
C GLN B 30 56.23 32.46 -9.05
N GLY B 31 55.65 31.26 -9.07
CA GLY B 31 55.10 30.72 -7.84
C GLY B 31 54.28 29.43 -7.99
N SER B 32 53.66 29.01 -6.89
CA SER B 32 52.78 27.83 -6.94
C SER B 32 51.46 28.08 -6.22
N GLY B 33 50.41 27.42 -6.67
CA GLY B 33 49.09 27.63 -6.11
C GLY B 33 48.06 26.59 -6.52
N TYR B 34 46.87 26.74 -5.93
CA TYR B 34 45.66 26.00 -6.27
C TYR B 34 44.58 27.00 -6.69
N ALA B 35 43.87 26.72 -7.78
CA ALA B 35 42.67 27.48 -8.12
C ALA B 35 41.56 26.54 -8.57
N ALA B 36 40.35 26.72 -8.02
CA ALA B 36 39.20 25.93 -8.43
C ALA B 36 38.84 26.29 -9.84
N ASP B 37 38.33 25.32 -10.58
CA ASP B 37 37.75 25.65 -11.85
C ASP B 37 36.29 26.05 -11.55
N ARG B 38 36.01 27.34 -11.67
CA ARG B 38 34.76 27.94 -11.22
C ARG B 38 33.55 27.41 -11.96
N GLU B 39 33.68 27.38 -13.28
CA GLU B 39 32.58 27.02 -14.13
C GLU B 39 32.14 25.57 -13.93
N SER B 40 33.07 24.62 -13.90
CA SER B 40 32.67 23.22 -13.69
C SER B 40 32.15 22.98 -12.27
N THR B 41 32.76 23.64 -11.28
CA THR B 41 32.31 23.52 -9.89
C THR B 41 30.89 24.06 -9.67
N GLN B 42 30.59 25.21 -10.26
CA GLN B 42 29.29 25.83 -10.10
C GLN B 42 28.19 25.01 -10.80
N LYS B 43 28.48 24.47 -11.98
CA LYS B 43 27.50 23.62 -12.65
C LYS B 43 27.22 22.34 -11.87
N ALA B 44 28.26 21.75 -11.28
CA ALA B 44 28.04 20.55 -10.46
C ALA B 44 27.22 20.86 -9.21
N ILE B 45 27.54 21.98 -8.56
CA ILE B 45 26.78 22.43 -7.40
C ILE B 45 25.29 22.63 -7.78
N ASP B 46 25.04 23.25 -8.93
CA ASP B 46 23.67 23.50 -9.41
C ASP B 46 22.96 22.17 -9.63
N GLY B 47 23.66 21.24 -10.28
CA GLY B 47 23.13 19.94 -10.60
C GLY B 47 22.82 19.13 -9.34
N ILE B 48 23.75 19.10 -8.40
CA ILE B 48 23.59 18.36 -7.14
C ILE B 48 22.47 18.95 -6.27
N THR B 49 22.40 20.28 -6.21
CA THR B 49 21.36 20.93 -5.46
C THR B 49 20.01 20.61 -6.11
N ASN B 50 19.95 20.64 -7.44
CA ASN B 50 18.68 20.24 -8.09
C ASN B 50 18.33 18.79 -7.75
N LYS B 51 19.33 17.90 -7.71
CA LYS B 51 19.06 16.50 -7.43
C LYS B 51 18.48 16.38 -6.04
N VAL B 52 19.12 17.06 -5.08
CA VAL B 52 18.69 16.98 -3.69
C VAL B 52 17.27 17.54 -3.55
N ASN B 53 17.01 18.69 -4.16
CA ASN B 53 15.70 19.29 -4.05
C ASN B 53 14.64 18.47 -4.76
N SER B 54 15.00 17.82 -5.87
CA SER B 54 14.06 16.94 -6.54
C SER B 54 13.65 15.77 -5.64
N ILE B 55 14.63 15.15 -4.98
CA ILE B 55 14.37 14.02 -4.10
C ILE B 55 13.48 14.47 -2.94
N ILE B 56 13.79 15.63 -2.36
CA ILE B 56 12.99 16.15 -1.27
C ILE B 56 11.55 16.44 -1.74
N ASN B 57 11.40 17.05 -2.90
CA ASN B 57 10.06 17.32 -3.42
C ASN B 57 9.28 16.04 -3.72
N LYS B 58 9.92 15.02 -4.28
CA LYS B 58 9.23 13.78 -4.56
C LYS B 58 8.90 13.03 -3.28
N MET B 59 9.72 13.24 -2.25
CA MET B 59 9.54 12.50 -1.00
C MET B 59 8.63 13.26 -0.02
N ASN B 60 7.97 14.30 -0.50
CA ASN B 60 7.25 15.21 0.40
C ASN B 60 5.75 14.92 0.60
N THR B 61 5.32 13.67 0.38
CA THR B 61 3.98 13.20 0.83
C THR B 61 4.17 12.29 2.01
N GLN B 62 3.16 12.20 2.87
CA GLN B 62 3.24 11.25 3.97
C GLN B 62 2.05 10.31 4.02
N PHE B 63 2.36 9.05 4.32
CA PHE B 63 1.32 8.13 4.69
C PHE B 63 1.02 8.42 6.14
N GLU B 64 -0.23 8.27 6.52
CA GLU B 64 -0.58 8.60 7.88
C GLU B 64 -1.20 7.40 8.55
N ALA B 65 -0.59 6.98 9.63
CA ALA B 65 -1.15 5.93 10.44
C ALA B 65 -2.18 6.57 11.36
N VAL B 66 -3.05 5.76 11.93
CA VAL B 66 -4.11 6.29 12.75
C VAL B 66 -4.25 5.48 14.02
N ASP B 67 -4.56 6.18 15.09
CA ASP B 67 -4.68 5.59 16.39
C ASP B 67 -6.08 5.00 16.74
N HIS B 68 -6.77 4.40 15.76
CA HIS B 68 -8.13 3.88 16.01
C HIS B 68 -8.11 2.62 16.85
N GLU B 69 -9.13 2.43 17.67
CA GLU B 69 -9.17 1.25 18.48
C GLU B 69 -10.01 0.22 17.77
N PHE B 70 -9.75 -1.04 18.06
CA PHE B 70 -10.52 -2.17 17.55
C PHE B 70 -10.92 -3.10 18.69
N SER B 71 -12.18 -3.54 18.67
CA SER B 71 -12.70 -4.42 19.73
C SER B 71 -12.29 -5.88 19.55
N ASN B 72 -12.63 -6.72 20.53
CA ASN B 72 -12.32 -8.15 20.45
C ASN B 72 -13.08 -8.92 19.36
N LEU B 73 -14.09 -8.31 18.72
CA LEU B 73 -14.75 -8.93 17.56
C LEU B 73 -14.26 -8.27 16.24
N GLU B 74 -13.12 -7.58 16.32
CA GLU B 74 -12.54 -6.86 15.18
C GLU B 74 -11.09 -7.24 14.89
N ARG B 75 -10.74 -8.51 15.06
CA ARG B 75 -9.39 -8.98 14.80
C ARG B 75 -9.06 -8.84 13.32
N ARG B 76 -9.99 -9.17 12.44
CA ARG B 76 -9.68 -9.13 11.01
C ARG B 76 -9.44 -7.69 10.49
N ILE B 77 -10.31 -6.75 10.82
CA ILE B 77 -10.11 -5.40 10.33
C ILE B 77 -8.95 -4.72 11.08
N GLY B 78 -8.74 -5.04 12.34
CA GLY B 78 -7.59 -4.51 13.05
C GLY B 78 -6.27 -4.96 12.41
N ASN B 79 -6.18 -6.24 12.08
CA ASN B 79 -5.00 -6.76 11.41
C ASN B 79 -4.88 -6.17 9.99
N LEU B 80 -6.02 -5.95 9.32
CA LEU B 80 -6.00 -5.38 7.98
C LEU B 80 -5.34 -3.99 8.07
N ASN B 81 -5.75 -3.19 9.04
CA ASN B 81 -5.16 -1.88 9.25
C ASN B 81 -3.64 -1.98 9.49
N LYS B 82 -3.26 -2.90 10.35
CA LYS B 82 -1.86 -3.09 10.69
C LYS B 82 -1.03 -3.52 9.48
N ARG B 83 -1.49 -4.51 8.73
CA ARG B 83 -0.77 -4.95 7.54
C ARG B 83 -0.73 -3.85 6.47
N MET B 84 -1.80 -3.06 6.40
CA MET B 84 -1.88 -1.96 5.47
C MET B 84 -0.83 -0.91 5.84
N GLU B 85 -0.81 -0.47 7.10
CA GLU B 85 0.11 0.58 7.54
C GLU B 85 1.58 0.16 7.49
N ASP B 86 1.83 -1.07 7.92
CA ASP B 86 3.16 -1.66 7.85
C ASP B 86 3.60 -1.82 6.42
N GLY B 87 2.63 -2.13 5.54
CA GLY B 87 2.88 -2.31 4.13
C GLY B 87 3.39 -1.03 3.48
N PHE B 88 2.72 0.09 3.74
CA PHE B 88 3.21 1.35 3.19
C PHE B 88 4.53 1.79 3.84
N LEU B 89 4.70 1.51 5.12
CA LEU B 89 5.95 1.78 5.81
C LEU B 89 7.13 1.02 5.16
N ASP B 90 6.91 -0.26 4.87
CA ASP B 90 7.95 -1.06 4.20
C ASP B 90 8.24 -0.59 2.77
N VAL B 91 7.21 -0.19 2.05
CA VAL B 91 7.42 0.31 0.69
C VAL B 91 8.22 1.60 0.72
N TRP B 92 7.83 2.52 1.60
CA TRP B 92 8.54 3.79 1.66
C TRP B 92 9.96 3.68 2.20
N THR B 93 10.15 2.83 3.19
CA THR B 93 11.49 2.57 3.70
C THR B 93 12.37 2.04 2.57
N TYR B 94 11.79 1.15 1.76
CA TYR B 94 12.51 0.61 0.63
C TYR B 94 12.83 1.71 -0.37
N ASN B 95 11.83 2.53 -0.67
CA ASN B 95 12.07 3.57 -1.69
C ASN B 95 13.20 4.52 -1.26
N ALA B 96 13.20 4.98 -0.02
CA ALA B 96 14.21 5.93 0.44
C ALA B 96 15.61 5.30 0.52
N GLU B 97 15.71 4.13 1.11
CA GLU B 97 17.01 3.48 1.24
C GLU B 97 17.65 3.11 -0.09
N LEU B 98 16.82 2.56 -0.99
CA LEU B 98 17.35 2.13 -2.29
C LEU B 98 17.78 3.34 -3.09
N LEU B 99 16.94 4.37 -3.06
CA LEU B 99 17.21 5.61 -3.80
C LEU B 99 18.54 6.26 -3.35
N VAL B 100 18.76 6.36 -2.05
CA VAL B 100 20.01 6.92 -1.52
C VAL B 100 21.24 6.12 -1.96
N LEU B 101 21.16 4.79 -1.87
CA LEU B 101 22.27 3.95 -2.35
C LEU B 101 22.59 4.15 -3.84
N LEU B 102 21.54 4.23 -4.65
CA LEU B 102 21.68 4.40 -6.10
C LEU B 102 22.20 5.81 -6.47
N GLU B 103 21.58 6.82 -5.89
CA GLU B 103 21.96 8.20 -6.17
C GLU B 103 23.35 8.53 -5.66
N ASN B 104 23.74 7.94 -4.54
CA ASN B 104 25.07 8.13 -4.01
C ASN B 104 26.14 7.57 -4.94
N GLU B 105 25.87 6.41 -5.55
CA GLU B 105 26.77 5.86 -6.56
C GLU B 105 26.86 6.80 -7.78
N ARG B 106 25.70 7.25 -8.24
CA ARG B 106 25.64 8.12 -9.41
C ARG B 106 26.22 9.51 -9.12
N THR B 107 26.02 10.03 -7.90
CA THR B 107 26.63 11.33 -7.57
C THR B 107 28.17 11.28 -7.57
N LEU B 108 28.72 10.20 -7.03
CA LEU B 108 30.18 10.03 -7.02
C LEU B 108 30.74 9.93 -8.44
N ASP B 109 30.05 9.22 -9.32
CA ASP B 109 30.40 9.12 -10.74
C ASP B 109 30.37 10.46 -11.46
N LEU B 110 29.38 11.29 -11.16
CA LEU B 110 29.29 12.59 -11.84
C LEU B 110 30.52 13.44 -11.51
N HIS B 111 30.93 13.44 -10.25
CA HIS B 111 32.11 14.14 -9.80
C HIS B 111 33.36 13.61 -10.51
N ASP B 112 33.44 12.29 -10.64
CA ASP B 112 34.54 11.61 -11.32
C ASP B 112 34.65 12.02 -12.78
N ALA B 113 33.49 12.16 -13.43
CA ALA B 113 33.41 12.60 -14.82
C ALA B 113 33.86 14.05 -15.01
N ASN B 114 33.43 14.91 -14.11
CA ASN B 114 33.78 16.32 -14.19
C ASN B 114 35.28 16.51 -14.06
N VAL B 115 35.91 15.74 -13.17
CA VAL B 115 37.36 15.79 -13.06
C VAL B 115 38.04 15.27 -14.32
N LYS B 116 37.57 14.13 -14.80
CA LYS B 116 38.16 13.56 -16.01
C LYS B 116 37.97 14.47 -17.23
N ASN B 117 36.81 15.10 -17.36
CA ASN B 117 36.59 16.01 -18.46
C ASN B 117 37.44 17.28 -18.38
N LEU B 118 37.69 17.79 -17.18
CA LEU B 118 38.52 18.94 -16.98
C LEU B 118 39.96 18.61 -17.40
N TYR B 119 40.42 17.44 -16.99
CA TYR B 119 41.73 16.97 -17.37
C TYR B 119 41.82 16.76 -18.87
N GLU B 120 40.79 16.18 -19.47
CA GLU B 120 40.81 15.96 -20.91
C GLU B 120 40.81 17.29 -21.67
N LYS B 121 40.07 18.27 -21.12
CA LYS B 121 40.02 19.61 -21.69
C LYS B 121 41.42 20.27 -21.75
N VAL B 122 42.18 20.18 -20.65
CA VAL B 122 43.54 20.73 -20.64
C VAL B 122 44.44 19.94 -21.58
N LYS B 123 44.30 18.62 -21.55
CA LYS B 123 45.16 17.76 -22.35
C LYS B 123 45.07 18.08 -23.84
N SER B 124 43.86 18.32 -24.34
CA SER B 124 43.67 18.68 -25.74
C SER B 124 44.20 20.08 -26.15
N GLN B 125 44.11 21.07 -25.27
CA GLN B 125 44.72 22.37 -25.52
C GLN B 125 46.24 22.25 -25.67
N LEU B 126 46.86 21.60 -24.69
CA LEU B 126 48.31 21.52 -24.57
C LEU B 126 49.00 20.78 -25.71
N ARG B 127 48.33 19.75 -26.25
CA ARG B 127 48.94 18.96 -27.33
C ARG B 127 50.31 18.46 -26.89
N ASP B 128 51.32 18.57 -27.75
CA ASP B 128 52.65 18.11 -27.35
C ASP B 128 53.56 19.24 -26.89
N ASN B 129 52.99 20.41 -26.61
CA ASN B 129 53.73 21.45 -25.93
C ASN B 129 53.96 21.14 -24.46
N ALA B 130 53.33 20.07 -23.95
CA ALA B 130 53.60 19.63 -22.58
C ALA B 130 53.78 18.12 -22.48
N ASN B 131 54.45 17.72 -21.42
CA ASN B 131 54.70 16.32 -21.18
C ASN B 131 53.80 15.80 -20.08
N ASP B 132 53.26 14.60 -20.25
CA ASP B 132 52.38 14.06 -19.23
C ASP B 132 53.28 13.38 -18.20
N LEU B 133 53.32 13.95 -16.99
CA LEU B 133 53.87 13.23 -15.85
C LEU B 133 52.69 12.39 -15.39
N GLY B 134 52.87 11.52 -14.41
CA GLY B 134 51.67 10.85 -13.91
C GLY B 134 50.71 11.80 -13.19
N ASN B 135 49.64 11.24 -12.61
CA ASN B 135 48.78 11.94 -11.67
C ASN B 135 48.05 13.20 -12.17
N GLY B 136 47.68 13.20 -13.44
CA GLY B 136 46.97 14.33 -14.03
C GLY B 136 47.78 15.61 -14.14
N CYS B 137 49.11 15.47 -14.10
CA CYS B 137 50.02 16.60 -14.07
C CYS B 137 50.72 16.74 -15.42
N PHE B 138 50.72 17.95 -15.98
CA PHE B 138 51.53 18.22 -17.18
C PHE B 138 52.75 19.11 -16.87
N GLU B 139 53.91 18.72 -17.38
CA GLU B 139 55.08 19.59 -17.31
C GLU B 139 55.30 20.26 -18.68
N PHE B 140 55.32 21.59 -18.71
CA PHE B 140 55.41 22.31 -19.98
C PHE B 140 56.79 22.15 -20.62
N TRP B 141 56.81 22.13 -21.95
CA TRP B 141 58.05 22.07 -22.72
C TRP B 141 58.58 23.49 -23.00
N HIS B 142 57.94 24.48 -22.40
CA HIS B 142 58.28 25.88 -22.55
C HIS B 142 58.07 26.59 -21.21
N LYS B 143 58.51 27.85 -21.11
CA LYS B 143 58.17 28.66 -19.93
C LYS B 143 56.68 29.00 -19.97
N CYS B 144 55.96 28.68 -18.91
CA CYS B 144 54.56 29.07 -18.78
C CYS B 144 54.39 29.95 -17.54
N ASP B 145 54.19 31.24 -17.74
CA ASP B 145 54.04 32.14 -16.62
C ASP B 145 52.56 32.27 -16.22
N ASN B 146 52.26 33.14 -15.27
CA ASN B 146 50.92 33.26 -14.73
C ASN B 146 49.85 33.52 -15.81
N GLU B 147 50.13 34.41 -16.77
CA GLU B 147 49.18 34.68 -17.86
C GLU B 147 49.02 33.41 -18.72
N CYS B 148 50.12 32.69 -18.90
CA CYS B 148 50.09 31.40 -19.55
C CYS B 148 49.30 30.35 -18.75
N MET B 149 49.47 30.36 -17.44
CA MET B 149 48.75 29.43 -16.60
C MET B 149 47.26 29.74 -16.69
N GLU B 150 46.91 31.02 -16.53
CA GLU B 150 45.50 31.45 -16.51
C GLU B 150 44.86 31.10 -17.84
N SER B 151 45.66 31.25 -18.87
CA SER B 151 45.39 30.84 -20.24
C SER B 151 44.87 29.41 -20.44
N VAL B 152 45.55 28.45 -19.83
CA VAL B 152 45.10 27.07 -19.81
C VAL B 152 43.78 26.96 -19.05
N LYS B 153 43.72 27.61 -17.90
CA LYS B 153 42.54 27.52 -17.04
C LYS B 153 41.33 28.10 -17.74
N ASN B 154 41.49 29.25 -18.39
CA ASN B 154 40.43 29.95 -19.13
C ASN B 154 40.00 29.23 -20.40
N GLY B 155 40.85 28.35 -20.92
CA GLY B 155 40.58 27.68 -22.17
C GLY B 155 41.13 28.41 -23.42
N THR B 156 41.95 29.44 -23.21
CA THR B 156 42.44 30.29 -24.30
C THR B 156 43.92 30.07 -24.67
N TYR B 157 44.45 28.88 -24.37
CA TYR B 157 45.88 28.60 -24.51
C TYR B 157 46.36 28.65 -25.97
N ASP B 158 47.53 29.23 -26.17
CA ASP B 158 48.07 29.47 -27.51
C ASP B 158 49.12 28.44 -27.87
N TYR B 159 48.70 27.35 -28.51
CA TYR B 159 49.65 26.31 -28.89
C TYR B 159 50.66 26.82 -29.93
N PRO B 160 50.22 27.62 -30.95
CA PRO B 160 51.22 28.09 -31.92
C PRO B 160 52.33 28.94 -31.30
N LYS B 161 51.94 29.82 -30.37
CA LYS B 161 52.82 30.79 -29.75
C LYS B 161 54.02 30.09 -29.10
N TYR B 162 53.79 28.92 -28.52
CA TYR B 162 54.87 28.16 -27.86
C TYR B 162 55.41 26.96 -28.63
N GLN B 163 54.86 26.68 -29.80
CA GLN B 163 55.20 25.42 -30.47
C GLN B 163 56.67 25.34 -30.81
N LYS B 164 57.24 26.47 -31.24
CA LYS B 164 58.66 26.52 -31.59
C LYS B 164 59.55 26.28 -30.36
N GLU B 165 59.30 27.00 -29.26
CA GLU B 165 60.07 26.84 -28.01
C GLU B 165 59.97 25.42 -27.45
N SER B 166 58.75 24.90 -27.45
CA SER B 166 58.46 23.56 -26.93
C SER B 166 59.11 22.46 -27.76
N LYS B 167 59.14 22.69 -29.07
CA LYS B 167 59.77 21.75 -29.98
C LYS B 167 61.27 21.64 -29.74
N LEU B 168 61.95 22.76 -29.54
CA LEU B 168 63.41 22.69 -29.32
C LEU B 168 63.74 21.98 -28.01
N ASN B 169 63.01 22.29 -26.95
CA ASN B 169 63.29 21.69 -25.65
C ASN B 169 63.00 20.21 -25.63
N ARG B 170 61.98 19.81 -26.36
CA ARG B 170 61.62 18.40 -26.43
C ARG B 170 62.71 17.57 -27.09
N GLN B 171 63.30 18.08 -28.17
CA GLN B 171 64.37 17.36 -28.87
C GLN B 171 65.64 17.21 -28.04
N GLY B 172 65.99 18.27 -27.33
CA GLY B 172 67.27 18.34 -26.61
C GLY B 172 67.47 17.29 -25.54
N ILE B 173 66.41 16.95 -24.82
CA ILE B 173 66.47 15.92 -23.77
C ILE B 173 66.84 14.55 -24.38
N GLY C 4 42.44 23.83 -44.65
CA GLY C 4 42.56 22.45 -45.08
C GLY C 4 41.23 21.73 -44.88
N ASP C 5 41.11 20.54 -45.44
CA ASP C 5 39.91 19.72 -45.33
C ASP C 5 39.51 19.43 -43.86
N LYS C 6 38.21 19.39 -43.55
CA LYS C 6 37.64 19.15 -42.18
C LYS C 6 36.78 17.88 -42.18
N ILE C 7 36.89 17.08 -41.11
CA ILE C 7 35.80 16.19 -40.70
C ILE C 7 35.50 16.53 -39.24
N CYS C 8 34.21 16.66 -38.93
CA CYS C 8 33.75 17.09 -37.62
C CYS C 8 32.74 16.04 -37.13
N ILE C 9 32.64 15.85 -35.83
CA ILE C 9 31.66 14.91 -35.27
C ILE C 9 30.67 15.76 -34.49
N GLY C 10 29.39 15.42 -34.58
CA GLY C 10 28.36 16.25 -34.02
C GLY C 10 27.02 15.57 -33.79
N TYR C 11 26.07 16.36 -33.36
CA TYR C 11 24.74 15.89 -33.08
C TYR C 11 23.65 16.73 -33.69
N HIS C 12 22.49 16.10 -33.76
CA HIS C 12 21.25 16.65 -34.28
C HIS C 12 20.65 17.80 -33.46
N ALA C 13 20.09 18.77 -34.17
CA ALA C 13 19.29 19.81 -33.56
C ALA C 13 18.04 20.07 -34.44
N ASN C 14 17.01 20.66 -33.84
CA ASN C 14 15.79 20.98 -34.55
C ASN C 14 15.10 22.12 -33.83
N ASN C 15 13.97 22.58 -34.35
CA ASN C 15 13.28 23.73 -33.80
C ASN C 15 12.40 23.40 -32.57
N SER C 16 12.51 22.17 -32.05
CA SER C 16 11.71 21.79 -30.88
C SER C 16 11.95 22.78 -29.74
N THR C 17 10.85 23.13 -29.07
CA THR C 17 10.90 24.00 -27.89
C THR C 17 10.33 23.27 -26.67
N THR C 18 9.96 22.00 -26.85
CA THR C 18 9.49 21.13 -25.77
C THR C 18 10.61 20.74 -24.79
N GLN C 19 10.31 20.83 -23.50
CA GLN C 19 11.29 20.56 -22.47
C GLN C 19 10.92 19.39 -21.55
N VAL C 20 11.94 18.83 -20.93
CA VAL C 20 11.77 17.81 -19.91
C VAL C 20 12.53 18.31 -18.69
N ASP C 21 12.21 17.74 -17.54
CA ASP C 21 12.98 17.99 -16.32
C ASP C 21 13.80 16.73 -16.04
N THR C 22 14.88 16.93 -15.31
CA THR C 22 15.85 15.91 -15.00
C THR C 22 16.14 16.02 -13.50
N LEU C 23 16.68 14.98 -12.85
CA LEU C 23 17.13 15.17 -11.46
C LEU C 23 18.21 16.25 -11.31
N LEU C 24 19.13 16.33 -12.28
CA LEU C 24 20.15 17.38 -12.32
C LEU C 24 19.63 18.74 -12.77
N GLU C 25 18.72 18.72 -13.73
CA GLU C 25 18.37 19.97 -14.37
C GLU C 25 16.88 20.09 -14.75
N LYS C 26 16.33 21.30 -14.70
CA LYS C 26 14.92 21.51 -15.04
C LYS C 26 14.85 22.29 -16.36
N ASN C 27 13.74 22.16 -17.07
CA ASN C 27 13.56 22.91 -18.32
C ASN C 27 14.59 22.70 -19.42
N VAL C 28 14.93 21.44 -19.65
CA VAL C 28 15.88 21.09 -20.67
C VAL C 28 15.19 20.81 -21.99
N THR C 29 15.43 21.64 -23.01
CA THR C 29 14.84 21.45 -24.32
C THR C 29 15.48 20.25 -25.02
N VAL C 30 14.65 19.38 -25.59
CA VAL C 30 15.14 18.16 -26.23
C VAL C 30 14.54 17.96 -27.62
N THR C 31 15.27 17.31 -28.51
CA THR C 31 14.86 17.22 -29.90
C THR C 31 13.54 16.42 -30.05
N HIS C 32 13.40 15.36 -29.27
CA HIS C 32 12.22 14.48 -29.32
C HIS C 32 11.87 14.10 -27.90
N SER C 33 10.58 13.89 -27.63
CA SER C 33 10.15 13.44 -26.32
C SER C 33 8.74 12.84 -26.40
N VAL C 34 8.36 12.06 -25.38
CA VAL C 34 7.00 11.50 -25.30
C VAL C 34 6.29 11.88 -24.01
N GLU C 35 5.09 12.41 -24.15
CA GLU C 35 4.21 12.68 -23.00
C GLU C 35 3.49 11.39 -22.64
N LEU C 36 3.62 10.94 -21.41
CA LEU C 36 3.04 9.65 -21.07
C LEU C 36 1.70 9.74 -20.34
N LEU C 37 1.28 10.99 -20.07
CA LEU C 37 0.11 11.24 -19.23
C LEU C 37 -1.00 11.94 -20.01
N GLU C 38 -2.21 11.47 -19.74
CA GLU C 38 -3.43 11.99 -20.36
C GLU C 38 -4.13 12.88 -19.34
N ASN C 39 -4.36 14.13 -19.69
CA ASN C 39 -5.15 14.99 -18.82
C ASN C 39 -6.45 15.42 -19.50
N GLN C 40 -6.84 14.73 -20.55
CA GLN C 40 -8.03 15.16 -21.29
C GLN C 40 -9.17 14.12 -21.25
N LYS C 41 -10.40 14.59 -21.15
CA LYS C 41 -11.56 13.71 -20.97
C LYS C 41 -12.81 14.21 -21.70
N GLU C 42 -13.69 13.30 -22.11
CA GLU C 42 -15.01 13.68 -22.63
C GLU C 42 -15.97 13.74 -21.45
N LYS C 43 -16.61 14.88 -21.21
CA LYS C 43 -17.41 15.01 -20.01
C LYS C 43 -18.80 14.42 -20.17
N ARG C 44 -18.84 13.12 -20.39
CA ARG C 44 -20.11 12.43 -20.49
C ARG C 44 -19.94 10.96 -20.14
N PHE C 45 -21.05 10.26 -20.00
CA PHE C 45 -21.07 8.81 -19.88
C PHE C 45 -21.35 8.16 -21.23
N CYS C 46 -20.66 7.08 -21.53
CA CYS C 46 -20.82 6.36 -22.80
C CYS C 46 -21.07 4.88 -22.53
N LYS C 47 -21.36 4.12 -23.56
CA LYS C 47 -21.45 2.67 -23.45
C LYS C 47 -20.08 2.01 -23.19
N ILE C 48 -20.09 0.95 -22.41
CA ILE C 48 -18.90 0.13 -22.25
C ILE C 48 -19.20 -1.28 -22.72
N MET C 49 -18.38 -1.79 -23.65
CA MET C 49 -18.62 -3.08 -24.32
C MET C 49 -19.96 -3.10 -25.06
N ASN C 50 -20.29 -1.95 -25.65
CA ASN C 50 -21.54 -1.69 -26.38
C ASN C 50 -22.80 -1.98 -25.53
N LYS C 51 -22.66 -1.75 -24.23
CA LYS C 51 -23.73 -1.91 -23.27
C LYS C 51 -23.95 -0.58 -22.53
N ALA C 52 -25.18 -0.07 -22.61
CA ALA C 52 -25.54 1.20 -22.00
C ALA C 52 -25.50 1.12 -20.47
N PRO C 53 -25.24 2.26 -19.80
CA PRO C 53 -25.38 2.31 -18.35
C PRO C 53 -26.84 2.46 -17.95
N LEU C 54 -27.18 2.20 -16.69
CA LEU C 54 -28.56 2.43 -16.26
C LEU C 54 -28.63 3.80 -15.60
N ASP C 55 -29.47 4.66 -16.16
CA ASP C 55 -29.68 5.97 -15.57
C ASP C 55 -30.85 5.85 -14.57
N LEU C 56 -30.59 6.08 -13.28
CA LEU C 56 -31.62 5.95 -12.24
C LEU C 56 -32.49 7.23 -12.19
N LYS C 57 -32.03 8.28 -12.88
CA LYS C 57 -32.77 9.52 -13.07
C LYS C 57 -33.13 10.17 -11.74
N ASP C 58 -34.43 10.28 -11.47
CA ASP C 58 -34.90 10.98 -10.28
C ASP C 58 -35.08 9.99 -9.10
N CYS C 59 -34.57 8.77 -9.26
CA CYS C 59 -34.65 7.77 -8.20
C CYS C 59 -33.28 7.42 -7.63
N THR C 60 -33.21 7.12 -6.33
CA THR C 60 -31.97 6.55 -5.80
C THR C 60 -32.03 5.06 -6.01
N ILE C 61 -30.93 4.39 -5.66
CA ILE C 61 -30.85 2.94 -5.69
C ILE C 61 -31.96 2.29 -4.82
N GLU C 62 -32.27 2.84 -3.64
CA GLU C 62 -33.37 2.35 -2.77
C GLU C 62 -34.75 2.46 -3.44
N GLY C 63 -35.00 3.60 -4.09
CA GLY C 63 -36.26 3.85 -4.77
C GLY C 63 -36.43 2.90 -5.93
N TRP C 64 -35.37 2.66 -6.66
CA TRP C 64 -35.40 1.74 -7.77
C TRP C 64 -35.70 0.32 -7.30
N ILE C 65 -34.85 -0.19 -6.41
CA ILE C 65 -34.86 -1.60 -6.04
C ILE C 65 -36.02 -1.99 -5.07
N LEU C 66 -36.50 -1.08 -4.24
CA LEU C 66 -37.72 -1.37 -3.46
C LEU C 66 -38.98 -1.14 -4.33
N GLY C 67 -38.78 -0.51 -5.48
CA GLY C 67 -39.89 -0.09 -6.34
C GLY C 67 -40.76 1.02 -5.78
N ASN C 68 -40.13 2.13 -5.41
CA ASN C 68 -40.88 3.33 -5.05
C ASN C 68 -41.82 3.62 -6.23
N PRO C 69 -43.11 3.90 -5.94
CA PRO C 69 -44.14 4.06 -6.98
C PRO C 69 -43.81 5.16 -8.00
N LYS C 70 -43.00 6.14 -7.63
CA LYS C 70 -42.58 7.17 -8.57
C LYS C 70 -41.36 6.74 -9.40
N CYS C 71 -40.97 5.48 -9.28
CA CYS C 71 -39.80 4.99 -9.98
C CYS C 71 -40.24 3.96 -10.98
N ASP C 72 -41.46 4.04 -11.43
CA ASP C 72 -42.02 3.01 -12.27
C ASP C 72 -41.31 2.92 -13.61
N LEU C 73 -40.47 3.92 -13.91
CA LEU C 73 -39.90 4.08 -15.25
C LEU C 73 -39.00 2.96 -15.91
N LEU C 74 -37.91 2.34 -15.39
CA LEU C 74 -37.51 1.79 -14.06
C LEU C 74 -38.47 0.80 -13.38
N LEU C 75 -38.95 -0.21 -14.11
CA LEU C 75 -39.53 -1.38 -13.47
C LEU C 75 -39.25 -2.55 -14.40
N GLY C 76 -39.13 -3.76 -13.84
CA GLY C 76 -38.79 -4.92 -14.64
C GLY C 76 -37.31 -5.16 -14.78
N ASP C 77 -36.93 -5.85 -15.85
CA ASP C 77 -35.53 -6.19 -16.08
C ASP C 77 -34.65 -5.00 -16.45
N GLN C 78 -33.38 -5.08 -16.06
CA GLN C 78 -32.40 -4.08 -16.41
C GLN C 78 -31.10 -4.85 -16.66
N SER C 79 -30.37 -4.40 -17.67
CA SER C 79 -29.02 -4.87 -18.00
C SER C 79 -28.15 -3.64 -18.02
N TRP C 80 -27.05 -3.63 -17.27
CA TRP C 80 -26.20 -2.44 -17.23
C TRP C 80 -24.69 -2.74 -17.27
N SER C 81 -23.95 -1.91 -18.01
CA SER C 81 -22.48 -1.88 -17.93
C SER C 81 -22.02 -1.24 -16.63
N TYR C 82 -22.74 -0.21 -16.21
CA TYR C 82 -22.55 0.44 -14.92
C TYR C 82 -23.80 1.24 -14.55
N ILE C 83 -23.87 1.68 -13.31
CA ILE C 83 -25.02 2.42 -12.83
C ILE C 83 -24.66 3.89 -12.66
N VAL C 84 -25.56 4.77 -13.08
CA VAL C 84 -25.41 6.20 -12.81
C VAL C 84 -26.54 6.67 -11.91
N GLU C 85 -26.18 7.11 -10.71
CA GLU C 85 -27.17 7.60 -9.75
C GLU C 85 -27.01 9.11 -9.58
N ARG C 86 -28.08 9.83 -9.93
CA ARG C 86 -28.06 11.28 -9.90
C ARG C 86 -28.04 11.77 -8.46
N PRO C 87 -27.19 12.76 -8.18
CA PRO C 87 -26.99 13.21 -6.80
C PRO C 87 -28.25 13.75 -6.17
N ASN C 88 -29.11 14.35 -6.98
CA ASN C 88 -30.31 14.99 -6.45
C ASN C 88 -31.61 14.17 -6.54
N ALA C 89 -31.48 12.87 -6.79
CA ALA C 89 -32.64 12.01 -6.97
C ALA C 89 -33.53 12.11 -5.72
N GLN C 90 -34.82 12.39 -5.87
CA GLN C 90 -35.63 12.56 -4.65
C GLN C 90 -36.47 11.36 -4.30
N ASN C 91 -36.57 10.39 -5.19
CA ASN C 91 -37.41 9.25 -4.88
C ASN C 91 -36.62 8.04 -4.39
N GLY C 92 -36.70 7.83 -3.08
CA GLY C 92 -36.05 6.71 -2.42
C GLY C 92 -37.00 5.96 -1.52
N ILE C 93 -36.71 6.01 -0.22
CA ILE C 93 -37.54 5.40 0.76
C ILE C 93 -38.59 6.41 1.12
N CYS C 94 -39.79 6.23 0.55
CA CYS C 94 -40.91 7.14 0.77
C CYS C 94 -41.54 6.98 2.16
N TYR C 95 -41.73 5.74 2.60
CA TYR C 95 -42.26 5.51 3.94
C TYR C 95 -41.09 5.34 4.92
N PRO C 96 -40.97 6.27 5.88
CA PRO C 96 -39.75 6.45 6.69
C PRO C 96 -39.34 5.22 7.48
N GLY C 97 -38.05 4.96 7.46
CA GLY C 97 -37.46 3.86 8.20
C GLY C 97 -36.07 3.59 7.66
N VAL C 98 -35.43 2.54 8.16
CA VAL C 98 -34.07 2.25 7.77
C VAL C 98 -34.07 1.04 6.84
N LEU C 99 -33.31 1.14 5.75
CA LEU C 99 -33.04 -0.05 4.96
C LEU C 99 -31.78 -0.66 5.59
N ASN C 100 -31.95 -1.78 6.28
CA ASN C 100 -30.85 -2.33 7.04
C ASN C 100 -29.73 -2.89 6.14
N GLU C 101 -28.49 -2.73 6.60
CA GLU C 101 -27.32 -3.11 5.81
C GLU C 101 -27.40 -2.49 4.41
N LEU C 102 -27.62 -1.19 4.40
CA LEU C 102 -27.77 -0.40 3.17
C LEU C 102 -26.50 -0.39 2.30
N GLU C 103 -25.35 -0.19 2.92
CA GLU C 103 -24.08 -0.04 2.19
C GLU C 103 -23.71 -1.34 1.46
N GLU C 104 -23.97 -2.42 2.17
CA GLU C 104 -23.69 -3.74 1.68
C GLU C 104 -24.62 -4.14 0.52
N LEU C 105 -25.87 -3.65 0.56
CA LEU C 105 -26.82 -3.84 -0.55
C LEU C 105 -26.35 -3.07 -1.79
N LYS C 106 -25.93 -1.82 -1.59
CA LYS C 106 -25.42 -0.97 -2.68
C LYS C 106 -24.17 -1.66 -3.33
N ALA C 107 -23.27 -2.21 -2.52
CA ALA C 107 -22.10 -2.92 -3.07
C ALA C 107 -22.48 -4.20 -3.81
N PHE C 108 -23.48 -4.95 -3.31
CA PHE C 108 -23.97 -6.13 -4.00
C PHE C 108 -24.68 -5.79 -5.34
N ILE C 109 -25.49 -4.74 -5.35
CA ILE C 109 -26.13 -4.31 -6.59
C ILE C 109 -25.05 -3.85 -7.59
N GLY C 110 -24.02 -3.15 -7.11
CA GLY C 110 -22.93 -2.69 -7.95
C GLY C 110 -22.16 -3.83 -8.64
N SER C 111 -22.03 -4.95 -7.94
CA SER C 111 -21.42 -6.18 -8.45
C SER C 111 -22.18 -6.80 -9.63
N GLY C 112 -23.49 -6.59 -9.67
CA GLY C 112 -24.32 -7.14 -10.72
C GLY C 112 -24.20 -6.47 -12.08
N GLU C 113 -24.63 -7.17 -13.12
CA GLU C 113 -24.80 -6.57 -14.44
C GLU C 113 -26.23 -6.65 -14.95
N ARG C 114 -27.07 -7.46 -14.32
CA ARG C 114 -28.45 -7.59 -14.75
C ARG C 114 -29.41 -8.08 -13.66
N VAL C 115 -30.65 -7.60 -13.65
CA VAL C 115 -31.67 -8.23 -12.79
C VAL C 115 -32.88 -8.54 -13.61
N GLU C 116 -33.60 -9.55 -13.16
CA GLU C 116 -34.82 -10.01 -13.78
C GLU C 116 -35.94 -9.96 -12.73
N ARG C 117 -36.95 -9.14 -12.95
CA ARG C 117 -37.98 -8.97 -11.93
C ARG C 117 -39.08 -10.02 -12.08
N PHE C 118 -39.42 -10.68 -10.98
CA PHE C 118 -40.46 -11.71 -11.01
C PHE C 118 -41.26 -11.73 -9.71
N GLU C 119 -42.48 -12.25 -9.77
CA GLU C 119 -43.35 -12.32 -8.59
C GLU C 119 -42.96 -13.50 -7.74
N MET C 120 -42.32 -13.21 -6.61
CA MET C 120 -41.88 -14.25 -5.70
C MET C 120 -43.01 -14.81 -4.83
N PHE C 121 -43.76 -13.91 -4.20
CA PHE C 121 -44.89 -14.29 -3.38
C PHE C 121 -46.17 -13.61 -3.85
N PRO C 122 -47.02 -14.36 -4.55
CA PRO C 122 -48.30 -13.80 -4.99
C PRO C 122 -49.14 -13.45 -3.77
N LYS C 123 -50.05 -12.50 -3.92
CA LYS C 123 -50.84 -12.04 -2.78
C LYS C 123 -51.65 -13.18 -2.18
N SER C 124 -52.00 -14.15 -3.04
CA SER C 124 -52.78 -15.31 -2.65
C SER C 124 -52.05 -16.15 -1.62
N THR C 125 -50.74 -15.91 -1.47
CA THR C 125 -49.91 -16.68 -0.56
C THR C 125 -50.43 -16.59 0.86
N TRP C 126 -50.82 -15.39 1.28
CA TRP C 126 -51.12 -15.14 2.68
C TRP C 126 -52.62 -15.28 2.93
N ALA C 127 -53.00 -16.36 3.61
CA ALA C 127 -54.39 -16.70 3.76
C ALA C 127 -55.06 -15.87 4.84
N GLY C 128 -56.29 -15.46 4.51
CA GLY C 128 -57.19 -14.78 5.43
C GLY C 128 -56.72 -13.47 6.00
N VAL C 129 -56.00 -12.72 5.19
CA VAL C 129 -55.58 -11.38 5.52
C VAL C 129 -55.87 -10.53 4.30
N ASP C 130 -55.85 -9.21 4.48
CA ASP C 130 -56.15 -8.26 3.40
C ASP C 130 -54.85 -7.76 2.71
N THR C 131 -54.60 -8.26 1.50
CA THR C 131 -53.56 -7.82 0.55
C THR C 131 -53.80 -6.45 -0.13
N SER C 132 -55.07 -6.15 -0.45
CA SER C 132 -55.50 -4.95 -1.19
C SER C 132 -55.34 -3.58 -0.49
N ARG C 133 -55.47 -3.54 0.83
CA ARG C 133 -55.53 -2.27 1.58
C ARG C 133 -54.21 -1.48 1.73
N GLY C 134 -53.04 -2.13 1.61
CA GLY C 134 -51.86 -1.49 2.17
C GLY C 134 -51.24 -0.41 1.33
N VAL C 135 -51.67 0.82 1.55
CA VAL C 135 -51.14 1.97 0.82
C VAL C 135 -51.02 3.11 1.81
N THR C 136 -50.20 4.08 1.45
CA THR C 136 -49.94 5.24 2.30
C THR C 136 -49.81 6.55 1.53
N ASN C 137 -50.14 7.67 2.18
CA ASN C 137 -49.96 8.98 1.57
C ASN C 137 -48.49 9.37 1.56
N ALA C 138 -47.67 8.58 2.24
CA ALA C 138 -46.22 8.80 2.22
C ALA C 138 -45.64 8.28 0.92
N CYS C 139 -46.36 7.41 0.23
CA CYS C 139 -45.83 6.85 -1.01
C CYS C 139 -46.74 7.04 -2.21
N PRO C 140 -46.86 8.30 -2.69
CA PRO C 140 -47.64 8.48 -3.90
C PRO C 140 -46.95 8.03 -5.15
N SER C 141 -47.74 7.72 -6.17
CA SER C 141 -47.20 7.64 -7.51
C SER C 141 -47.46 9.03 -8.05
N TYR C 142 -47.15 9.28 -9.30
CA TYR C 142 -47.48 10.56 -9.91
C TYR C 142 -49.01 10.74 -10.11
N THR C 143 -49.74 9.64 -10.30
CA THR C 143 -51.20 9.65 -10.45
C THR C 143 -52.01 9.40 -9.17
N ILE C 144 -51.49 8.61 -8.26
CA ILE C 144 -52.24 8.24 -7.07
C ILE C 144 -51.55 8.79 -5.83
N ASP C 145 -52.34 9.47 -5.01
CA ASP C 145 -51.90 10.04 -3.75
C ASP C 145 -51.54 9.02 -2.67
N SER C 146 -52.16 7.84 -2.71
CA SER C 146 -51.75 6.77 -1.80
C SER C 146 -51.44 5.45 -2.51
N SER C 147 -50.22 4.99 -2.36
CA SER C 147 -49.73 3.80 -3.06
C SER C 147 -48.69 3.12 -2.16
N PHE C 148 -48.04 2.09 -2.68
CA PHE C 148 -46.92 1.46 -1.98
C PHE C 148 -45.84 1.00 -2.93
N TYR C 149 -44.74 0.52 -2.37
CA TYR C 149 -43.71 -0.15 -3.15
C TYR C 149 -44.28 -1.26 -4.03
N ARG C 150 -43.76 -1.36 -5.24
CA ARG C 150 -44.21 -2.39 -6.17
C ARG C 150 -43.76 -3.78 -5.75
N ASN C 151 -42.71 -3.83 -4.94
CA ASN C 151 -42.09 -5.11 -4.64
C ASN C 151 -42.45 -5.64 -3.28
N LEU C 152 -43.32 -4.93 -2.57
CA LEU C 152 -43.72 -5.33 -1.23
C LEU C 152 -45.27 -5.23 -1.08
N VAL C 153 -45.84 -6.02 -0.19
CA VAL C 153 -47.27 -5.91 0.18
C VAL C 153 -47.40 -5.57 1.67
N TRP C 154 -48.01 -4.43 1.95
CA TRP C 154 -48.27 -4.07 3.33
C TRP C 154 -49.58 -4.78 3.70
N ILE C 155 -49.46 -5.98 4.27
CA ILE C 155 -50.58 -6.80 4.66
C ILE C 155 -51.27 -6.29 5.91
N VAL C 156 -52.58 -6.32 5.90
CA VAL C 156 -53.37 -5.81 6.99
C VAL C 156 -54.45 -6.84 7.30
N LYS C 157 -54.96 -6.83 8.53
CA LYS C 157 -56.04 -7.74 8.86
C LYS C 157 -57.32 -7.38 8.12
N THR C 158 -58.07 -8.41 7.79
CA THR C 158 -59.38 -8.28 7.18
C THR C 158 -60.40 -7.66 8.15
N ASP C 159 -61.53 -7.25 7.63
CA ASP C 159 -62.58 -6.56 8.38
C ASP C 159 -63.29 -7.25 9.55
N SER C 160 -63.33 -8.57 9.61
CA SER C 160 -64.11 -9.22 10.66
C SER C 160 -63.75 -8.88 12.10
N ALA C 161 -62.48 -8.90 12.49
CA ALA C 161 -61.40 -9.37 11.68
C ALA C 161 -60.33 -9.81 12.67
N THR C 162 -59.58 -10.85 12.34
CA THR C 162 -58.49 -11.30 13.20
C THR C 162 -57.35 -11.59 12.25
N TYR C 163 -56.12 -11.37 12.70
CA TYR C 163 -54.95 -11.62 11.85
C TYR C 163 -54.43 -12.98 12.25
N PRO C 164 -54.58 -13.97 11.37
CA PRO C 164 -54.11 -15.33 11.71
C PRO C 164 -52.63 -15.52 11.36
N VAL C 165 -52.08 -16.68 11.67
CA VAL C 165 -50.73 -16.97 11.26
C VAL C 165 -50.77 -17.09 9.75
N ILE C 166 -49.81 -16.46 9.07
CA ILE C 166 -49.72 -16.56 7.62
C ILE C 166 -48.35 -17.12 7.33
N LYS C 167 -48.27 -17.94 6.30
CA LYS C 167 -47.03 -18.61 5.96
C LYS C 167 -46.78 -18.57 4.47
N GLY C 168 -45.52 -18.49 4.08
CA GLY C 168 -45.17 -18.61 2.68
C GLY C 168 -43.84 -19.29 2.46
N THR C 169 -43.78 -20.02 1.36
CA THR C 169 -42.50 -20.57 0.92
C THR C 169 -42.24 -20.28 -0.56
N TYR C 170 -40.98 -20.06 -0.88
CA TYR C 170 -40.54 -20.05 -2.26
C TYR C 170 -39.26 -20.87 -2.30
N ASN C 171 -39.22 -21.85 -3.21
CA ASN C 171 -38.03 -22.68 -3.39
C ASN C 171 -37.30 -22.20 -4.65
N ASN C 172 -36.03 -21.80 -4.56
CA ASN C 172 -35.42 -21.07 -5.68
C ASN C 172 -35.54 -21.82 -7.01
N THR C 173 -35.20 -23.11 -7.04
CA THR C 173 -35.41 -23.97 -8.22
C THR C 173 -34.56 -23.50 -9.41
N GLY C 174 -33.74 -22.49 -9.19
CA GLY C 174 -33.15 -21.81 -10.33
C GLY C 174 -31.63 -21.76 -10.32
N THR C 175 -31.10 -21.25 -11.40
CA THR C 175 -29.69 -21.16 -11.63
C THR C 175 -29.09 -19.86 -11.06
N GLN C 176 -29.97 -18.90 -10.74
CA GLN C 176 -29.53 -17.56 -10.33
C GLN C 176 -29.92 -17.18 -8.91
N PRO C 177 -29.07 -16.38 -8.22
CA PRO C 177 -29.42 -15.94 -6.87
C PRO C 177 -30.57 -14.95 -6.96
N ILE C 178 -31.46 -14.96 -5.96
CA ILE C 178 -32.57 -14.03 -5.94
C ILE C 178 -32.37 -12.96 -4.88
N LEU C 179 -32.48 -11.70 -5.29
CA LEU C 179 -32.40 -10.58 -4.35
C LEU C 179 -33.81 -10.18 -3.96
N TYR C 180 -34.14 -10.23 -2.67
CA TYR C 180 -35.51 -9.99 -2.26
C TYR C 180 -35.57 -9.10 -1.02
N PHE C 181 -36.75 -8.56 -0.73
CA PHE C 181 -36.89 -7.54 0.30
C PHE C 181 -38.09 -7.83 1.17
N TRP C 182 -38.03 -7.38 2.42
CA TRP C 182 -39.19 -7.44 3.30
C TRP C 182 -39.02 -6.35 4.33
N GLY C 183 -40.05 -6.23 5.16
CA GLY C 183 -40.10 -5.18 6.16
C GLY C 183 -40.89 -5.57 7.39
N VAL C 184 -40.70 -4.77 8.44
CA VAL C 184 -41.51 -4.89 9.63
C VAL C 184 -42.14 -3.53 9.98
N HIS C 185 -43.45 -3.49 10.14
CA HIS C 185 -44.08 -2.21 10.45
C HIS C 185 -44.06 -1.96 11.96
N HIS C 186 -43.57 -0.80 12.35
CA HIS C 186 -43.58 -0.35 13.74
C HIS C 186 -44.60 0.79 13.90
N PRO C 187 -45.84 0.48 14.33
CA PRO C 187 -46.80 1.58 14.47
C PRO C 187 -46.42 2.58 15.55
N LEU C 188 -46.84 3.82 15.38
CA LEU C 188 -46.62 4.85 16.39
C LEU C 188 -47.41 4.59 17.69
N ASP C 189 -48.55 3.92 17.57
CA ASP C 189 -49.56 3.82 18.63
C ASP C 189 -49.93 2.40 18.97
N THR C 190 -50.39 2.16 20.20
CA THR C 190 -51.09 0.92 20.51
C THR C 190 -52.40 0.85 19.70
N THR C 191 -53.00 2.00 19.44
CA THR C 191 -54.23 2.10 18.64
C THR C 191 -54.08 1.69 17.17
N VAL C 192 -53.03 2.17 16.50
CA VAL C 192 -52.77 1.74 15.13
C VAL C 192 -52.39 0.26 15.09
N GLN C 193 -51.64 -0.20 16.10
CA GLN C 193 -51.26 -1.60 16.14
C GLN C 193 -52.51 -2.49 16.13
N ASP C 194 -53.45 -2.19 17.01
CA ASP C 194 -54.69 -2.95 17.10
C ASP C 194 -55.59 -2.79 15.87
N ASN C 195 -55.65 -1.60 15.30
CA ASN C 195 -56.46 -1.37 14.11
C ASN C 195 -56.02 -2.26 12.93
N LEU C 196 -54.73 -2.21 12.61
CA LEU C 196 -54.14 -2.91 11.46
C LEU C 196 -53.93 -4.42 11.64
N TYR C 197 -53.50 -4.78 12.84
CA TYR C 197 -53.11 -6.14 13.19
C TYR C 197 -53.94 -6.44 14.42
N GLY C 198 -54.04 -7.68 14.86
CA GLY C 198 -55.12 -7.93 15.80
C GLY C 198 -54.75 -7.63 17.23
N SER C 199 -54.65 -8.66 18.06
CA SER C 199 -54.40 -8.48 19.47
C SER C 199 -53.14 -9.29 19.84
N GLY C 200 -52.35 -8.82 20.81
CA GLY C 200 -51.27 -9.66 21.30
C GLY C 200 -49.88 -9.48 20.70
N ASP C 201 -48.94 -10.24 21.21
CA ASP C 201 -47.57 -10.14 20.73
C ASP C 201 -47.51 -10.61 19.28
N LYS C 202 -46.80 -9.85 18.44
CA LYS C 202 -46.76 -10.14 17.01
C LYS C 202 -45.34 -10.44 16.54
N TYR C 203 -45.19 -11.27 15.53
CA TYR C 203 -43.84 -11.58 15.05
C TYR C 203 -43.73 -11.67 13.54
N VAL C 204 -42.51 -11.44 13.07
CA VAL C 204 -42.11 -11.80 11.72
C VAL C 204 -40.93 -12.72 11.82
N ARG C 205 -41.08 -13.93 11.31
CA ARG C 205 -39.96 -14.85 11.33
C ARG C 205 -39.72 -15.41 9.94
N MET C 206 -38.46 -15.42 9.54
CA MET C 206 -38.09 -15.95 8.23
C MET C 206 -36.83 -16.79 8.33
N GLY C 207 -36.73 -17.79 7.46
CA GLY C 207 -35.54 -18.61 7.47
C GLY C 207 -35.28 -19.28 6.15
N THR C 208 -34.01 -19.60 5.93
CA THR C 208 -33.61 -20.43 4.83
C THR C 208 -32.66 -21.45 5.44
N GLU C 209 -32.12 -22.33 4.61
CA GLU C 209 -31.09 -23.28 5.02
C GLU C 209 -29.90 -22.59 5.69
N SER C 210 -29.56 -21.38 5.23
CA SER C 210 -28.43 -20.64 5.79
C SER C 210 -28.74 -19.42 6.67
N MET C 211 -30.00 -19.02 6.78
CA MET C 211 -30.30 -17.71 7.39
C MET C 211 -31.52 -17.74 8.31
N ASN C 212 -31.48 -16.91 9.35
CA ASN C 212 -32.56 -16.78 10.31
C ASN C 212 -32.91 -15.33 10.53
N PHE C 213 -34.21 -15.06 10.65
CA PHE C 213 -34.65 -13.71 10.96
C PHE C 213 -35.83 -13.78 11.90
N ALA C 214 -35.80 -12.96 12.94
CA ALA C 214 -36.94 -12.84 13.81
C ALA C 214 -37.09 -11.40 14.26
N LYS C 215 -38.29 -10.85 14.10
CA LYS C 215 -38.52 -9.50 14.63
C LYS C 215 -39.98 -9.30 15.05
N SER C 216 -40.17 -8.38 15.98
CA SER C 216 -41.51 -8.07 16.44
C SER C 216 -41.60 -6.54 16.53
N PRO C 217 -42.82 -5.98 16.47
CA PRO C 217 -42.89 -4.52 16.40
C PRO C 217 -42.37 -3.78 17.65
N GLU C 218 -41.71 -2.66 17.40
CA GLU C 218 -41.30 -1.73 18.44
C GLU C 218 -42.18 -0.51 18.31
N ILE C 219 -43.12 -0.34 19.24
CA ILE C 219 -44.21 0.61 19.07
C ILE C 219 -43.91 1.93 19.77
N ALA C 220 -43.79 3.01 19.00
CA ALA C 220 -43.54 4.34 19.54
C ALA C 220 -43.71 5.41 18.47
N ALA C 221 -43.92 6.64 18.90
CA ALA C 221 -43.95 7.75 17.98
C ALA C 221 -42.55 8.28 17.69
N ARG C 222 -42.25 8.48 16.42
CA ARG C 222 -40.98 9.01 15.99
C ARG C 222 -41.30 10.33 15.32
N PRO C 223 -40.33 11.25 15.19
CA PRO C 223 -40.63 12.54 14.57
C PRO C 223 -41.24 12.35 13.19
N ALA C 224 -42.18 13.20 12.81
CA ALA C 224 -42.89 13.03 11.55
C ALA C 224 -41.95 13.12 10.38
N VAL C 225 -42.03 12.13 9.49
CA VAL C 225 -41.31 12.20 8.23
C VAL C 225 -42.26 11.78 7.13
N ASN C 226 -42.52 12.68 6.19
CA ASN C 226 -43.57 12.46 5.21
C ASN C 226 -44.88 12.14 5.94
N ASP C 227 -45.11 12.87 7.02
CA ASP C 227 -46.34 12.75 7.80
C ASP C 227 -46.50 11.47 8.59
N GLN C 228 -45.43 10.67 8.67
CA GLN C 228 -45.51 9.43 9.43
C GLN C 228 -44.68 9.50 10.71
N ARG C 229 -45.30 9.18 11.83
CA ARG C 229 -44.58 8.96 13.08
C ARG C 229 -44.35 7.46 13.31
N SER C 230 -44.93 6.64 12.46
CA SER C 230 -44.61 5.23 12.38
C SER C 230 -43.32 4.99 11.62
N ARG C 231 -42.86 3.75 11.65
CA ARG C 231 -41.69 3.39 10.86
C ARG C 231 -41.86 2.02 10.21
N ILE C 232 -41.14 1.80 9.13
CA ILE C 232 -40.90 0.46 8.61
C ILE C 232 -39.41 0.16 8.65
N ASP C 233 -39.06 -1.01 9.17
CA ASP C 233 -37.70 -1.53 9.09
C ASP C 233 -37.60 -2.38 7.84
N TYR C 234 -36.71 -2.02 6.91
CA TYR C 234 -36.65 -2.75 5.66
C TYR C 234 -35.46 -3.70 5.72
N TYR C 235 -35.59 -4.85 5.07
CA TYR C 235 -34.53 -5.84 5.06
C TYR C 235 -34.33 -6.41 3.65
N TRP C 236 -33.12 -6.88 3.38
CA TRP C 236 -32.84 -7.53 2.13
C TRP C 236 -32.01 -8.79 2.37
N SER C 237 -32.10 -9.71 1.42
CA SER C 237 -31.31 -10.93 1.46
C SER C 237 -31.18 -11.50 0.06
N VAL C 238 -30.31 -12.50 -0.04
CA VAL C 238 -30.10 -13.23 -1.27
C VAL C 238 -30.35 -14.72 -1.05
N LEU C 239 -31.33 -15.24 -1.80
CA LEU C 239 -31.66 -16.63 -1.76
C LEU C 239 -30.81 -17.35 -2.79
N ARG C 240 -29.93 -18.21 -2.32
CA ARG C 240 -28.97 -18.87 -3.20
C ARG C 240 -29.69 -19.89 -4.04
N PRO C 241 -29.11 -20.23 -5.19
CA PRO C 241 -29.69 -21.28 -6.03
C PRO C 241 -29.79 -22.55 -5.21
N GLY C 242 -30.92 -23.25 -5.29
CA GLY C 242 -31.11 -24.45 -4.49
C GLY C 242 -31.58 -24.19 -3.06
N GLU C 243 -31.70 -22.92 -2.68
CA GLU C 243 -32.19 -22.58 -1.34
C GLU C 243 -33.71 -22.34 -1.34
N THR C 244 -34.31 -22.47 -0.15
CA THR C 244 -35.73 -22.26 0.09
C THR C 244 -35.96 -21.19 1.17
N LEU C 245 -36.95 -20.34 0.97
CA LEU C 245 -37.33 -19.32 1.96
C LEU C 245 -38.70 -19.61 2.60
N ASN C 246 -38.75 -19.65 3.94
CA ASN C 246 -40.01 -19.81 4.69
C ASN C 246 -40.32 -18.48 5.36
N VAL C 247 -41.55 -18.01 5.21
CA VAL C 247 -41.98 -16.75 5.83
C VAL C 247 -43.13 -17.07 6.76
N GLU C 248 -43.05 -16.61 8.00
CA GLU C 248 -44.14 -16.81 8.96
C GLU C 248 -44.38 -15.55 9.75
N SER C 249 -45.63 -15.09 9.80
CA SER C 249 -45.98 -13.92 10.58
C SER C 249 -47.40 -13.98 11.12
N ASN C 250 -47.63 -13.33 12.25
CA ASN C 250 -49.00 -13.13 12.75
C ASN C 250 -49.37 -11.65 12.76
N GLY C 251 -48.40 -10.77 12.48
CA GLY C 251 -48.69 -9.36 12.30
C GLY C 251 -47.49 -8.52 11.89
N ASN C 252 -47.75 -7.35 11.30
CA ASN C 252 -46.73 -6.34 11.06
C ASN C 252 -45.72 -6.73 9.97
N LEU C 253 -46.05 -7.73 9.17
CA LEU C 253 -45.15 -8.14 8.10
C LEU C 253 -45.41 -7.27 6.90
N ILE C 254 -44.35 -6.63 6.37
CA ILE C 254 -44.42 -6.07 5.03
C ILE C 254 -43.79 -7.11 4.12
N ALA C 255 -44.66 -7.82 3.43
CA ALA C 255 -44.29 -9.02 2.71
C ALA C 255 -43.49 -8.78 1.44
N PRO C 256 -42.58 -9.73 1.11
CA PRO C 256 -41.98 -9.72 -0.22
C PRO C 256 -43.07 -10.01 -1.22
N TRP C 257 -43.02 -9.35 -2.36
CA TRP C 257 -43.99 -9.61 -3.40
C TRP C 257 -43.17 -9.96 -4.65
N TYR C 258 -42.43 -8.97 -5.14
CA TYR C 258 -41.64 -9.13 -6.35
C TYR C 258 -40.19 -9.07 -5.96
N ALA C 259 -39.37 -9.87 -6.66
CA ALA C 259 -37.96 -10.01 -6.38
C ALA C 259 -37.17 -10.08 -7.67
N TYR C 260 -35.84 -10.14 -7.56
CA TYR C 260 -34.96 -10.13 -8.74
C TYR C 260 -34.02 -11.33 -8.86
N LYS C 261 -34.09 -12.05 -9.97
CA LYS C 261 -33.06 -13.00 -10.29
C LYS C 261 -31.85 -12.14 -10.66
N PHE C 262 -30.70 -12.42 -10.06
CA PHE C 262 -29.60 -11.50 -10.09
C PHE C 262 -28.46 -12.12 -10.88
N VAL C 263 -27.93 -11.40 -11.85
CA VAL C 263 -26.77 -11.91 -12.57
C VAL C 263 -25.56 -11.14 -12.16
N SER C 264 -24.58 -11.85 -11.61
CA SER C 264 -23.37 -11.24 -11.02
C SER C 264 -22.16 -11.34 -11.95
N LYS C 268 -15.98 -5.66 -13.36
CA LYS C 268 -16.03 -5.13 -12.00
C LYS C 268 -17.42 -4.62 -11.68
N GLY C 269 -17.84 -3.61 -12.43
CA GLY C 269 -19.13 -2.98 -12.23
C GLY C 269 -18.95 -1.80 -11.30
N ALA C 270 -19.78 -0.79 -11.44
CA ALA C 270 -19.66 0.39 -10.60
C ALA C 270 -20.90 1.24 -10.56
N VAL C 271 -20.94 2.11 -9.57
CA VAL C 271 -22.03 3.02 -9.38
C VAL C 271 -21.42 4.40 -9.32
N PHE C 272 -21.80 5.25 -10.28
CA PHE C 272 -21.30 6.62 -10.40
C PHE C 272 -22.38 7.62 -9.95
N LYS C 273 -22.06 8.38 -8.92
CA LYS C 273 -22.90 9.49 -8.51
C LYS C 273 -22.41 10.73 -9.23
N SER C 274 -23.17 11.12 -10.25
CA SER C 274 -22.77 12.17 -11.18
C SER C 274 -23.95 12.83 -11.89
N ASP C 275 -23.82 14.11 -12.24
CA ASP C 275 -24.83 14.80 -13.04
C ASP C 275 -24.49 14.83 -14.55
N LEU C 276 -23.42 14.15 -14.95
CA LEU C 276 -22.99 14.10 -16.37
C LEU C 276 -24.01 13.38 -17.23
N PRO C 277 -24.15 13.79 -18.51
CA PRO C 277 -25.14 13.21 -19.44
C PRO C 277 -24.67 11.89 -20.07
N ILE C 278 -25.56 10.90 -20.13
CA ILE C 278 -25.32 9.70 -20.93
C ILE C 278 -25.67 10.04 -22.38
N GLU C 279 -24.79 9.69 -23.31
CA GLU C 279 -24.94 10.11 -24.70
C GLU C 279 -24.78 8.86 -25.57
N ASN C 280 -25.20 8.94 -26.83
CA ASN C 280 -25.10 7.78 -27.72
C ASN C 280 -23.68 7.65 -28.29
N CYS C 281 -22.80 7.13 -27.46
CA CYS C 281 -21.37 7.02 -27.74
C CYS C 281 -20.82 5.74 -27.12
N ASP C 282 -19.65 5.32 -27.59
CA ASP C 282 -18.97 4.14 -27.08
C ASP C 282 -17.66 4.55 -26.45
N ALA C 283 -17.31 3.88 -25.35
CA ALA C 283 -16.05 4.11 -24.69
C ALA C 283 -15.43 2.78 -24.35
N THR C 284 -14.12 2.82 -24.20
CA THR C 284 -13.38 1.67 -23.73
C THR C 284 -12.93 1.98 -22.29
N CYS C 285 -12.76 3.26 -21.99
CA CYS C 285 -12.43 3.75 -20.66
C CYS C 285 -13.39 4.83 -20.17
N GLN C 286 -14.05 4.60 -19.05
CA GLN C 286 -14.99 5.59 -18.53
C GLN C 286 -14.68 5.96 -17.10
N THR C 287 -14.49 7.23 -16.79
CA THR C 287 -14.23 7.54 -15.40
C THR C 287 -15.45 8.29 -14.90
N ILE C 288 -15.53 8.47 -13.59
CA ILE C 288 -16.67 9.17 -13.01
C ILE C 288 -16.81 10.61 -13.50
N THR C 289 -15.70 11.27 -13.86
CA THR C 289 -15.73 12.61 -14.44
C THR C 289 -15.69 12.62 -15.97
N GLY C 290 -15.67 11.44 -16.59
CA GLY C 290 -15.73 11.38 -18.03
C GLY C 290 -15.00 10.25 -18.71
N VAL C 291 -15.15 10.20 -20.04
CA VAL C 291 -14.51 9.22 -20.91
C VAL C 291 -13.03 9.56 -21.22
N LEU C 292 -12.18 8.53 -21.25
CA LEU C 292 -10.80 8.74 -21.68
C LEU C 292 -10.64 8.04 -23.02
N ARG C 293 -10.26 8.82 -24.05
CA ARG C 293 -9.96 8.25 -25.35
C ARG C 293 -8.50 8.49 -25.59
N THR C 294 -7.66 7.54 -25.20
CA THR C 294 -6.25 7.80 -25.16
C THR C 294 -5.48 6.53 -25.31
N ASN C 295 -4.23 6.69 -25.72
CA ASN C 295 -3.27 5.62 -25.78
C ASN C 295 -2.28 5.76 -24.63
N LYS C 296 -2.37 6.86 -23.89
CA LYS C 296 -1.39 7.19 -22.84
C LYS C 296 -1.39 6.17 -21.69
N THR C 297 -0.24 6.06 -21.02
CA THR C 297 0.01 5.16 -19.90
C THR C 297 -0.57 5.65 -18.57
N PHE C 298 -0.56 6.97 -18.37
CA PHE C 298 -1.00 7.60 -17.13
C PHE C 298 -2.14 8.57 -17.41
N GLN C 299 -2.94 8.85 -16.39
CA GLN C 299 -3.99 9.86 -16.45
C GLN C 299 -4.18 10.55 -15.09
N ASN C 300 -4.42 11.85 -15.11
CA ASN C 300 -4.73 12.56 -13.87
C ASN C 300 -6.23 12.94 -13.78
N VAL C 301 -7.07 12.30 -14.57
CA VAL C 301 -8.52 12.56 -14.52
C VAL C 301 -9.25 11.99 -13.27
N SER C 302 -9.18 10.68 -13.05
CA SER C 302 -9.85 10.09 -11.91
C SER C 302 -9.39 8.67 -11.56
N PRO C 303 -9.30 8.39 -10.25
CA PRO C 303 -9.14 7.04 -9.65
C PRO C 303 -10.35 6.14 -9.85
N LEU C 304 -11.54 6.73 -10.00
CA LEU C 304 -12.78 5.95 -10.13
C LEU C 304 -13.21 5.77 -11.58
N TRP C 305 -13.18 4.52 -12.03
CA TRP C 305 -13.54 4.23 -13.42
C TRP C 305 -13.99 2.81 -13.62
N ILE C 306 -14.32 2.50 -14.86
CA ILE C 306 -14.80 1.19 -15.28
C ILE C 306 -14.21 1.01 -16.67
N GLY C 307 -13.91 -0.22 -17.06
CA GLY C 307 -13.21 -0.45 -18.31
C GLY C 307 -11.70 -0.47 -18.14
N GLU C 308 -10.98 -0.36 -19.26
CA GLU C 308 -9.52 -0.37 -19.30
C GLU C 308 -8.95 1.03 -19.36
N CYS C 309 -8.39 1.52 -18.27
CA CYS C 309 -8.01 2.91 -18.18
C CYS C 309 -6.53 2.95 -17.81
N PRO C 310 -5.84 4.04 -18.17
CA PRO C 310 -4.44 4.17 -17.72
C PRO C 310 -4.39 4.44 -16.22
N LYS C 311 -3.21 4.22 -15.65
CA LYS C 311 -2.99 4.36 -14.22
C LYS C 311 -3.22 5.80 -13.78
N TYR C 312 -3.92 5.98 -12.67
CA TYR C 312 -4.20 7.31 -12.15
C TYR C 312 -3.06 7.81 -11.22
N VAL C 313 -2.61 9.05 -11.42
CA VAL C 313 -1.60 9.70 -10.60
C VAL C 313 -1.94 11.18 -10.47
N LYS C 314 -1.35 11.89 -9.50
CA LYS C 314 -1.63 13.33 -9.39
C LYS C 314 -0.76 14.21 -10.28
N SER C 315 0.11 13.61 -11.10
CA SER C 315 1.07 14.36 -11.94
C SER C 315 0.40 15.27 -12.99
N GLU C 316 0.96 16.44 -13.20
CA GLU C 316 0.50 17.32 -14.29
C GLU C 316 0.95 16.85 -15.68
N SER C 317 2.15 16.29 -15.74
CA SER C 317 2.76 15.85 -17.00
C SER C 317 3.76 14.78 -16.68
N LEU C 318 3.98 13.81 -17.56
CA LEU C 318 5.09 12.88 -17.34
C LEU C 318 5.87 12.70 -18.66
N ARG C 319 6.66 13.72 -19.03
CA ARG C 319 7.31 13.70 -20.34
C ARG C 319 8.70 13.09 -20.30
N LEU C 320 8.86 12.01 -21.07
CA LEU C 320 10.09 11.27 -21.15
C LEU C 320 10.87 11.77 -22.33
N ALA C 321 12.10 12.21 -22.09
CA ALA C 321 12.99 12.59 -23.18
C ALA C 321 13.27 11.34 -23.97
N THR C 322 13.22 11.44 -25.28
CA THR C 322 13.71 10.35 -26.12
C THR C 322 14.89 10.84 -26.95
N GLY C 323 14.83 12.10 -27.33
CA GLY C 323 15.85 12.81 -28.07
C GLY C 323 16.95 13.33 -27.18
N LEU C 324 17.93 13.98 -27.78
CA LEU C 324 19.00 14.60 -27.01
C LEU C 324 18.78 16.08 -26.73
N ARG C 325 19.65 16.66 -25.91
CA ARG C 325 19.59 18.08 -25.61
C ARG C 325 19.63 18.85 -26.92
N ASN C 326 18.71 19.80 -27.05
CA ASN C 326 18.54 20.55 -28.29
C ASN C 326 19.29 21.85 -28.24
N VAL C 327 20.37 21.94 -29.02
CA VAL C 327 21.22 23.11 -29.01
C VAL C 327 21.40 23.66 -30.44
N PRO C 328 20.30 24.11 -31.08
CA PRO C 328 20.37 24.53 -32.48
C PRO C 328 21.13 25.85 -32.65
N GLN C 329 21.76 26.05 -33.81
CA GLN C 329 22.59 27.24 -34.02
C GLN C 329 21.77 28.52 -33.95
N ILE C 330 22.38 29.59 -33.45
CA ILE C 330 21.70 30.86 -33.33
C ILE C 330 21.83 31.72 -34.58
N ALA C 331 20.71 31.93 -35.26
CA ALA C 331 20.67 32.75 -36.47
C ALA C 331 19.36 32.52 -37.21
N GLY D 1 27.78 18.08 -20.24
CA GLY D 1 26.86 16.99 -20.12
C GLY D 1 27.92 16.10 -19.54
N ILE D 2 27.58 14.99 -18.87
CA ILE D 2 28.58 14.19 -18.14
C ILE D 2 29.77 13.56 -18.94
N PHE D 3 29.55 13.13 -20.18
CA PHE D 3 30.62 12.72 -21.07
C PHE D 3 31.28 13.92 -21.73
N GLY D 4 30.68 15.09 -21.56
CA GLY D 4 31.31 16.34 -21.93
C GLY D 4 31.20 16.79 -23.37
N ALA D 5 30.65 15.96 -24.24
CA ALA D 5 30.53 16.31 -25.67
C ALA D 5 29.40 17.30 -25.97
N ILE D 6 28.16 16.89 -25.66
CA ILE D 6 26.96 17.65 -26.02
C ILE D 6 26.87 18.88 -25.12
N ALA D 7 26.64 20.04 -25.74
CA ALA D 7 26.64 21.32 -25.03
C ALA D 7 27.91 21.41 -24.20
N GLY D 8 29.00 20.87 -24.76
CA GLY D 8 30.26 20.76 -24.06
C GLY D 8 31.40 21.13 -24.98
N PHE D 9 32.39 20.25 -25.15
CA PHE D 9 33.48 20.59 -26.07
C PHE D 9 32.98 20.59 -27.52
N ILE D 10 31.81 19.96 -27.78
CA ILE D 10 31.08 20.26 -29.01
C ILE D 10 29.90 21.17 -28.66
N GLU D 11 30.06 22.45 -28.95
CA GLU D 11 29.22 23.51 -28.42
C GLU D 11 27.76 23.46 -28.85
N GLY D 12 27.52 23.06 -30.09
CA GLY D 12 26.18 23.09 -30.64
C GLY D 12 25.81 21.88 -31.48
N GLY D 13 24.51 21.69 -31.67
CA GLY D 13 23.95 20.71 -32.58
C GLY D 13 23.88 21.23 -34.03
N TRP D 14 23.56 20.33 -34.94
CA TRP D 14 23.40 20.67 -36.35
C TRP D 14 21.96 20.55 -36.81
N THR D 15 21.32 21.68 -37.10
CA THR D 15 19.96 21.64 -37.69
C THR D 15 20.01 21.04 -39.09
N GLY D 16 21.14 21.21 -39.75
CA GLY D 16 21.40 20.63 -41.07
C GLY D 16 21.46 19.12 -41.18
N MET D 17 21.86 18.44 -40.10
CA MET D 17 21.85 16.98 -40.07
C MET D 17 20.49 16.43 -39.66
N ILE D 18 19.60 16.21 -40.63
CA ILE D 18 18.18 15.88 -40.36
C ILE D 18 17.88 14.39 -40.34
N ASP D 19 18.85 13.57 -40.73
CA ASP D 19 18.55 12.15 -40.91
C ASP D 19 19.12 11.25 -39.83
N GLY D 20 19.54 11.81 -38.71
CA GLY D 20 20.04 10.97 -37.62
C GLY D 20 20.27 11.77 -36.38
N TRP D 21 20.56 11.09 -35.27
CA TRP D 21 20.95 11.77 -34.03
C TRP D 21 22.41 12.20 -33.94
N TYR D 22 23.31 11.34 -34.38
CA TYR D 22 24.74 11.60 -34.28
C TYR D 22 25.34 11.46 -35.65
N GLY D 23 26.39 12.20 -35.93
CA GLY D 23 26.88 12.22 -37.30
C GLY D 23 28.18 12.91 -37.60
N TYR D 24 28.47 13.01 -38.88
CA TYR D 24 29.67 13.69 -39.37
C TYR D 24 29.36 14.88 -40.26
N HIS D 25 30.10 15.96 -40.01
CA HIS D 25 30.19 17.05 -40.96
C HIS D 25 31.60 17.09 -41.58
N HIS D 26 31.66 17.20 -42.91
CA HIS D 26 32.92 17.16 -43.63
C HIS D 26 33.04 18.34 -44.58
N GLU D 27 34.25 18.88 -44.77
CA GLU D 27 34.52 19.83 -45.85
C GLU D 27 35.82 19.45 -46.61
N ASN D 28 35.74 19.32 -47.93
CA ASN D 28 36.92 19.04 -48.76
C ASN D 28 36.74 19.71 -50.13
N SER D 29 37.74 19.65 -51.01
CA SER D 29 37.63 20.40 -52.27
C SER D 29 36.38 19.97 -53.09
N GLN D 30 35.98 18.70 -52.98
CA GLN D 30 34.77 18.21 -53.63
C GLN D 30 33.44 18.80 -53.10
N GLY D 31 33.36 19.09 -51.81
CA GLY D 31 32.13 19.62 -51.26
C GLY D 31 32.10 19.65 -49.74
N SER D 32 30.92 19.96 -49.20
CA SER D 32 30.70 19.87 -47.75
C SER D 32 29.32 19.34 -47.42
N GLY D 33 29.21 18.66 -46.29
CA GLY D 33 27.95 18.02 -45.97
C GLY D 33 27.73 17.59 -44.54
N TYR D 34 26.49 17.28 -44.24
CA TYR D 34 26.10 16.67 -42.96
C TYR D 34 25.57 15.31 -43.27
N ALA D 35 26.26 14.27 -42.79
CA ALA D 35 25.79 12.89 -42.95
C ALA D 35 25.75 12.17 -41.58
N ALA D 36 24.59 11.62 -41.23
CA ALA D 36 24.41 10.91 -39.96
C ALA D 36 25.16 9.60 -39.99
N ASP D 37 25.64 9.17 -38.82
CA ASP D 37 26.18 7.84 -38.70
C ASP D 37 25.05 6.91 -38.30
N ARG D 38 24.65 6.07 -39.25
CA ARG D 38 23.42 5.30 -39.16
C ARG D 38 23.43 4.28 -38.02
N GLU D 39 24.54 3.58 -37.86
CA GLU D 39 24.61 2.54 -36.86
C GLU D 39 24.45 3.02 -35.43
N SER D 40 25.13 4.12 -35.08
CA SER D 40 25.05 4.63 -33.73
C SER D 40 23.67 5.21 -33.53
N THR D 41 23.16 5.87 -34.57
CA THR D 41 21.83 6.45 -34.50
C THR D 41 20.75 5.37 -34.28
N GLN D 42 20.81 4.31 -35.07
CA GLN D 42 19.80 3.25 -35.00
C GLN D 42 19.85 2.49 -33.68
N LYS D 43 21.05 2.19 -33.17
CA LYS D 43 21.14 1.55 -31.85
C LYS D 43 20.56 2.44 -30.76
N ALA D 44 20.83 3.73 -30.82
CA ALA D 44 20.27 4.65 -29.84
C ALA D 44 18.73 4.64 -29.93
N ILE D 45 18.18 4.65 -31.15
CA ILE D 45 16.71 4.59 -31.30
C ILE D 45 16.11 3.30 -30.75
N ASP D 46 16.76 2.17 -31.04
CA ASP D 46 16.34 0.87 -30.54
C ASP D 46 16.39 0.82 -29.03
N GLY D 47 17.47 1.36 -28.49
CA GLY D 47 17.64 1.40 -27.05
C GLY D 47 16.59 2.29 -26.39
N ILE D 48 16.37 3.49 -26.92
CA ILE D 48 15.45 4.42 -26.30
C ILE D 48 14.01 3.94 -26.44
N THR D 49 13.66 3.40 -27.60
CA THR D 49 12.32 2.88 -27.85
C THR D 49 12.04 1.76 -26.85
N ASN D 50 13.07 0.93 -26.61
CA ASN D 50 12.95 -0.18 -25.66
C ASN D 50 12.74 0.33 -24.25
N LYS D 51 13.46 1.39 -23.89
CA LYS D 51 13.28 1.95 -22.55
C LYS D 51 11.85 2.47 -22.37
N VAL D 52 11.34 3.17 -23.38
CA VAL D 52 9.99 3.69 -23.32
C VAL D 52 8.96 2.53 -23.20
N ASN D 53 9.14 1.47 -23.98
CA ASN D 53 8.23 0.33 -23.94
C ASN D 53 8.36 -0.45 -22.64
N SER D 54 9.56 -0.55 -22.11
CA SER D 54 9.72 -1.26 -20.86
C SER D 54 8.98 -0.52 -19.74
N ILE D 55 9.15 0.80 -19.72
CA ILE D 55 8.52 1.64 -18.71
C ILE D 55 7.00 1.57 -18.83
N ILE D 56 6.51 1.67 -20.06
CA ILE D 56 5.07 1.56 -20.30
C ILE D 56 4.57 0.20 -19.84
N ASN D 57 5.32 -0.85 -20.15
CA ASN D 57 4.89 -2.18 -19.78
C ASN D 57 4.88 -2.39 -18.27
N LYS D 58 5.95 -1.97 -17.62
CA LYS D 58 6.10 -2.11 -16.16
C LYS D 58 5.04 -1.30 -15.44
N MET D 59 4.59 -0.22 -16.07
CA MET D 59 3.54 0.63 -15.49
C MET D 59 2.06 0.28 -15.86
N ASN D 60 1.85 -0.81 -16.60
CA ASN D 60 0.52 -1.13 -17.08
C ASN D 60 -0.36 -1.94 -16.11
N THR D 61 -0.29 -1.64 -14.83
CA THR D 61 -1.28 -2.19 -13.91
C THR D 61 -1.89 -0.98 -13.24
N GLN D 62 -3.16 -1.10 -12.84
CA GLN D 62 -3.83 0.01 -12.18
C GLN D 62 -4.23 -0.40 -10.78
N PHE D 63 -4.09 0.50 -9.83
CA PHE D 63 -4.82 0.38 -8.59
C PHE D 63 -6.24 0.92 -8.81
N GLU D 64 -7.23 0.23 -8.27
CA GLU D 64 -8.61 0.61 -8.55
C GLU D 64 -9.34 1.05 -7.28
N ALA D 65 -9.63 2.34 -7.20
CA ALA D 65 -10.35 2.87 -6.06
C ALA D 65 -11.83 2.50 -6.20
N VAL D 66 -12.57 2.47 -5.09
CA VAL D 66 -14.00 2.10 -5.20
C VAL D 66 -15.00 3.09 -4.65
N ASP D 67 -16.21 2.93 -5.14
CA ASP D 67 -17.31 3.83 -4.89
C ASP D 67 -18.08 3.54 -3.59
N HIS D 68 -17.59 2.59 -2.78
CA HIS D 68 -18.37 2.09 -1.63
C HIS D 68 -18.72 3.15 -0.60
N GLU D 69 -19.93 3.03 -0.07
CA GLU D 69 -20.45 3.92 0.94
C GLU D 69 -20.19 3.35 2.35
N PHE D 70 -20.10 4.25 3.31
CA PHE D 70 -19.91 3.88 4.71
C PHE D 70 -20.88 4.59 5.61
N SER D 71 -21.46 3.86 6.56
CA SER D 71 -22.52 4.40 7.42
C SER D 71 -21.90 5.29 8.52
N ASN D 72 -22.72 5.92 9.34
CA ASN D 72 -22.24 6.76 10.47
C ASN D 72 -21.57 5.98 11.61
N LEU D 73 -21.71 4.66 11.56
CA LEU D 73 -21.04 3.72 12.46
C LEU D 73 -19.82 3.04 11.79
N GLU D 74 -19.40 3.56 10.63
CA GLU D 74 -18.28 3.01 9.85
C GLU D 74 -17.18 4.05 9.52
N ARG D 75 -16.95 4.97 10.44
CA ARG D 75 -15.92 5.98 10.27
C ARG D 75 -14.53 5.35 10.20
N ARG D 76 -14.25 4.35 11.03
CA ARG D 76 -12.94 3.72 10.98
C ARG D 76 -12.68 2.98 9.68
N ILE D 77 -13.56 2.07 9.26
CA ILE D 77 -13.21 1.40 7.98
C ILE D 77 -13.26 2.35 6.78
N GLY D 78 -14.13 3.38 6.80
CA GLY D 78 -14.18 4.36 5.72
C GLY D 78 -12.87 5.11 5.61
N ASN D 79 -12.33 5.56 6.74
CA ASN D 79 -11.02 6.19 6.80
C ASN D 79 -9.88 5.23 6.45
N LEU D 80 -10.05 3.95 6.76
CA LEU D 80 -9.06 2.95 6.41
C LEU D 80 -8.98 2.87 4.87
N ASN D 81 -10.13 2.76 4.23
CA ASN D 81 -10.19 2.71 2.76
C ASN D 81 -9.62 3.98 2.11
N LYS D 82 -9.86 5.13 2.71
CA LYS D 82 -9.36 6.39 2.16
C LYS D 82 -7.83 6.47 2.28
N ARG D 83 -7.27 6.15 3.44
CA ARG D 83 -5.82 6.15 3.64
C ARG D 83 -5.16 5.11 2.74
N MET D 84 -5.81 3.96 2.60
CA MET D 84 -5.31 2.93 1.68
C MET D 84 -5.27 3.47 0.23
N GLU D 85 -6.40 4.01 -0.27
CA GLU D 85 -6.44 4.45 -1.66
C GLU D 85 -5.49 5.63 -1.94
N ASP D 86 -5.45 6.60 -1.02
CA ASP D 86 -4.52 7.70 -1.10
C ASP D 86 -3.08 7.21 -1.05
N GLY D 87 -2.84 6.18 -0.22
CA GLY D 87 -1.52 5.61 -0.03
C GLY D 87 -0.96 5.03 -1.32
N PHE D 88 -1.78 4.27 -2.03
CA PHE D 88 -1.33 3.70 -3.28
C PHE D 88 -1.14 4.81 -4.32
N LEU D 89 -2.03 5.80 -4.30
CA LEU D 89 -1.90 6.93 -5.18
C LEU D 89 -0.57 7.70 -4.97
N ASP D 90 -0.19 7.86 -3.71
CA ASP D 90 1.04 8.58 -3.38
C ASP D 90 2.27 7.79 -3.81
N VAL D 91 2.19 6.47 -3.63
CA VAL D 91 3.25 5.57 -4.05
C VAL D 91 3.46 5.56 -5.56
N TRP D 92 2.38 5.42 -6.33
CA TRP D 92 2.51 5.40 -7.80
C TRP D 92 2.90 6.75 -8.40
N THR D 93 2.40 7.84 -7.81
CA THR D 93 2.74 9.18 -8.27
C THR D 93 4.23 9.40 -8.05
N TYR D 94 4.74 8.90 -6.92
CA TYR D 94 6.16 8.99 -6.62
C TYR D 94 6.93 8.15 -7.62
N ASN D 95 6.51 6.91 -7.80
CA ASN D 95 7.25 6.02 -8.70
C ASN D 95 7.39 6.63 -10.09
N ALA D 96 6.30 7.15 -10.64
CA ALA D 96 6.30 7.74 -11.99
C ALA D 96 7.13 9.00 -12.08
N GLU D 97 6.94 9.92 -11.14
CA GLU D 97 7.62 11.22 -11.21
C GLU D 97 9.12 11.08 -11.00
N LEU D 98 9.53 10.27 -10.02
CA LEU D 98 10.96 10.09 -9.79
C LEU D 98 11.59 9.35 -10.94
N LEU D 99 10.91 8.32 -11.43
CA LEU D 99 11.43 7.55 -12.58
C LEU D 99 11.65 8.45 -13.82
N VAL D 100 10.74 9.38 -14.07
CA VAL D 100 10.92 10.26 -15.22
C VAL D 100 12.16 11.18 -15.07
N LEU D 101 12.37 11.75 -13.89
CA LEU D 101 13.48 12.66 -13.67
C LEU D 101 14.80 11.90 -13.81
N LEU D 102 14.82 10.69 -13.25
CA LEU D 102 15.99 9.84 -13.31
C LEU D 102 16.25 9.42 -14.73
N GLU D 103 15.24 8.88 -15.42
CA GLU D 103 15.50 8.35 -16.75
C GLU D 103 15.85 9.44 -17.77
N ASN D 104 15.28 10.63 -17.60
CA ASN D 104 15.62 11.72 -18.48
C ASN D 104 17.10 12.10 -18.35
N GLU D 105 17.62 12.10 -17.12
CA GLU D 105 19.03 12.37 -16.87
C GLU D 105 19.88 11.33 -17.55
N ARG D 106 19.57 10.06 -17.33
CA ARG D 106 20.38 8.98 -17.90
C ARG D 106 20.29 8.91 -19.44
N THR D 107 19.10 9.20 -19.97
CA THR D 107 18.90 9.24 -21.42
C THR D 107 19.80 10.30 -22.07
N LEU D 108 19.92 11.48 -21.46
CA LEU D 108 20.77 12.53 -22.02
C LEU D 108 22.23 12.12 -21.97
N ASP D 109 22.63 11.43 -20.90
CA ASP D 109 24.00 10.95 -20.75
C ASP D 109 24.30 9.94 -21.85
N LEU D 110 23.35 9.07 -22.16
CA LEU D 110 23.54 8.04 -23.18
C LEU D 110 23.79 8.71 -24.54
N HIS D 111 23.03 9.75 -24.88
CA HIS D 111 23.26 10.53 -26.10
C HIS D 111 24.63 11.19 -26.08
N ASP D 112 24.97 11.75 -24.93
CA ASP D 112 26.26 12.40 -24.75
C ASP D 112 27.41 11.41 -25.01
N ALA D 113 27.31 10.22 -24.41
CA ALA D 113 28.35 9.18 -24.63
C ALA D 113 28.41 8.71 -26.07
N ASN D 114 27.27 8.58 -26.73
CA ASN D 114 27.30 8.09 -28.11
C ASN D 114 28.06 9.07 -29.01
N VAL D 115 27.86 10.37 -28.81
CA VAL D 115 28.62 11.40 -29.52
C VAL D 115 30.12 11.35 -29.19
N LYS D 116 30.42 11.23 -27.90
CA LYS D 116 31.77 11.21 -27.42
C LYS D 116 32.50 10.01 -27.99
N ASN D 117 31.84 8.87 -28.07
CA ASN D 117 32.50 7.68 -28.61
C ASN D 117 32.75 7.75 -30.12
N LEU D 118 31.88 8.43 -30.85
CA LEU D 118 32.07 8.56 -32.29
C LEU D 118 33.30 9.44 -32.54
N TYR D 119 33.44 10.44 -31.69
CA TYR D 119 34.53 11.38 -31.78
C TYR D 119 35.85 10.69 -31.48
N GLU D 120 35.89 9.86 -30.43
CA GLU D 120 37.10 9.11 -30.13
C GLU D 120 37.44 8.09 -31.22
N LYS D 121 36.42 7.51 -31.84
CA LYS D 121 36.61 6.61 -32.98
C LYS D 121 37.39 7.28 -34.13
N VAL D 122 37.07 8.53 -34.44
CA VAL D 122 37.77 9.25 -35.50
C VAL D 122 39.16 9.69 -35.07
N LYS D 123 39.27 10.22 -33.86
CA LYS D 123 40.52 10.74 -33.34
C LYS D 123 41.63 9.67 -33.29
N SER D 124 41.29 8.44 -32.89
CA SER D 124 42.30 7.37 -32.89
C SER D 124 42.72 6.97 -34.32
N GLN D 125 41.81 6.96 -35.29
CA GLN D 125 42.21 6.68 -36.67
C GLN D 125 43.16 7.73 -37.28
N LEU D 126 42.85 9.01 -37.11
CA LEU D 126 43.58 10.08 -37.74
C LEU D 126 45.00 10.30 -37.19
N ARG D 127 45.17 10.11 -35.89
CA ARG D 127 46.47 10.31 -35.25
C ARG D 127 47.01 11.70 -35.58
N ASP D 128 48.26 11.79 -36.00
CA ASP D 128 48.85 13.07 -36.32
C ASP D 128 48.72 13.45 -37.80
N ASN D 129 48.00 12.65 -38.57
CA ASN D 129 47.63 13.02 -39.95
C ASN D 129 46.57 14.12 -39.97
N ALA D 130 46.02 14.42 -38.80
CA ALA D 130 45.04 15.50 -38.69
C ALA D 130 45.31 16.33 -37.46
N ASN D 131 44.82 17.55 -37.49
CA ASN D 131 45.01 18.48 -36.40
C ASN D 131 43.69 18.76 -35.71
N ASP D 132 43.67 18.74 -34.40
CA ASP D 132 42.42 18.97 -33.71
C ASP D 132 42.20 20.48 -33.60
N LEU D 133 41.24 20.98 -34.38
CA LEU D 133 40.64 22.28 -34.12
C LEU D 133 39.72 22.02 -32.95
N GLY D 134 39.16 23.05 -32.35
CA GLY D 134 38.18 22.80 -31.30
C GLY D 134 36.87 22.26 -31.85
N ASN D 135 35.94 21.95 -30.94
CA ASN D 135 34.55 21.73 -31.28
C ASN D 135 34.31 20.40 -32.00
N GLY D 136 35.17 19.42 -31.73
CA GLY D 136 35.03 18.11 -32.34
C GLY D 136 35.39 18.07 -33.81
N CYS D 137 36.20 19.03 -34.25
CA CYS D 137 36.57 19.16 -35.66
C CYS D 137 38.04 18.79 -35.88
N PHE D 138 38.32 18.05 -36.94
CA PHE D 138 39.71 17.73 -37.29
C PHE D 138 40.09 18.33 -38.64
N GLU D 139 41.27 18.95 -38.71
CA GLU D 139 41.78 19.43 -39.98
C GLU D 139 42.85 18.46 -40.48
N PHE D 140 42.58 17.87 -41.64
CA PHE D 140 43.53 16.94 -42.22
C PHE D 140 44.81 17.67 -42.67
N TRP D 141 45.95 17.02 -42.45
CA TRP D 141 47.24 17.56 -42.86
C TRP D 141 47.51 17.16 -44.30
N HIS D 142 46.56 16.44 -44.88
CA HIS D 142 46.67 15.92 -46.24
C HIS D 142 45.37 16.20 -46.97
N LYS D 143 45.37 16.09 -48.29
CA LYS D 143 44.12 16.18 -49.03
C LYS D 143 43.27 14.96 -48.68
N CYS D 144 42.02 15.18 -48.26
CA CYS D 144 41.15 14.03 -47.96
C CYS D 144 39.95 13.97 -48.89
N ASP D 145 39.97 12.91 -49.68
CA ASP D 145 39.04 12.60 -50.76
C ASP D 145 37.64 12.40 -50.17
N ASN D 146 36.61 12.31 -51.01
CA ASN D 146 35.33 11.83 -50.55
C ASN D 146 35.46 10.40 -50.08
N GLU D 147 36.25 9.66 -50.85
CA GLU D 147 36.55 8.26 -50.60
C GLU D 147 37.32 8.16 -49.29
N CYS D 148 38.22 9.12 -49.08
CA CYS D 148 38.95 9.23 -47.83
C CYS D 148 37.99 9.54 -46.66
N MET D 149 37.04 10.44 -46.87
CA MET D 149 36.06 10.74 -45.84
C MET D 149 35.20 9.52 -45.51
N GLU D 150 34.83 8.74 -46.51
CA GLU D 150 34.01 7.56 -46.28
C GLU D 150 34.79 6.59 -45.41
N SER D 151 36.08 6.47 -45.70
CA SER D 151 36.98 5.58 -44.97
C SER D 151 37.11 5.97 -43.50
N VAL D 152 37.12 7.27 -43.20
CA VAL D 152 37.17 7.70 -41.80
C VAL D 152 35.86 7.31 -41.08
N LYS D 153 34.74 7.51 -41.77
CA LYS D 153 33.44 7.19 -41.20
C LYS D 153 33.20 5.69 -40.98
N ASN D 154 33.62 4.86 -41.93
CA ASN D 154 33.34 3.43 -41.80
C ASN D 154 34.50 2.70 -41.15
N GLY D 155 35.47 3.47 -40.66
CA GLY D 155 36.58 2.97 -39.86
C GLY D 155 37.75 2.33 -40.57
N THR D 156 37.80 2.50 -41.90
CA THR D 156 38.83 1.86 -42.73
C THR D 156 39.98 2.81 -43.15
N TYR D 157 40.08 3.96 -42.49
CA TYR D 157 41.01 5.02 -42.87
C TYR D 157 42.46 4.52 -42.87
N ASP D 158 43.21 4.89 -43.90
CA ASP D 158 44.58 4.40 -44.06
C ASP D 158 45.58 5.43 -43.57
N TYR D 159 46.03 5.30 -42.35
CA TYR D 159 47.01 6.23 -41.82
C TYR D 159 48.34 6.13 -42.58
N PRO D 160 48.80 4.89 -42.89
CA PRO D 160 50.09 4.88 -43.61
C PRO D 160 50.02 5.61 -44.95
N LYS D 161 48.93 5.42 -45.69
CA LYS D 161 48.82 5.91 -47.06
C LYS D 161 49.02 7.43 -47.16
N TYR D 162 48.53 8.16 -46.16
CA TYR D 162 48.66 9.63 -46.14
C TYR D 162 49.76 10.17 -45.20
N GLN D 163 50.55 9.29 -44.58
CA GLN D 163 51.53 9.73 -43.60
C GLN D 163 52.65 10.67 -44.12
N LYS D 164 53.25 10.33 -45.25
CA LYS D 164 54.34 11.17 -45.78
C LYS D 164 53.82 12.54 -46.22
N GLU D 165 52.68 12.56 -46.88
CA GLU D 165 52.06 13.81 -47.30
C GLU D 165 51.76 14.70 -46.09
N SER D 166 51.24 14.10 -45.02
CA SER D 166 50.83 14.82 -43.82
C SER D 166 51.97 15.47 -43.07
N LYS D 167 53.07 14.74 -42.90
CA LYS D 167 54.25 15.24 -42.17
C LYS D 167 54.90 16.42 -42.88
N LEU D 168 54.94 16.35 -44.20
CA LEU D 168 55.52 17.44 -44.98
C LEU D 168 54.76 18.73 -44.76
N ASN D 169 53.43 18.63 -44.74
CA ASN D 169 52.57 19.79 -44.53
C ASN D 169 52.60 20.31 -43.09
N ARG D 170 52.57 19.39 -42.14
CA ARG D 170 52.36 19.73 -40.74
C ARG D 170 53.48 20.64 -40.23
N GLN D 171 54.69 20.46 -40.77
CA GLN D 171 55.84 21.22 -40.27
C GLN D 171 56.53 22.11 -41.30
N GLY D 172 56.02 22.11 -42.54
CA GLY D 172 56.38 23.17 -43.47
C GLY D 172 55.82 24.47 -42.93
N ILE D 173 54.65 24.34 -42.33
CA ILE D 173 53.86 25.43 -41.76
C ILE D 173 54.65 26.36 -40.83
N PRO E 3 53.85 -7.16 -37.70
CA PRO E 3 55.23 -7.57 -37.44
C PRO E 3 55.74 -7.16 -36.05
N GLY E 4 55.36 -5.96 -35.59
CA GLY E 4 55.74 -5.50 -34.26
C GLY E 4 55.02 -6.30 -33.20
N ASP E 5 55.61 -6.39 -32.02
CA ASP E 5 54.99 -7.00 -30.87
C ASP E 5 53.71 -6.21 -30.48
N LYS E 6 52.74 -6.89 -29.87
CA LYS E 6 51.45 -6.27 -29.53
C LYS E 6 50.98 -6.60 -28.11
N ILE E 7 50.35 -5.62 -27.47
CA ILE E 7 49.57 -5.90 -26.26
C ILE E 7 48.19 -5.24 -26.41
N CYS E 8 47.14 -6.00 -26.09
CA CYS E 8 45.75 -5.62 -26.35
C CYS E 8 44.93 -5.63 -25.07
N ILE E 9 43.97 -4.72 -24.96
CA ILE E 9 43.06 -4.75 -23.83
C ILE E 9 41.74 -5.35 -24.24
N GLY E 10 41.19 -6.19 -23.38
CA GLY E 10 40.05 -7.01 -23.75
C GLY E 10 39.26 -7.46 -22.55
N TYR E 11 38.22 -8.24 -22.81
CA TYR E 11 37.34 -8.67 -21.74
C TYR E 11 36.94 -10.14 -21.91
N HIS E 12 36.49 -10.73 -20.82
CA HIS E 12 36.08 -12.14 -20.79
C HIS E 12 34.89 -12.47 -21.68
N ALA E 13 34.94 -13.68 -22.24
CA ALA E 13 33.84 -14.28 -22.99
C ALA E 13 33.79 -15.73 -22.55
N ASN E 14 32.64 -16.39 -22.68
CA ASN E 14 32.51 -17.79 -22.29
C ASN E 14 31.32 -18.43 -23.01
N ASN E 15 31.07 -19.72 -22.78
CA ASN E 15 30.01 -20.45 -23.51
C ASN E 15 28.57 -20.14 -23.02
N SER E 16 28.40 -19.13 -22.17
CA SER E 16 27.07 -18.82 -21.64
C SER E 16 26.08 -18.48 -22.72
N THR E 17 24.88 -19.05 -22.57
CA THR E 17 23.69 -18.73 -23.37
C THR E 17 22.60 -18.12 -22.48
N THR E 18 22.91 -17.91 -21.20
CA THR E 18 22.01 -17.24 -20.26
C THR E 18 21.88 -15.73 -20.56
N GLN E 19 20.63 -15.24 -20.63
CA GLN E 19 20.36 -13.86 -20.99
C GLN E 19 19.66 -13.06 -19.91
N VAL E 20 19.85 -11.74 -19.99
CA VAL E 20 19.11 -10.83 -19.13
C VAL E 20 18.45 -9.78 -20.00
N ASP E 21 17.52 -9.04 -19.38
CA ASP E 21 16.91 -7.87 -20.01
C ASP E 21 17.42 -6.63 -19.31
N THR E 22 17.50 -5.53 -20.04
CA THR E 22 17.82 -4.23 -19.47
C THR E 22 16.81 -3.24 -20.02
N LEU E 23 16.79 -2.03 -19.48
CA LEU E 23 15.89 -1.01 -20.01
C LEU E 23 16.12 -0.73 -21.47
N LEU E 24 17.40 -0.72 -21.88
CA LEU E 24 17.80 -0.49 -23.27
C LEU E 24 17.62 -1.69 -24.18
N GLU E 25 17.86 -2.88 -23.64
CA GLU E 25 17.90 -4.05 -24.49
C GLU E 25 17.38 -5.33 -23.87
N LYS E 26 16.75 -6.15 -24.69
CA LYS E 26 16.20 -7.41 -24.23
C LYS E 26 17.10 -8.53 -24.73
N ASN E 27 17.06 -9.66 -24.02
CA ASN E 27 17.76 -10.88 -24.43
C ASN E 27 19.28 -10.67 -24.66
N VAL E 28 19.94 -9.98 -23.72
CA VAL E 28 21.38 -9.80 -23.81
C VAL E 28 22.12 -10.95 -23.16
N THR E 29 22.83 -11.74 -23.96
CA THR E 29 23.61 -12.81 -23.37
C THR E 29 24.76 -12.21 -22.58
N VAL E 30 24.95 -12.75 -21.39
CA VAL E 30 25.82 -12.21 -20.37
C VAL E 30 26.65 -13.36 -19.76
N THR E 31 27.92 -13.08 -19.45
CA THR E 31 28.84 -14.11 -18.97
C THR E 31 28.48 -14.75 -17.63
N HIS E 32 28.02 -13.93 -16.70
CA HIS E 32 27.65 -14.39 -15.37
C HIS E 32 26.39 -13.65 -14.93
N SER E 33 25.48 -14.37 -14.27
CA SER E 33 24.24 -13.76 -13.81
C SER E 33 23.65 -14.56 -12.64
N VAL E 34 22.73 -13.94 -11.91
CA VAL E 34 22.03 -14.63 -10.82
C VAL E 34 20.52 -14.46 -10.90
N GLU E 35 19.81 -15.56 -10.67
CA GLU E 35 18.36 -15.54 -10.66
C GLU E 35 17.91 -15.28 -9.24
N LEU E 36 17.15 -14.21 -9.02
CA LEU E 36 16.75 -13.88 -7.67
C LEU E 36 15.36 -14.46 -7.31
N LEU E 37 14.70 -15.06 -8.29
CA LEU E 37 13.32 -15.52 -8.13
C LEU E 37 13.25 -17.04 -8.14
N GLU E 38 12.43 -17.57 -7.21
CA GLU E 38 12.19 -19.00 -7.04
C GLU E 38 10.81 -19.42 -7.52
N ASN E 39 10.76 -20.31 -8.50
CA ASN E 39 9.47 -20.75 -9.02
C ASN E 39 9.15 -22.21 -8.75
N GLN E 40 9.95 -22.87 -7.91
CA GLN E 40 9.77 -24.30 -7.67
C GLN E 40 9.36 -24.56 -6.21
N LYS E 41 8.59 -25.63 -6.02
CA LYS E 41 8.03 -25.91 -4.71
C LYS E 41 7.86 -27.42 -4.51
N GLU E 42 7.80 -27.83 -3.25
CA GLU E 42 7.49 -29.22 -2.94
C GLU E 42 5.99 -29.24 -2.69
N LYS E 43 5.23 -30.02 -3.45
CA LYS E 43 3.77 -30.02 -3.33
C LYS E 43 3.30 -30.82 -2.12
N ARG E 44 3.61 -30.32 -0.92
CA ARG E 44 3.25 -31.02 0.27
C ARG E 44 3.34 -30.06 1.44
N PHE E 45 2.88 -30.55 2.59
CA PHE E 45 2.89 -29.82 3.84
C PHE E 45 3.91 -30.46 4.78
N CYS E 46 4.74 -29.63 5.40
CA CYS E 46 5.80 -30.13 6.28
C CYS E 46 5.72 -29.50 7.64
N LYS E 47 6.53 -30.02 8.55
CA LYS E 47 6.63 -29.39 9.85
C LYS E 47 7.27 -28.02 9.65
N ILE E 48 6.95 -27.10 10.55
CA ILE E 48 7.57 -25.78 10.60
C ILE E 48 8.14 -25.60 12.00
N MET E 49 9.43 -25.27 12.09
CA MET E 49 10.10 -25.16 13.38
C MET E 49 10.02 -26.51 14.09
N ASN E 50 10.06 -27.57 13.29
CA ASN E 50 9.93 -28.96 13.72
C ASN E 50 8.63 -29.23 14.47
N LYS E 51 7.56 -28.58 14.03
CA LYS E 51 6.24 -28.80 14.60
C LYS E 51 5.21 -29.17 13.52
N ALA E 52 4.49 -30.26 13.78
CA ALA E 52 3.54 -30.82 12.85
C ALA E 52 2.36 -29.87 12.68
N PRO E 53 1.75 -29.87 11.50
CA PRO E 53 0.53 -29.09 11.35
C PRO E 53 -0.67 -29.91 11.86
N LEU E 54 -1.82 -29.27 12.06
CA LEU E 54 -3.00 -30.05 12.44
C LEU E 54 -3.83 -30.34 11.20
N ASP E 55 -4.02 -31.63 10.93
CA ASP E 55 -4.80 -32.07 9.78
C ASP E 55 -6.24 -32.28 10.31
N LEU E 56 -7.20 -31.47 9.85
CA LEU E 56 -8.57 -31.53 10.37
C LEU E 56 -9.36 -32.63 9.66
N LYS E 57 -8.72 -33.22 8.66
CA LYS E 57 -9.21 -34.42 7.96
C LYS E 57 -10.56 -34.19 7.32
N ASP E 58 -11.57 -34.90 7.83
CA ASP E 58 -12.93 -34.84 7.28
C ASP E 58 -13.80 -33.88 8.08
N CYS E 59 -13.17 -33.07 8.93
CA CYS E 59 -13.91 -32.13 9.77
C CYS E 59 -13.51 -30.71 9.32
N THR E 60 -14.47 -29.79 9.27
CA THR E 60 -14.18 -28.37 9.10
C THR E 60 -13.75 -27.82 10.45
N ILE E 61 -13.34 -26.56 10.49
CA ILE E 61 -12.98 -25.97 11.79
C ILE E 61 -14.18 -26.01 12.78
N GLU E 62 -15.38 -25.73 12.29
CA GLU E 62 -16.59 -25.77 13.15
C GLU E 62 -16.80 -27.17 13.75
N GLY E 63 -16.60 -28.19 12.92
CA GLY E 63 -16.78 -29.56 13.33
C GLY E 63 -15.84 -29.93 14.47
N TRP E 64 -14.59 -29.52 14.33
CA TRP E 64 -13.57 -29.80 15.30
C TRP E 64 -13.84 -29.09 16.64
N ILE E 65 -13.93 -27.76 16.66
CA ILE E 65 -14.03 -27.10 17.96
C ILE E 65 -15.38 -27.19 18.70
N LEU E 66 -16.48 -27.41 17.99
CA LEU E 66 -17.78 -27.67 18.66
C LEU E 66 -17.83 -29.12 19.18
N GLY E 67 -16.91 -29.93 18.70
CA GLY E 67 -16.90 -31.36 19.00
C GLY E 67 -18.02 -32.18 18.38
N ASN E 68 -18.19 -32.00 17.08
CA ASN E 68 -19.06 -32.86 16.30
C ASN E 68 -18.65 -34.30 16.56
N PRO E 69 -19.63 -35.18 16.82
CA PRO E 69 -19.37 -36.58 17.22
C PRO E 69 -18.53 -37.37 16.23
N LYS E 70 -18.50 -36.98 14.95
CA LYS E 70 -17.66 -37.67 13.97
C LYS E 70 -16.25 -37.13 13.92
N CYS E 71 -15.94 -36.19 14.81
CA CYS E 71 -14.65 -35.53 14.79
C CYS E 71 -13.89 -35.95 16.04
N ASP E 72 -14.25 -37.11 16.55
CA ASP E 72 -13.71 -37.57 17.82
C ASP E 72 -12.21 -37.75 17.71
N LEU E 73 -11.74 -38.17 16.55
CA LEU E 73 -10.31 -38.39 16.39
C LEU E 73 -9.52 -37.09 16.70
N LEU E 74 -10.07 -35.93 16.35
CA LEU E 74 -9.47 -34.64 16.72
C LEU E 74 -9.56 -34.31 18.20
N LEU E 75 -10.48 -34.98 18.89
CA LEU E 75 -10.94 -34.56 20.21
C LEU E 75 -9.84 -34.49 21.30
N GLY E 76 -9.84 -33.38 22.04
CA GLY E 76 -9.19 -33.25 23.35
C GLY E 76 -7.85 -32.62 23.78
N ASP E 77 -6.85 -32.47 22.92
CA ASP E 77 -5.68 -31.62 23.22
C ASP E 77 -4.96 -31.46 21.89
N GLN E 78 -4.46 -30.28 21.54
CA GLN E 78 -3.81 -30.12 20.22
C GLN E 78 -2.83 -28.98 20.24
N SER E 79 -1.64 -29.19 19.66
CA SER E 79 -0.67 -28.10 19.40
C SER E 79 -0.28 -28.16 17.92
N TRP E 80 -0.23 -27.00 17.24
CA TRP E 80 -0.03 -26.97 15.79
C TRP E 80 0.87 -25.83 15.33
N SER E 81 1.67 -26.10 14.31
CA SER E 81 2.43 -25.04 13.63
C SER E 81 1.53 -24.23 12.69
N TYR E 82 0.55 -24.89 12.09
CA TYR E 82 -0.49 -24.28 11.28
C TYR E 82 -1.58 -25.29 11.03
N ILE E 83 -2.75 -24.83 10.59
CA ILE E 83 -3.91 -25.72 10.41
C ILE E 83 -4.15 -26.02 8.95
N VAL E 84 -4.40 -27.29 8.63
CA VAL E 84 -4.82 -27.66 7.29
C VAL E 84 -6.29 -28.12 7.33
N GLU E 85 -7.16 -27.41 6.60
CA GLU E 85 -8.57 -27.76 6.49
C GLU E 85 -8.82 -28.22 5.06
N ARG E 86 -9.30 -29.45 4.94
CA ARG E 86 -9.62 -30.05 3.66
C ARG E 86 -10.93 -29.50 3.09
N PRO E 87 -10.92 -29.17 1.78
CA PRO E 87 -12.02 -28.47 1.09
C PRO E 87 -13.32 -29.24 1.14
N ASN E 88 -13.24 -30.56 1.02
CA ASN E 88 -14.43 -31.39 0.99
C ASN E 88 -14.78 -32.01 2.34
N ALA E 89 -14.16 -31.50 3.40
CA ALA E 89 -14.44 -32.02 4.74
C ALA E 89 -15.95 -31.89 4.99
N GLN E 90 -16.57 -32.99 5.40
CA GLN E 90 -18.04 -33.01 5.48
C GLN E 90 -18.59 -32.79 6.88
N ASN E 91 -17.78 -32.92 7.92
CA ASN E 91 -18.34 -32.82 9.27
C ASN E 91 -18.11 -31.47 9.97
N GLY E 92 -19.17 -30.66 10.01
CA GLY E 92 -19.12 -29.35 10.63
C GLY E 92 -20.26 -29.16 11.63
N ILE E 93 -21.16 -28.23 11.32
CA ILE E 93 -22.32 -28.01 12.17
C ILE E 93 -23.36 -29.05 11.76
N CYS E 94 -23.49 -30.11 12.54
CA CYS E 94 -24.38 -31.23 12.21
C CYS E 94 -25.86 -30.87 12.43
N TYR E 95 -26.15 -30.15 13.50
CA TYR E 95 -27.49 -29.66 13.76
C TYR E 95 -27.58 -28.24 13.22
N PRO E 96 -28.51 -27.97 12.26
CA PRO E 96 -28.47 -26.73 11.47
C PRO E 96 -28.67 -25.50 12.33
N GLY E 97 -27.94 -24.45 11.98
CA GLY E 97 -28.05 -23.20 12.69
C GLY E 97 -26.80 -22.43 12.34
N VAL E 98 -26.66 -21.24 12.90
CA VAL E 98 -25.62 -20.31 12.52
C VAL E 98 -24.62 -20.20 13.66
N LEU E 99 -23.34 -20.38 13.34
CA LEU E 99 -22.30 -20.10 14.33
C LEU E 99 -21.98 -18.62 14.19
N ASN E 100 -22.53 -17.85 15.12
CA ASN E 100 -22.39 -16.40 15.07
C ASN E 100 -20.96 -15.89 15.22
N GLU E 101 -20.63 -14.87 14.44
CA GLU E 101 -19.27 -14.31 14.38
C GLU E 101 -18.29 -15.41 13.99
N LEU E 102 -18.60 -16.13 12.94
CA LEU E 102 -17.82 -17.26 12.48
C LEU E 102 -16.44 -16.87 11.95
N GLU E 103 -16.39 -15.82 11.13
CA GLU E 103 -15.13 -15.45 10.48
C GLU E 103 -14.15 -15.00 11.56
N GLU E 104 -14.66 -14.22 12.49
CA GLU E 104 -13.87 -13.72 13.59
C GLU E 104 -13.40 -14.86 14.54
N LEU E 105 -14.21 -15.91 14.68
CA LEU E 105 -13.76 -17.13 15.39
C LEU E 105 -12.62 -17.83 14.66
N LYS E 106 -12.75 -17.97 13.34
CA LYS E 106 -11.77 -18.67 12.52
C LYS E 106 -10.45 -17.88 12.68
N ALA E 107 -10.54 -16.55 12.66
CA ALA E 107 -9.36 -15.69 12.82
C ALA E 107 -8.72 -15.82 14.21
N PHE E 108 -9.53 -15.99 15.24
CA PHE E 108 -8.99 -16.17 16.59
C PHE E 108 -8.28 -17.55 16.70
N ILE E 109 -8.94 -18.62 16.26
CA ILE E 109 -8.36 -19.95 16.38
C ILE E 109 -7.07 -20.04 15.57
N GLY E 110 -7.09 -19.54 14.35
CA GLY E 110 -5.85 -19.38 13.64
C GLY E 110 -5.50 -17.93 13.85
N SER E 111 -4.51 -17.64 14.68
CA SER E 111 -3.86 -18.60 15.52
C SER E 111 -3.44 -17.88 16.79
N GLY E 112 -3.22 -18.61 17.89
CA GLY E 112 -3.49 -20.03 17.98
C GLY E 112 -2.31 -20.98 17.76
N GLU E 113 -1.76 -21.56 18.82
CA GLU E 113 -0.77 -22.63 18.61
C GLU E 113 -1.11 -23.89 19.38
N ARG E 114 -1.91 -23.79 20.44
CA ARG E 114 -2.35 -24.97 21.20
C ARG E 114 -3.68 -24.76 21.92
N VAL E 115 -4.47 -25.82 22.03
CA VAL E 115 -5.59 -25.81 22.96
C VAL E 115 -5.51 -26.99 23.91
N GLU E 116 -5.94 -26.73 25.15
CA GLU E 116 -6.14 -27.77 26.13
C GLU E 116 -7.64 -27.89 26.45
N ARG E 117 -8.21 -29.06 26.19
CA ARG E 117 -9.64 -29.26 26.35
C ARG E 117 -9.88 -29.72 27.77
N PHE E 118 -10.78 -29.02 28.45
CA PHE E 118 -11.11 -29.35 29.84
C PHE E 118 -12.64 -29.19 30.04
N GLU E 119 -13.13 -29.77 31.11
CA GLU E 119 -14.57 -29.74 31.40
C GLU E 119 -14.87 -28.45 32.16
N MET E 120 -15.38 -27.43 31.46
CA MET E 120 -15.75 -26.15 32.09
C MET E 120 -16.98 -26.21 33.02
N PHE E 121 -18.04 -26.91 32.59
CA PHE E 121 -19.25 -27.05 33.39
C PHE E 121 -19.64 -28.53 33.47
N PRO E 122 -19.47 -29.13 34.64
CA PRO E 122 -19.93 -30.53 34.74
C PRO E 122 -21.46 -30.58 34.58
N LYS E 123 -22.00 -31.68 34.07
CA LYS E 123 -23.45 -31.77 33.86
C LYS E 123 -24.19 -31.50 35.18
N SER E 124 -23.58 -31.90 36.29
CA SER E 124 -24.07 -31.62 37.63
C SER E 124 -24.34 -30.15 37.94
N THR E 125 -23.87 -29.27 37.07
CA THR E 125 -23.94 -27.82 37.29
C THR E 125 -25.39 -27.35 37.29
N TRP E 126 -26.21 -28.04 36.50
CA TRP E 126 -27.58 -27.61 36.28
C TRP E 126 -28.53 -28.49 37.07
N ALA E 127 -29.27 -27.87 37.98
CA ALA E 127 -30.06 -28.63 38.94
C ALA E 127 -31.48 -28.70 38.45
N GLY E 128 -32.09 -29.86 38.65
CA GLY E 128 -33.49 -30.07 38.35
C GLY E 128 -33.78 -30.37 36.91
N VAL E 129 -32.75 -30.52 36.09
CA VAL E 129 -32.96 -30.79 34.66
C VAL E 129 -32.28 -32.06 34.17
N ASP E 130 -32.76 -32.56 33.03
CA ASP E 130 -32.17 -33.74 32.40
C ASP E 130 -31.02 -33.32 31.45
N THR E 131 -29.82 -33.82 31.73
CA THR E 131 -28.64 -33.61 30.92
C THR E 131 -28.28 -34.84 30.07
N SER E 132 -28.99 -35.94 30.29
CA SER E 132 -28.71 -37.21 29.58
C SER E 132 -29.46 -37.46 28.27
N ARG E 133 -30.41 -36.60 27.90
CA ARG E 133 -31.24 -36.85 26.71
C ARG E 133 -31.00 -35.92 25.48
N GLY E 134 -30.12 -34.93 25.61
CA GLY E 134 -29.94 -33.99 24.52
C GLY E 134 -29.12 -34.55 23.37
N VAL E 135 -29.72 -35.49 22.64
CA VAL E 135 -29.09 -36.06 21.46
C VAL E 135 -30.00 -35.87 20.24
N THR E 136 -29.44 -36.03 19.04
CA THR E 136 -30.25 -35.84 17.83
C THR E 136 -29.79 -36.73 16.67
N ASN E 137 -30.76 -37.14 15.86
CA ASN E 137 -30.48 -37.92 14.65
C ASN E 137 -29.71 -37.09 13.62
N ALA E 138 -29.76 -35.76 13.74
CA ALA E 138 -28.94 -34.87 12.92
C ALA E 138 -27.43 -35.04 13.19
N CYS E 139 -27.09 -35.41 14.42
CA CYS E 139 -25.69 -35.49 14.84
C CYS E 139 -25.34 -36.92 15.24
N PRO E 140 -25.26 -37.85 14.27
CA PRO E 140 -24.84 -39.21 14.59
C PRO E 140 -23.34 -39.25 14.88
N SER E 141 -22.90 -40.13 15.78
CA SER E 141 -21.49 -40.51 15.80
C SER E 141 -21.34 -41.63 14.79
N TYR E 142 -20.11 -42.13 14.62
CA TYR E 142 -19.88 -43.31 13.78
C TYR E 142 -20.54 -44.58 14.36
N THR E 143 -20.54 -44.71 15.69
CA THR E 143 -21.23 -45.83 16.33
C THR E 143 -22.75 -45.70 16.63
N ILE E 144 -23.24 -44.51 16.95
CA ILE E 144 -24.66 -44.38 17.31
C ILE E 144 -25.38 -43.34 16.45
N ASP E 145 -26.65 -43.60 16.12
CA ASP E 145 -27.40 -42.71 15.23
C ASP E 145 -27.76 -41.35 15.79
N SER E 146 -28.00 -41.28 17.09
CA SER E 146 -28.33 -40.00 17.72
C SER E 146 -27.33 -39.60 18.78
N SER E 147 -26.67 -38.47 18.59
CA SER E 147 -25.62 -38.04 19.49
C SER E 147 -25.65 -36.52 19.57
N PHE E 148 -24.61 -35.91 20.14
CA PHE E 148 -24.55 -34.45 20.17
C PHE E 148 -23.09 -34.01 20.22
N TYR E 149 -22.86 -32.72 20.07
CA TYR E 149 -21.50 -32.13 20.16
C TYR E 149 -20.89 -32.51 21.49
N ARG E 150 -19.58 -32.74 21.53
CA ARG E 150 -19.00 -33.18 22.80
C ARG E 150 -18.77 -32.01 23.74
N ASN E 151 -18.85 -30.78 23.21
CA ASN E 151 -18.49 -29.63 24.01
C ASN E 151 -19.72 -28.89 24.51
N LEU E 152 -20.89 -29.41 24.18
CA LEU E 152 -22.12 -28.78 24.61
C LEU E 152 -23.08 -29.80 25.20
N VAL E 153 -23.94 -29.35 26.10
CA VAL E 153 -25.04 -30.21 26.56
C VAL E 153 -26.37 -29.61 26.19
N TRP E 154 -27.13 -30.35 25.39
CA TRP E 154 -28.48 -29.95 25.07
C TRP E 154 -29.41 -30.34 26.25
N ILE E 155 -29.56 -29.41 27.18
CA ILE E 155 -30.35 -29.60 28.38
C ILE E 155 -31.85 -29.61 28.08
N VAL E 156 -32.55 -30.55 28.70
CA VAL E 156 -33.98 -30.76 28.46
C VAL E 156 -34.73 -31.00 29.79
N LYS E 157 -36.06 -30.83 29.76
CA LYS E 157 -36.97 -31.01 30.89
C LYS E 157 -36.83 -32.36 31.60
N THR E 158 -36.83 -32.37 32.92
CA THR E 158 -36.95 -33.63 33.65
C THR E 158 -38.35 -34.18 33.34
N ASP E 159 -38.55 -35.48 33.46
CA ASP E 159 -39.84 -36.04 33.07
C ASP E 159 -40.99 -35.41 33.84
N SER E 160 -40.77 -35.15 35.11
CA SER E 160 -41.81 -34.54 35.92
C SER E 160 -41.44 -33.10 36.26
N ALA E 161 -42.43 -32.23 36.19
CA ALA E 161 -42.27 -30.82 36.53
C ALA E 161 -41.73 -29.95 35.40
N THR E 162 -41.67 -28.66 35.71
CA THR E 162 -41.19 -27.65 34.79
C THR E 162 -39.68 -27.54 34.77
N TYR E 163 -39.18 -26.81 33.78
CA TYR E 163 -37.77 -26.57 33.61
C TYR E 163 -37.54 -25.42 34.56
N PRO E 164 -36.74 -25.63 35.61
CA PRO E 164 -36.50 -24.57 36.60
C PRO E 164 -35.46 -23.56 36.13
N VAL E 165 -35.26 -22.50 36.90
CA VAL E 165 -34.13 -21.62 36.65
C VAL E 165 -32.88 -22.45 36.94
N ILE E 166 -31.96 -22.53 35.99
CA ILE E 166 -30.68 -23.20 36.23
C ILE E 166 -29.56 -22.16 36.16
N LYS E 167 -28.45 -22.45 36.83
CA LYS E 167 -27.39 -21.46 37.03
C LYS E 167 -26.02 -22.13 37.08
N GLY E 168 -25.01 -21.49 36.51
CA GLY E 168 -23.67 -22.02 36.60
C GLY E 168 -22.61 -20.93 36.58
N THR E 169 -21.50 -21.18 37.26
CA THR E 169 -20.42 -20.23 37.23
C THR E 169 -19.09 -20.91 36.98
N TYR E 170 -18.25 -20.25 36.18
CA TYR E 170 -16.90 -20.69 36.01
C TYR E 170 -15.97 -19.49 36.19
N ASN E 171 -15.00 -19.67 37.05
CA ASN E 171 -14.06 -18.63 37.41
C ASN E 171 -12.70 -18.97 36.82
N ASN E 172 -12.28 -18.29 35.76
CA ASN E 172 -10.97 -18.56 35.15
C ASN E 172 -9.80 -18.22 36.06
N THR E 173 -9.21 -19.25 36.67
CA THR E 173 -8.16 -19.09 37.70
C THR E 173 -6.76 -19.21 37.10
N GLY E 174 -6.69 -19.64 35.83
CA GLY E 174 -5.41 -19.95 35.24
C GLY E 174 -4.71 -18.79 34.57
N THR E 175 -3.66 -19.11 33.85
CA THR E 175 -2.88 -18.15 33.08
C THR E 175 -3.52 -17.82 31.75
N GLN E 176 -4.24 -18.79 31.21
CA GLN E 176 -4.66 -18.81 29.82
C GLN E 176 -6.10 -18.37 29.55
N PRO E 177 -6.34 -17.76 28.38
CA PRO E 177 -7.72 -17.43 28.00
C PRO E 177 -8.45 -18.72 27.71
N ILE E 178 -9.75 -18.76 27.95
CA ILE E 178 -10.54 -19.94 27.64
C ILE E 178 -11.52 -19.65 26.52
N LEU E 179 -11.50 -20.50 25.49
CA LEU E 179 -12.42 -20.39 24.38
C LEU E 179 -13.57 -21.39 24.59
N TYR E 180 -14.78 -20.89 24.61
CA TYR E 180 -15.93 -21.72 24.93
C TYR E 180 -17.12 -21.39 24.08
N PHE E 181 -18.04 -22.34 24.03
CA PHE E 181 -19.20 -22.29 23.15
C PHE E 181 -20.51 -22.52 23.90
N TRP E 182 -21.59 -21.96 23.37
CA TRP E 182 -22.93 -22.23 23.88
C TRP E 182 -23.93 -21.97 22.78
N GLY E 183 -25.19 -22.34 23.04
CA GLY E 183 -26.21 -22.22 22.03
C GLY E 183 -27.57 -21.87 22.60
N VAL E 184 -28.47 -21.46 21.71
CA VAL E 184 -29.87 -21.29 22.03
C VAL E 184 -30.66 -22.10 21.04
N HIS E 185 -31.54 -22.95 21.54
CA HIS E 185 -32.37 -23.77 20.66
C HIS E 185 -33.63 -23.01 20.25
N HIS E 186 -33.96 -23.05 18.97
CA HIS E 186 -35.17 -22.43 18.44
C HIS E 186 -36.06 -23.48 17.82
N PRO E 187 -37.08 -23.94 18.57
CA PRO E 187 -37.92 -25.02 18.05
C PRO E 187 -38.72 -24.66 16.79
N LEU E 188 -38.98 -25.72 16.07
CA LEU E 188 -39.95 -25.82 15.00
C LEU E 188 -41.31 -25.26 15.38
N ASP E 189 -41.76 -25.70 16.55
CA ASP E 189 -43.13 -25.70 17.05
C ASP E 189 -43.21 -25.17 18.46
N THR E 190 -44.38 -24.70 18.82
CA THR E 190 -44.72 -24.54 20.23
C THR E 190 -44.83 -25.92 20.93
N THR E 191 -45.16 -26.97 20.16
CA THR E 191 -45.27 -28.32 20.74
C THR E 191 -43.91 -28.88 21.15
N VAL E 192 -42.92 -28.70 20.28
CA VAL E 192 -41.55 -29.08 20.61
C VAL E 192 -41.08 -28.19 21.76
N GLN E 193 -41.48 -26.92 21.75
CA GLN E 193 -41.09 -26.00 22.81
C GLN E 193 -41.65 -26.47 24.15
N ASP E 194 -42.94 -26.81 24.16
CA ASP E 194 -43.59 -27.27 25.39
C ASP E 194 -43.02 -28.59 25.86
N ASN E 195 -42.80 -29.54 24.96
CA ASN E 195 -42.34 -30.85 25.38
C ASN E 195 -40.91 -30.83 25.97
N LEU E 196 -39.98 -30.11 25.33
CA LEU E 196 -38.58 -30.01 25.81
C LEU E 196 -38.32 -29.13 27.03
N TYR E 197 -38.97 -27.98 27.08
CA TYR E 197 -38.74 -26.90 28.04
C TYR E 197 -40.11 -26.66 28.55
N GLY E 198 -40.36 -25.87 29.58
CA GLY E 198 -41.75 -26.03 30.03
C GLY E 198 -42.71 -25.13 29.27
N SER E 199 -43.35 -24.22 29.97
CA SER E 199 -44.28 -23.30 29.37
C SER E 199 -43.79 -21.99 29.91
N GLY E 200 -44.15 -20.90 29.26
CA GLY E 200 -43.75 -19.57 29.67
C GLY E 200 -42.53 -19.08 28.93
N ASP E 201 -42.20 -17.81 29.16
CA ASP E 201 -41.22 -17.12 28.35
C ASP E 201 -39.84 -17.56 28.79
N LYS E 202 -39.03 -18.00 27.83
CA LYS E 202 -37.73 -18.57 28.15
C LYS E 202 -36.65 -17.61 27.72
N TYR E 203 -35.59 -17.56 28.53
CA TYR E 203 -34.43 -16.72 28.26
C TYR E 203 -33.13 -17.52 28.53
N VAL E 204 -32.05 -17.15 27.83
CA VAL E 204 -30.70 -17.56 28.16
C VAL E 204 -29.87 -16.32 28.41
N ARG E 205 -29.37 -16.16 29.63
CA ARG E 205 -28.57 -14.99 29.92
C ARG E 205 -27.17 -15.40 30.39
N MET E 206 -26.16 -14.80 29.77
CA MET E 206 -24.79 -15.06 30.20
C MET E 206 -24.08 -13.76 30.38
N GLY E 207 -23.16 -13.73 31.35
CA GLY E 207 -22.37 -12.55 31.63
C GLY E 207 -21.02 -12.86 32.25
N THR E 208 -20.10 -11.93 32.02
CA THR E 208 -18.76 -11.92 32.60
C THR E 208 -18.51 -10.48 33.05
N GLU E 209 -17.31 -10.19 33.55
CA GLU E 209 -16.96 -8.81 33.92
C GLU E 209 -17.01 -7.86 32.73
N SER E 210 -16.72 -8.36 31.53
CA SER E 210 -16.70 -7.49 30.34
C SER E 210 -17.72 -7.79 29.22
N MET E 211 -18.52 -8.85 29.38
CA MET E 211 -19.42 -9.32 28.31
C MET E 211 -20.84 -9.59 28.84
N ASN E 212 -21.84 -9.25 28.03
CA ASN E 212 -23.27 -9.47 28.29
C ASN E 212 -23.92 -10.20 27.14
N PHE E 213 -24.65 -11.27 27.45
CA PHE E 213 -25.45 -11.99 26.46
C PHE E 213 -26.90 -12.19 26.95
N ALA E 214 -27.87 -12.08 26.04
CA ALA E 214 -29.29 -12.38 26.34
C ALA E 214 -30.04 -12.78 25.08
N LYS E 215 -30.65 -13.95 25.12
CA LYS E 215 -31.38 -14.47 23.98
C LYS E 215 -32.61 -15.26 24.40
N SER E 216 -33.68 -15.13 23.65
CA SER E 216 -34.86 -15.96 23.91
C SER E 216 -35.23 -16.69 22.61
N PRO E 217 -35.95 -17.81 22.73
CA PRO E 217 -36.26 -18.59 21.53
C PRO E 217 -37.14 -17.84 20.53
N GLU E 218 -36.98 -18.23 19.26
CA GLU E 218 -37.63 -17.63 18.11
C GLU E 218 -38.25 -18.80 17.37
N ILE E 219 -39.50 -19.12 17.72
CA ILE E 219 -40.06 -20.34 17.23
C ILE E 219 -40.68 -20.17 15.85
N ALA E 220 -40.28 -21.02 14.93
CA ALA E 220 -40.81 -21.03 13.58
C ALA E 220 -40.22 -22.23 12.90
N ALA E 221 -40.81 -22.63 11.78
CA ALA E 221 -40.25 -23.70 11.01
C ALA E 221 -39.38 -23.15 9.89
N ARG E 222 -38.12 -23.59 9.86
CA ARG E 222 -37.16 -23.24 8.81
C ARG E 222 -37.08 -24.43 7.85
N PRO E 223 -36.52 -24.22 6.65
CA PRO E 223 -36.42 -25.37 5.74
C PRO E 223 -35.60 -26.50 6.31
N ALA E 224 -35.98 -27.73 6.02
CA ALA E 224 -35.35 -28.90 6.65
C ALA E 224 -33.87 -29.01 6.27
N VAL E 225 -33.00 -29.15 7.28
CA VAL E 225 -31.59 -29.43 7.05
C VAL E 225 -31.16 -30.54 8.01
N ASN E 226 -30.76 -31.69 7.46
CA ASN E 226 -30.47 -32.89 8.25
C ASN E 226 -31.77 -33.33 8.99
N ASP E 227 -32.89 -33.21 8.29
CA ASP E 227 -34.23 -33.51 8.79
C ASP E 227 -34.64 -32.57 9.92
N GLN E 228 -33.96 -31.44 10.06
CA GLN E 228 -34.34 -30.54 11.13
C GLN E 228 -34.91 -29.23 10.59
N ARG E 229 -36.10 -28.90 11.06
CA ARG E 229 -36.73 -27.65 10.73
C ARG E 229 -36.58 -26.68 11.91
N SER E 230 -35.99 -27.16 12.99
CA SER E 230 -35.63 -26.32 14.11
C SER E 230 -34.18 -25.84 13.82
N ARG E 231 -33.68 -24.87 14.57
CA ARG E 231 -32.29 -24.43 14.44
C ARG E 231 -31.67 -24.20 15.80
N ILE E 232 -30.34 -24.24 15.86
CA ILE E 232 -29.64 -23.73 17.02
C ILE E 232 -28.76 -22.55 16.57
N ASP E 233 -28.88 -21.43 17.28
CA ASP E 233 -27.93 -20.36 17.14
C ASP E 233 -26.76 -20.71 18.06
N TYR E 234 -25.59 -20.91 17.49
CA TYR E 234 -24.39 -21.20 18.28
C TYR E 234 -23.61 -19.93 18.58
N TYR E 235 -23.00 -19.87 19.75
CA TYR E 235 -22.17 -18.72 20.09
C TYR E 235 -20.78 -19.13 20.62
N TRP E 236 -19.81 -18.22 20.48
CA TRP E 236 -18.50 -18.43 21.10
C TRP E 236 -18.08 -17.16 21.81
N SER E 237 -17.22 -17.31 22.79
CA SER E 237 -16.59 -16.18 23.42
C SER E 237 -15.25 -16.60 24.01
N VAL E 238 -14.56 -15.66 24.64
CA VAL E 238 -13.28 -15.94 25.24
C VAL E 238 -13.25 -15.39 26.68
N LEU E 239 -13.10 -16.30 27.63
CA LEU E 239 -13.01 -15.93 29.03
C LEU E 239 -11.55 -15.63 29.38
N ARG E 240 -11.25 -14.38 29.71
CA ARG E 240 -9.87 -13.96 29.96
C ARG E 240 -9.41 -14.44 31.33
N PRO E 241 -8.09 -14.48 31.55
CA PRO E 241 -7.59 -14.83 32.88
C PRO E 241 -8.16 -13.89 33.92
N GLY E 242 -8.67 -14.47 35.00
CA GLY E 242 -9.23 -13.70 36.10
C GLY E 242 -10.70 -13.32 35.91
N GLU E 243 -11.29 -13.73 34.81
CA GLU E 243 -12.70 -13.41 34.56
C GLU E 243 -13.59 -14.55 34.99
N THR E 244 -14.78 -14.21 35.44
CA THR E 244 -15.80 -15.20 35.79
C THR E 244 -16.98 -15.16 34.81
N LEU E 245 -17.44 -16.34 34.45
CA LEU E 245 -18.63 -16.49 33.61
C LEU E 245 -19.85 -16.94 34.43
N ASN E 246 -20.96 -16.20 34.33
CA ASN E 246 -22.23 -16.58 34.98
C ASN E 246 -23.26 -17.01 33.95
N VAL E 247 -23.85 -18.18 34.13
CA VAL E 247 -24.85 -18.68 33.21
C VAL E 247 -26.20 -18.79 33.93
N GLU E 248 -27.27 -18.45 33.24
CA GLU E 248 -28.58 -18.52 33.82
C GLU E 248 -29.60 -18.67 32.72
N SER E 249 -30.36 -19.74 32.78
CA SER E 249 -31.38 -20.00 31.79
C SER E 249 -32.71 -20.52 32.35
N ASN E 250 -33.76 -20.22 31.59
CA ASN E 250 -35.14 -20.57 31.84
C ASN E 250 -35.51 -21.83 31.05
N GLY E 251 -34.68 -22.12 30.05
CA GLY E 251 -34.95 -23.16 29.07
C GLY E 251 -34.28 -22.76 27.76
N ASN E 252 -34.20 -23.70 26.82
CA ASN E 252 -33.61 -23.49 25.48
C ASN E 252 -32.09 -23.30 25.48
N LEU E 253 -31.47 -23.40 26.64
CA LEU E 253 -30.03 -23.29 26.76
C LEU E 253 -29.35 -24.55 26.21
N ILE E 254 -28.37 -24.35 25.35
CA ILE E 254 -27.47 -25.44 25.00
C ILE E 254 -26.22 -25.05 25.70
N ALA E 255 -25.88 -25.82 26.72
CA ALA E 255 -24.94 -25.35 27.72
C ALA E 255 -23.49 -25.61 27.34
N PRO E 256 -22.58 -24.71 27.74
CA PRO E 256 -21.15 -24.99 27.59
C PRO E 256 -20.82 -26.21 28.45
N TRP E 257 -20.15 -27.22 27.90
CA TRP E 257 -19.76 -28.39 28.66
C TRP E 257 -18.23 -28.46 28.74
N TYR E 258 -17.59 -28.65 27.59
CA TYR E 258 -16.13 -28.62 27.48
C TYR E 258 -15.74 -27.35 26.76
N ALA E 259 -14.56 -26.84 27.12
CA ALA E 259 -13.95 -25.69 26.46
C ALA E 259 -12.46 -25.84 26.41
N TYR E 260 -11.78 -24.79 25.97
CA TYR E 260 -10.36 -24.87 25.66
C TYR E 260 -9.53 -23.82 26.33
N LYS E 261 -8.47 -24.24 26.99
CA LYS E 261 -7.41 -23.32 27.37
C LYS E 261 -6.74 -23.02 26.06
N PHE E 262 -6.57 -21.75 25.76
CA PHE E 262 -6.09 -21.40 24.43
C PHE E 262 -4.75 -20.68 24.54
N VAL E 263 -3.72 -21.18 23.88
CA VAL E 263 -2.44 -20.45 23.88
C VAL E 263 -2.17 -19.81 22.55
N SER E 264 -1.72 -18.56 22.63
CA SER E 264 -1.35 -17.76 21.48
C SER E 264 0.17 -17.74 21.30
N LYS E 267 2.68 -13.95 16.85
CA LYS E 267 3.32 -14.68 15.74
C LYS E 267 2.41 -14.77 14.54
N LYS E 268 2.88 -15.46 13.50
CA LYS E 268 2.12 -15.60 12.26
C LYS E 268 1.36 -16.91 12.28
N GLY E 269 0.05 -16.85 12.17
CA GLY E 269 -0.74 -18.05 12.15
C GLY E 269 -1.31 -18.34 10.79
N ALA E 270 -1.67 -19.60 10.55
CA ALA E 270 -2.11 -19.99 9.23
C ALA E 270 -3.13 -21.11 9.28
N VAL E 271 -4.18 -20.93 8.47
CA VAL E 271 -5.13 -21.98 8.19
C VAL E 271 -5.07 -22.15 6.70
N PHE E 272 -4.56 -23.28 6.25
CA PHE E 272 -4.47 -23.55 4.83
C PHE E 272 -5.63 -24.42 4.41
N LYS E 273 -6.42 -23.95 3.47
CA LYS E 273 -7.44 -24.77 2.88
C LYS E 273 -6.87 -25.45 1.67
N SER E 274 -6.48 -26.70 1.86
CA SER E 274 -5.79 -27.42 0.82
C SER E 274 -5.96 -28.91 0.94
N ASP E 275 -5.80 -29.62 -0.17
CA ASP E 275 -5.82 -31.08 -0.14
C ASP E 275 -4.44 -31.72 -0.21
N LEU E 276 -3.37 -30.92 -0.14
CA LEU E 276 -2.01 -31.46 -0.27
C LEU E 276 -1.69 -32.42 0.88
N PRO E 277 -0.79 -33.40 0.64
CA PRO E 277 -0.45 -34.35 1.69
C PRO E 277 0.45 -33.73 2.76
N ILE E 278 0.28 -34.15 4.02
CA ILE E 278 1.20 -33.76 5.08
C ILE E 278 2.15 -34.91 5.25
N GLU E 279 3.42 -34.71 4.89
CA GLU E 279 4.36 -35.82 4.86
C GLU E 279 5.33 -35.65 6.00
N ASN E 280 6.17 -36.66 6.24
CA ASN E 280 7.13 -36.64 7.33
C ASN E 280 8.33 -35.75 6.98
N CYS E 281 8.00 -34.66 6.30
CA CYS E 281 8.89 -33.63 5.83
C CYS E 281 9.19 -32.60 6.94
N ASP E 282 10.34 -31.93 6.85
CA ASP E 282 10.58 -30.75 7.64
C ASP E 282 10.83 -29.55 6.72
N ALA E 283 10.62 -28.33 7.22
CA ALA E 283 10.73 -27.14 6.37
C ALA E 283 10.80 -25.85 7.15
N THR E 284 11.13 -24.80 6.40
CA THR E 284 11.41 -23.48 6.90
C THR E 284 10.39 -22.48 6.34
N CYS E 285 10.00 -22.70 5.10
CA CYS E 285 8.99 -21.91 4.41
C CYS E 285 7.89 -22.76 3.87
N GLN E 286 6.70 -22.61 4.44
CA GLN E 286 5.55 -23.37 3.97
C GLN E 286 4.50 -22.47 3.36
N THR E 287 4.16 -22.78 2.13
CA THR E 287 3.26 -22.02 1.30
C THR E 287 1.96 -22.81 1.21
N ILE E 288 0.81 -22.16 1.00
CA ILE E 288 -0.46 -22.88 0.80
C ILE E 288 -0.38 -23.91 -0.34
N THR E 289 0.51 -23.70 -1.32
CA THR E 289 0.65 -24.66 -2.42
C THR E 289 1.91 -25.53 -2.34
N GLY E 290 2.71 -25.35 -1.29
CA GLY E 290 3.88 -26.19 -1.14
C GLY E 290 5.05 -25.61 -0.36
N VAL E 291 6.08 -26.41 -0.17
CA VAL E 291 7.24 -25.94 0.56
C VAL E 291 8.13 -25.19 -0.40
N LEU E 292 8.78 -24.13 0.08
CA LEU E 292 9.85 -23.50 -0.66
C LEU E 292 11.09 -23.81 0.14
N ARG E 293 12.09 -24.38 -0.54
CA ARG E 293 13.37 -24.73 0.03
C ARG E 293 14.40 -23.99 -0.79
N THR E 294 14.69 -22.73 -0.45
CA THR E 294 15.39 -21.85 -1.37
C THR E 294 16.23 -20.80 -0.65
N ASN E 295 17.24 -20.28 -1.34
CA ASN E 295 17.99 -19.13 -0.86
C ASN E 295 17.57 -17.85 -1.57
N LYS E 296 16.77 -18.01 -2.61
CA LYS E 296 16.39 -16.89 -3.46
C LYS E 296 15.52 -15.84 -2.72
N THR E 297 15.54 -14.60 -3.20
CA THR E 297 14.88 -13.48 -2.52
C THR E 297 13.43 -13.25 -2.93
N PHE E 298 13.08 -13.70 -4.13
CA PHE E 298 11.71 -13.60 -4.62
C PHE E 298 11.19 -15.00 -4.94
N GLN E 299 9.87 -15.14 -4.90
CA GLN E 299 9.18 -16.34 -5.33
C GLN E 299 7.85 -16.00 -6.02
N ASN E 300 7.48 -16.77 -7.02
CA ASN E 300 6.23 -16.57 -7.71
C ASN E 300 5.19 -17.66 -7.35
N VAL E 301 5.42 -18.35 -6.23
CA VAL E 301 4.60 -19.51 -5.85
C VAL E 301 3.27 -19.15 -5.17
N SER E 302 3.31 -18.44 -4.03
CA SER E 302 2.10 -18.01 -3.35
C SER E 302 2.33 -16.83 -2.38
N PRO E 303 1.35 -15.93 -2.30
CA PRO E 303 1.36 -14.90 -1.26
C PRO E 303 0.93 -15.40 0.14
N LEU E 304 0.51 -16.65 0.25
CA LEU E 304 0.04 -17.18 1.55
C LEU E 304 1.01 -18.20 2.13
N TRP E 305 1.66 -17.83 3.22
CA TRP E 305 2.63 -18.75 3.78
C TRP E 305 2.80 -18.53 5.24
N ILE E 306 3.42 -19.53 5.87
CA ILE E 306 3.96 -19.46 7.20
C ILE E 306 5.48 -19.78 7.14
N GLY E 307 6.26 -19.17 8.04
CA GLY E 307 7.70 -19.36 8.11
C GLY E 307 8.48 -18.20 7.46
N GLU E 308 9.75 -18.44 7.15
CA GLU E 308 10.60 -17.42 6.54
C GLU E 308 10.68 -17.70 5.05
N CYS E 309 9.87 -17.00 4.26
CA CYS E 309 9.74 -17.31 2.84
C CYS E 309 10.30 -16.17 2.03
N PRO E 310 10.57 -16.39 0.73
CA PRO E 310 10.92 -15.16 0.04
C PRO E 310 9.67 -14.36 -0.30
N LYS E 311 9.90 -13.20 -0.88
CA LYS E 311 8.88 -12.19 -1.18
C LYS E 311 8.13 -12.56 -2.44
N TYR E 312 6.80 -12.63 -2.35
CA TYR E 312 5.95 -12.98 -3.48
C TYR E 312 5.85 -11.85 -4.51
N VAL E 313 6.00 -12.18 -5.79
CA VAL E 313 5.87 -11.25 -6.90
C VAL E 313 5.24 -12.04 -8.04
N LYS E 314 4.63 -11.36 -9.00
CA LYS E 314 4.00 -12.02 -10.15
C LYS E 314 5.00 -12.42 -11.24
N SER E 315 6.23 -11.95 -11.06
CA SER E 315 7.33 -12.12 -12.04
C SER E 315 7.61 -13.59 -12.34
N GLU E 316 7.89 -13.90 -13.58
CA GLU E 316 8.40 -15.23 -13.94
C GLU E 316 9.90 -15.45 -13.72
N SER E 317 10.70 -14.39 -13.89
CA SER E 317 12.15 -14.46 -13.68
C SER E 317 12.69 -13.11 -13.24
N LEU E 318 13.72 -13.11 -12.39
CA LEU E 318 14.34 -11.85 -11.97
C LEU E 318 15.86 -12.02 -11.97
N ARG E 319 16.42 -12.07 -13.17
CA ARG E 319 17.84 -12.34 -13.32
C ARG E 319 18.67 -11.06 -13.38
N LEU E 320 19.51 -10.85 -12.37
CA LEU E 320 20.47 -9.74 -12.35
C LEU E 320 21.71 -10.15 -13.10
N ALA E 321 22.14 -9.32 -14.02
CA ALA E 321 23.47 -9.49 -14.60
C ALA E 321 24.52 -9.26 -13.52
N THR E 322 25.57 -10.08 -13.49
CA THR E 322 26.73 -9.80 -12.66
C THR E 322 28.02 -9.62 -13.51
N GLY E 323 28.22 -10.55 -14.44
CA GLY E 323 29.28 -10.43 -15.42
C GLY E 323 28.89 -9.48 -16.52
N LEU E 324 29.47 -9.67 -17.67
CA LEU E 324 29.38 -8.66 -18.70
C LEU E 324 28.79 -9.24 -19.96
N ARG E 325 28.56 -8.38 -20.94
CA ARG E 325 27.99 -8.80 -22.20
C ARG E 325 28.83 -9.90 -22.86
N ASN E 326 28.23 -11.05 -23.17
CA ASN E 326 29.00 -12.17 -23.69
C ASN E 326 29.13 -12.07 -25.20
N VAL E 327 30.36 -11.86 -25.67
CA VAL E 327 30.61 -11.74 -27.11
C VAL E 327 31.79 -12.61 -27.53
N PRO E 328 31.59 -13.94 -27.53
CA PRO E 328 32.66 -14.88 -27.90
C PRO E 328 32.93 -14.89 -29.40
N GLN E 329 34.09 -15.40 -29.81
CA GLN E 329 34.48 -15.42 -31.21
C GLN E 329 34.40 -16.83 -31.78
N GLY F 1 28.53 0.15 -26.61
CA GLY F 1 28.27 -0.01 -25.22
C GLY F 1 28.42 1.43 -24.95
N ILE F 2 28.01 1.95 -23.78
CA ILE F 2 28.15 3.39 -23.44
C ILE F 2 29.57 4.02 -23.34
N PHE F 3 30.53 3.28 -22.79
CA PHE F 3 31.91 3.69 -22.74
C PHE F 3 32.56 3.23 -24.02
N GLY F 4 31.81 2.49 -24.83
CA GLY F 4 32.20 2.24 -26.21
C GLY F 4 33.27 1.19 -26.47
N ALA F 5 33.73 0.54 -25.40
CA ALA F 5 34.77 -0.49 -25.50
C ALA F 5 34.15 -1.85 -25.79
N ILE F 6 33.31 -2.33 -24.87
CA ILE F 6 32.64 -3.62 -25.01
C ILE F 6 31.69 -3.56 -26.18
N ALA F 7 31.68 -4.60 -27.03
CA ALA F 7 30.96 -4.60 -28.32
C ALA F 7 31.10 -3.27 -29.07
N GLY F 8 32.27 -2.65 -28.96
CA GLY F 8 32.51 -1.35 -29.54
C GLY F 8 33.84 -1.37 -30.24
N PHE F 9 34.73 -0.45 -29.89
CA PHE F 9 36.01 -0.44 -30.60
C PHE F 9 36.81 -1.71 -30.27
N ILE F 10 36.46 -2.40 -29.20
CA ILE F 10 36.94 -3.78 -28.98
C ILE F 10 35.78 -4.72 -29.29
N GLU F 11 35.80 -5.31 -30.48
CA GLU F 11 34.63 -5.92 -31.08
C GLU F 11 34.11 -7.11 -30.35
N GLY F 12 35.01 -7.88 -29.79
CA GLY F 12 34.59 -9.11 -29.17
C GLY F 12 35.36 -9.35 -27.93
N GLY F 13 34.92 -10.36 -27.19
CA GLY F 13 35.58 -10.72 -25.96
C GLY F 13 36.49 -11.90 -26.23
N TRP F 14 37.09 -12.41 -25.17
CA TRP F 14 38.09 -13.45 -25.25
C TRP F 14 37.71 -14.69 -24.49
N THR F 15 37.18 -15.69 -25.20
CA THR F 15 36.97 -17.02 -24.58
C THR F 15 38.24 -17.57 -23.96
N GLY F 16 39.38 -17.08 -24.47
CA GLY F 16 40.69 -17.51 -24.01
C GLY F 16 41.11 -16.95 -22.67
N MET F 17 40.56 -15.79 -22.30
CA MET F 17 40.88 -15.18 -21.01
C MET F 17 39.88 -15.65 -19.96
N ILE F 18 40.31 -16.67 -19.24
CA ILE F 18 39.46 -17.54 -18.47
C ILE F 18 39.36 -17.12 -17.00
N ASP F 19 40.34 -16.37 -16.54
CA ASP F 19 40.50 -16.19 -15.10
C ASP F 19 40.19 -14.78 -14.64
N GLY F 20 39.52 -13.99 -15.49
CA GLY F 20 39.16 -12.64 -15.14
C GLY F 20 38.11 -12.07 -16.05
N TRP F 21 37.48 -10.97 -15.62
CA TRP F 21 36.59 -10.18 -16.50
C TRP F 21 37.27 -9.30 -17.56
N TYR F 22 38.31 -8.57 -17.14
CA TYR F 22 39.07 -7.60 -17.96
C TYR F 22 40.54 -7.98 -17.95
N GLY F 23 41.22 -7.82 -19.08
CA GLY F 23 42.54 -8.40 -19.24
C GLY F 23 43.39 -7.98 -20.42
N TYR F 24 44.55 -8.61 -20.53
CA TYR F 24 45.48 -8.39 -21.65
C TYR F 24 45.76 -9.57 -22.60
N HIS F 25 45.85 -9.29 -23.90
CA HIS F 25 46.35 -10.26 -24.88
C HIS F 25 47.63 -9.68 -25.49
N HIS F 26 48.68 -10.48 -25.49
CA HIS F 26 49.95 -10.01 -25.98
C HIS F 26 50.43 -10.97 -27.03
N GLU F 27 51.22 -10.46 -27.96
CA GLU F 27 51.95 -11.29 -28.90
C GLU F 27 53.38 -10.75 -29.00
N ASN F 28 54.35 -11.65 -28.97
CA ASN F 28 55.77 -11.30 -29.15
C ASN F 28 56.52 -12.54 -29.59
N SER F 29 57.80 -12.40 -29.94
CA SER F 29 58.60 -13.53 -30.44
C SER F 29 58.56 -14.81 -29.55
N GLN F 30 58.34 -14.64 -28.25
CA GLN F 30 58.26 -15.76 -27.33
C GLN F 30 56.91 -16.48 -27.34
N GLY F 31 55.90 -15.86 -27.94
CA GLY F 31 54.57 -16.44 -27.95
C GLY F 31 53.45 -15.41 -27.83
N SER F 32 52.28 -15.90 -27.38
CA SER F 32 51.09 -15.07 -27.27
C SER F 32 50.17 -15.67 -26.22
N GLY F 33 49.35 -14.84 -25.58
CA GLY F 33 48.41 -15.38 -24.60
C GLY F 33 47.54 -14.35 -23.94
N TYR F 34 46.89 -14.77 -22.87
CA TYR F 34 45.92 -13.95 -22.13
C TYR F 34 46.26 -13.86 -20.66
N ALA F 35 46.00 -12.71 -20.07
CA ALA F 35 46.17 -12.56 -18.64
C ALA F 35 45.16 -11.56 -18.07
N ALA F 36 44.45 -11.97 -17.04
CA ALA F 36 43.45 -11.12 -16.42
C ALA F 36 44.15 -10.04 -15.63
N ASP F 37 43.54 -8.85 -15.57
CA ASP F 37 43.99 -7.82 -14.66
C ASP F 37 43.27 -8.09 -13.32
N ARG F 38 44.02 -8.62 -12.36
CA ARG F 38 43.43 -9.11 -11.13
C ARG F 38 42.84 -7.99 -10.28
N GLU F 39 43.49 -6.83 -10.28
CA GLU F 39 43.04 -5.74 -9.40
C GLU F 39 41.69 -5.16 -9.88
N SER F 40 41.59 -4.81 -11.15
CA SER F 40 40.31 -4.24 -11.59
C SER F 40 39.20 -5.32 -11.58
N THR F 41 39.56 -6.57 -11.87
CA THR F 41 38.60 -7.65 -11.87
C THR F 41 38.03 -7.86 -10.47
N GLN F 42 38.91 -7.93 -9.47
CA GLN F 42 38.47 -8.14 -8.10
C GLN F 42 37.64 -6.96 -7.59
N LYS F 43 38.04 -5.76 -7.95
CA LYS F 43 37.30 -4.58 -7.54
C LYS F 43 35.93 -4.55 -8.19
N ALA F 44 35.80 -5.07 -9.41
CA ALA F 44 34.46 -5.17 -10.02
C ALA F 44 33.60 -6.23 -9.33
N ILE F 45 34.17 -7.40 -9.05
CA ILE F 45 33.51 -8.47 -8.29
C ILE F 45 33.04 -7.95 -6.96
N ASP F 46 33.90 -7.16 -6.31
CA ASP F 46 33.58 -6.61 -5.01
C ASP F 46 32.36 -5.68 -5.14
N GLY F 47 32.42 -4.79 -6.14
CA GLY F 47 31.34 -3.88 -6.43
C GLY F 47 30.04 -4.57 -6.82
N ILE F 48 30.09 -5.45 -7.80
CA ILE F 48 28.91 -6.21 -8.21
C ILE F 48 28.33 -7.04 -7.03
N THR F 49 29.18 -7.72 -6.26
CA THR F 49 28.70 -8.47 -5.11
C THR F 49 27.99 -7.57 -4.12
N ASN F 50 28.58 -6.42 -3.85
CA ASN F 50 27.92 -5.49 -2.94
C ASN F 50 26.57 -5.01 -3.47
N LYS F 51 26.47 -4.81 -4.79
CA LYS F 51 25.22 -4.36 -5.38
C LYS F 51 24.17 -5.43 -5.20
N VAL F 52 24.51 -6.66 -5.57
CA VAL F 52 23.61 -7.79 -5.40
C VAL F 52 23.15 -7.95 -3.94
N ASN F 53 24.07 -7.75 -3.00
CA ASN F 53 23.68 -7.95 -1.60
C ASN F 53 22.89 -6.76 -1.05
N SER F 54 23.12 -5.59 -1.61
CA SER F 54 22.33 -4.41 -1.24
C SER F 54 20.89 -4.64 -1.71
N ILE F 55 20.74 -5.17 -2.91
CA ILE F 55 19.43 -5.41 -3.51
C ILE F 55 18.66 -6.47 -2.74
N ILE F 56 19.32 -7.57 -2.42
CA ILE F 56 18.75 -8.62 -1.59
C ILE F 56 18.31 -8.09 -0.22
N ASN F 57 19.22 -7.38 0.44
CA ASN F 57 18.96 -6.83 1.75
C ASN F 57 17.78 -5.85 1.77
N LYS F 58 17.65 -5.02 0.72
CA LYS F 58 16.57 -4.02 0.69
C LYS F 58 15.24 -4.66 0.38
N MET F 59 15.29 -5.77 -0.35
CA MET F 59 14.13 -6.56 -0.68
C MET F 59 13.78 -7.61 0.39
N ASN F 60 14.33 -7.47 1.60
CA ASN F 60 14.23 -8.57 2.55
C ASN F 60 13.01 -8.46 3.46
N THR F 61 12.03 -7.63 3.12
CA THR F 61 10.85 -7.55 3.95
C THR F 61 9.77 -8.20 3.12
N GLN F 62 8.70 -8.63 3.78
CA GLN F 62 7.63 -9.20 3.01
C GLN F 62 6.29 -8.58 3.35
N PHE F 63 5.45 -8.44 2.34
CA PHE F 63 4.06 -8.16 2.59
C PHE F 63 3.40 -9.50 2.87
N GLU F 64 2.48 -9.54 3.80
CA GLU F 64 1.89 -10.83 4.11
C GLU F 64 0.40 -10.81 3.87
N ALA F 65 -0.03 -11.57 2.86
CA ALA F 65 -1.45 -11.82 2.66
C ALA F 65 -1.95 -12.76 3.74
N VAL F 66 -3.21 -12.61 4.11
CA VAL F 66 -3.80 -13.51 5.06
C VAL F 66 -5.03 -14.07 4.38
N ASP F 67 -5.49 -15.22 4.79
CA ASP F 67 -6.66 -15.67 4.08
C ASP F 67 -7.75 -15.74 5.12
N HIS F 68 -8.14 -14.57 5.60
CA HIS F 68 -9.23 -14.48 6.56
C HIS F 68 -10.47 -14.67 5.75
N GLU F 69 -11.55 -15.08 6.41
CA GLU F 69 -12.82 -15.24 5.72
C GLU F 69 -13.69 -14.03 5.91
N PHE F 70 -14.61 -13.81 4.97
CA PHE F 70 -15.50 -12.66 5.07
C PHE F 70 -16.92 -13.12 4.78
N SER F 71 -17.90 -12.62 5.54
CA SER F 71 -19.29 -13.10 5.41
C SER F 71 -20.03 -12.46 4.24
N ASN F 72 -21.26 -12.90 3.99
CA ASN F 72 -22.07 -12.29 2.93
C ASN F 72 -22.57 -10.89 3.27
N LEU F 73 -22.29 -10.42 4.48
CA LEU F 73 -22.49 -9.00 4.79
C LEU F 73 -21.13 -8.28 4.92
N GLU F 74 -20.09 -8.84 4.31
CA GLU F 74 -18.77 -8.24 4.42
C GLU F 74 -18.07 -8.08 3.06
N ARG F 75 -18.84 -7.86 2.00
CA ARG F 75 -18.32 -7.69 0.65
C ARG F 75 -17.37 -6.47 0.54
N ARG F 76 -17.71 -5.37 1.20
CA ARG F 76 -16.90 -4.17 1.17
C ARG F 76 -15.50 -4.38 1.80
N ILE F 77 -15.43 -4.93 3.00
CA ILE F 77 -14.14 -5.07 3.64
C ILE F 77 -13.39 -6.26 3.04
N GLY F 78 -14.15 -7.28 2.60
CA GLY F 78 -13.58 -8.39 1.86
C GLY F 78 -12.85 -7.87 0.63
N ASN F 79 -13.54 -7.03 -0.14
CA ASN F 79 -12.97 -6.48 -1.36
C ASN F 79 -11.87 -5.43 -1.03
N LEU F 80 -11.97 -4.77 0.11
CA LEU F 80 -10.95 -3.82 0.55
C LEU F 80 -9.62 -4.56 0.77
N ASN F 81 -9.72 -5.70 1.42
CA ASN F 81 -8.56 -6.53 1.69
C ASN F 81 -7.87 -6.99 0.41
N LYS F 82 -8.67 -7.42 -0.56
CA LYS F 82 -8.20 -7.94 -1.84
C LYS F 82 -7.46 -6.86 -2.62
N ARG F 83 -8.09 -5.69 -2.78
CA ARG F 83 -7.48 -4.57 -3.46
C ARG F 83 -6.22 -4.14 -2.74
N MET F 84 -6.25 -4.25 -1.42
CA MET F 84 -5.11 -3.92 -0.59
C MET F 84 -3.95 -4.90 -0.89
N GLU F 85 -4.19 -6.19 -0.71
CA GLU F 85 -3.15 -7.19 -0.96
C GLU F 85 -2.64 -7.17 -2.39
N ASP F 86 -3.57 -7.10 -3.34
CA ASP F 86 -3.18 -6.97 -4.74
C ASP F 86 -2.46 -5.67 -5.04
N GLY F 87 -2.72 -4.63 -4.25
CA GLY F 87 -2.08 -3.34 -4.42
C GLY F 87 -0.61 -3.41 -4.05
N PHE F 88 -0.30 -4.06 -2.91
CA PHE F 88 1.11 -4.21 -2.53
C PHE F 88 1.79 -5.20 -3.44
N LEU F 89 1.06 -6.24 -3.82
CA LEU F 89 1.59 -7.18 -4.82
C LEU F 89 2.04 -6.43 -6.10
N ASP F 90 1.25 -5.46 -6.55
CA ASP F 90 1.58 -4.79 -7.80
C ASP F 90 2.78 -3.84 -7.68
N VAL F 91 2.85 -3.15 -6.55
CA VAL F 91 3.97 -2.28 -6.25
C VAL F 91 5.29 -3.05 -6.19
N TRP F 92 5.33 -4.14 -5.44
CA TRP F 92 6.57 -4.87 -5.30
C TRP F 92 6.98 -5.55 -6.60
N THR F 93 6.01 -6.02 -7.38
CA THR F 93 6.32 -6.64 -8.66
C THR F 93 6.95 -5.58 -9.58
N TYR F 94 6.36 -4.39 -9.54
CA TYR F 94 6.94 -3.28 -10.23
C TYR F 94 8.33 -2.96 -9.71
N ASN F 95 8.48 -2.83 -8.39
CA ASN F 95 9.80 -2.47 -7.84
C ASN F 95 10.87 -3.47 -8.25
N ALA F 96 10.58 -4.76 -8.12
CA ALA F 96 11.57 -5.77 -8.49
C ALA F 96 11.92 -5.72 -9.98
N GLU F 97 10.90 -5.69 -10.83
CA GLU F 97 11.15 -5.83 -12.27
C GLU F 97 11.88 -4.63 -12.90
N LEU F 98 11.51 -3.43 -12.46
CA LEU F 98 12.15 -2.21 -12.92
C LEU F 98 13.56 -2.11 -12.45
N LEU F 99 13.74 -2.43 -11.17
CA LEU F 99 15.08 -2.42 -10.57
C LEU F 99 16.02 -3.36 -11.31
N VAL F 100 15.56 -4.57 -11.61
CA VAL F 100 16.34 -5.52 -12.39
C VAL F 100 16.71 -4.96 -13.78
N LEU F 101 15.74 -4.39 -14.50
CA LEU F 101 16.05 -3.82 -15.83
C LEU F 101 17.07 -2.68 -15.80
N LEU F 102 16.93 -1.81 -14.81
CA LEU F 102 17.74 -0.63 -14.63
C LEU F 102 19.15 -1.01 -14.23
N GLU F 103 19.25 -1.86 -13.21
CA GLU F 103 20.55 -2.29 -12.68
C GLU F 103 21.28 -3.13 -13.68
N ASN F 104 20.54 -3.92 -14.44
CA ASN F 104 21.17 -4.67 -15.52
C ASN F 104 21.82 -3.74 -16.57
N GLU F 105 21.16 -2.63 -16.90
CA GLU F 105 21.75 -1.67 -17.84
C GLU F 105 22.98 -1.02 -17.21
N ARG F 106 22.87 -0.66 -15.94
CA ARG F 106 23.98 0.05 -15.33
C ARG F 106 25.19 -0.87 -15.14
N THR F 107 24.94 -2.13 -14.80
CA THR F 107 26.03 -3.10 -14.66
C THR F 107 26.79 -3.36 -15.97
N LEU F 108 26.10 -3.39 -17.10
CA LEU F 108 26.81 -3.57 -18.35
C LEU F 108 27.68 -2.35 -18.62
N ASP F 109 27.22 -1.17 -18.21
CA ASP F 109 28.01 0.06 -18.37
C ASP F 109 29.23 0.07 -17.47
N LEU F 110 29.10 -0.50 -16.28
CA LEU F 110 30.22 -0.56 -15.37
C LEU F 110 31.36 -1.38 -15.97
N HIS F 111 31.04 -2.59 -16.39
CA HIS F 111 32.00 -3.46 -17.07
C HIS F 111 32.65 -2.73 -18.24
N ASP F 112 31.84 -2.06 -19.07
CA ASP F 112 32.35 -1.26 -20.18
C ASP F 112 33.36 -0.20 -19.69
N ALA F 113 33.00 0.55 -18.65
CA ALA F 113 33.90 1.57 -18.10
C ALA F 113 35.22 0.96 -17.65
N ASN F 114 35.11 -0.18 -16.98
CA ASN F 114 36.29 -0.83 -16.42
C ASN F 114 37.27 -1.24 -17.51
N VAL F 115 36.74 -1.71 -18.64
CA VAL F 115 37.57 -2.13 -19.76
C VAL F 115 38.21 -0.89 -20.38
N LYS F 116 37.41 0.16 -20.52
CA LYS F 116 37.86 1.39 -21.14
C LYS F 116 38.96 2.06 -20.29
N ASN F 117 38.77 2.05 -18.98
CA ASN F 117 39.76 2.61 -18.06
C ASN F 117 41.10 1.84 -18.11
N LEU F 118 41.03 0.51 -18.23
CA LEU F 118 42.23 -0.32 -18.38
C LEU F 118 42.94 -0.02 -19.72
N TYR F 119 42.17 0.17 -20.77
CA TYR F 119 42.72 0.56 -22.06
C TYR F 119 43.49 1.86 -21.93
N GLU F 120 42.89 2.83 -21.26
CA GLU F 120 43.53 4.14 -21.10
C GLU F 120 44.76 4.10 -20.18
N LYS F 121 44.76 3.17 -19.23
CA LYS F 121 45.84 3.00 -18.26
C LYS F 121 47.12 2.52 -18.94
N VAL F 122 46.94 1.63 -19.90
CA VAL F 122 48.01 1.12 -20.74
C VAL F 122 48.50 2.17 -21.72
N LYS F 123 47.56 2.78 -22.43
CA LYS F 123 47.83 3.84 -23.38
C LYS F 123 48.74 4.89 -22.82
N SER F 124 48.46 5.32 -21.60
CA SER F 124 49.23 6.41 -21.01
C SER F 124 50.65 5.99 -20.59
N GLN F 125 50.87 4.69 -20.42
CA GLN F 125 52.20 4.16 -20.13
C GLN F 125 52.98 4.16 -21.42
N LEU F 126 52.40 3.53 -22.42
CA LEU F 126 53.11 3.27 -23.66
C LEU F 126 53.52 4.54 -24.38
N ARG F 127 52.71 5.59 -24.24
CA ARG F 127 52.90 6.84 -24.98
C ARG F 127 53.21 6.56 -26.44
N ASP F 128 54.31 7.12 -26.94
CA ASP F 128 54.70 7.00 -28.35
C ASP F 128 55.63 5.81 -28.66
N ASN F 129 55.98 5.02 -27.63
CA ASN F 129 56.71 3.77 -27.84
C ASN F 129 55.84 2.68 -28.49
N ALA F 130 54.57 3.01 -28.78
CA ALA F 130 53.67 2.06 -29.43
C ALA F 130 52.56 2.76 -30.18
N ASN F 131 52.02 2.08 -31.18
CA ASN F 131 50.94 2.56 -32.01
C ASN F 131 49.56 2.04 -31.55
N ASP F 132 48.67 2.97 -31.19
CA ASP F 132 47.28 2.63 -30.88
C ASP F 132 46.56 2.24 -32.16
N LEU F 133 46.21 0.96 -32.31
CA LEU F 133 45.39 0.56 -33.45
C LEU F 133 43.90 0.84 -33.14
N GLY F 134 43.00 0.35 -33.97
CA GLY F 134 41.56 0.60 -33.80
C GLY F 134 41.03 0.09 -32.46
N ASN F 135 41.47 -1.13 -32.16
CA ASN F 135 40.78 -2.16 -31.47
C ASN F 135 41.28 -2.52 -30.05
N GLY F 136 41.71 -1.55 -29.25
CA GLY F 136 42.23 -1.86 -27.92
C GLY F 136 43.66 -2.43 -27.94
N CYS F 137 44.22 -2.58 -29.14
CA CYS F 137 45.55 -3.18 -29.31
C CYS F 137 46.62 -2.14 -29.58
N PHE F 138 47.79 -2.40 -29.03
CA PHE F 138 48.91 -1.50 -29.21
C PHE F 138 50.06 -2.26 -29.85
N GLU F 139 50.65 -1.68 -30.89
CA GLU F 139 51.74 -2.31 -31.62
C GLU F 139 53.02 -1.57 -31.25
N PHE F 140 53.94 -2.26 -30.61
CA PHE F 140 55.14 -1.64 -30.06
C PHE F 140 56.10 -1.17 -31.16
N TRP F 141 56.80 -0.08 -30.90
CA TRP F 141 57.86 0.38 -31.81
C TRP F 141 59.20 -0.18 -31.38
N HIS F 142 59.17 -1.07 -30.39
CA HIS F 142 60.38 -1.76 -29.94
C HIS F 142 60.07 -3.21 -29.65
N LYS F 143 61.07 -3.98 -29.29
CA LYS F 143 60.81 -5.38 -29.02
C LYS F 143 60.37 -5.50 -27.58
N CYS F 144 59.15 -6.01 -27.37
CA CYS F 144 58.65 -6.15 -26.01
C CYS F 144 58.72 -7.59 -25.53
N ASP F 145 59.57 -7.74 -24.53
CA ASP F 145 59.95 -8.95 -23.84
C ASP F 145 58.80 -9.45 -22.97
N ASN F 146 58.87 -10.70 -22.51
CA ASN F 146 57.90 -11.20 -21.54
C ASN F 146 57.95 -10.37 -20.25
N GLU F 147 59.16 -9.98 -19.83
CA GLU F 147 59.27 -9.04 -18.70
C GLU F 147 58.66 -7.71 -19.06
N CYS F 148 58.99 -7.25 -20.26
CA CYS F 148 58.43 -6.03 -20.80
C CYS F 148 56.91 -6.02 -20.76
N MET F 149 56.31 -7.12 -21.18
CA MET F 149 54.87 -7.25 -21.20
C MET F 149 54.37 -7.27 -19.77
N GLU F 150 55.02 -8.06 -18.91
CA GLU F 150 54.69 -8.15 -17.49
C GLU F 150 54.70 -6.77 -16.84
N SER F 151 55.59 -5.92 -17.30
CA SER F 151 55.79 -4.59 -16.72
C SER F 151 54.66 -3.63 -17.10
N VAL F 152 54.21 -3.73 -18.35
CA VAL F 152 53.02 -3.01 -18.80
C VAL F 152 51.78 -3.37 -17.94
N LYS F 153 51.63 -4.65 -17.66
CA LYS F 153 50.51 -5.16 -16.89
C LYS F 153 50.60 -4.73 -15.41
N ASN F 154 51.82 -4.57 -14.91
CA ASN F 154 52.12 -4.18 -13.51
C ASN F 154 51.98 -2.69 -13.27
N GLY F 155 51.85 -1.92 -14.33
CA GLY F 155 51.96 -0.47 -14.27
C GLY F 155 53.39 0.04 -14.07
N THR F 156 54.38 -0.82 -14.31
CA THR F 156 55.77 -0.41 -14.11
C THR F 156 56.57 -0.36 -15.40
N TYR F 157 55.89 -0.14 -16.52
CA TYR F 157 56.55 -0.06 -17.81
C TYR F 157 57.57 1.09 -17.84
N ASP F 158 58.76 0.82 -18.38
CA ASP F 158 59.84 1.82 -18.39
C ASP F 158 59.89 2.51 -19.75
N TYR F 159 59.26 3.69 -19.85
CA TYR F 159 59.21 4.39 -21.12
C TYR F 159 60.56 4.98 -21.60
N PRO F 160 61.36 5.61 -20.69
CA PRO F 160 62.66 6.07 -21.22
C PRO F 160 63.49 4.92 -21.79
N LYS F 161 63.64 3.84 -21.03
CA LYS F 161 64.37 2.65 -21.43
C LYS F 161 64.16 2.15 -22.86
N TYR F 162 62.99 2.44 -23.44
CA TYR F 162 62.73 2.02 -24.83
C TYR F 162 62.53 3.20 -25.76
N GLN F 163 62.66 4.41 -25.23
CA GLN F 163 62.34 5.60 -26.02
C GLN F 163 63.22 5.71 -27.28
N LYS F 164 64.54 5.62 -27.14
CA LYS F 164 65.42 5.79 -28.32
C LYS F 164 65.18 4.72 -29.41
N GLU F 165 65.20 3.43 -29.05
CA GLU F 165 64.91 2.34 -29.99
C GLU F 165 63.59 2.52 -30.75
N SER F 166 62.61 3.10 -30.10
CA SER F 166 61.26 3.18 -30.66
C SER F 166 61.14 4.40 -31.55
N LYS F 167 61.87 5.47 -31.21
CA LYS F 167 61.97 6.62 -32.11
C LYS F 167 62.50 6.18 -33.45
N LEU F 168 63.57 5.39 -33.39
CA LEU F 168 64.22 4.85 -34.59
C LEU F 168 63.22 4.22 -35.53
N ASN F 169 62.50 3.22 -35.03
CA ASN F 169 61.62 2.45 -35.88
C ASN F 169 60.37 3.24 -36.23
N ARG F 170 59.92 4.10 -35.31
CA ARG F 170 58.78 4.97 -35.57
C ARG F 170 59.04 5.92 -36.73
N GLN F 171 60.32 6.26 -36.93
CA GLN F 171 60.74 7.03 -38.09
C GLN F 171 61.08 6.13 -39.29
N GLY F 172 61.92 5.11 -39.07
CA GLY F 172 62.40 4.25 -40.14
C GLY F 172 61.31 3.49 -40.86
C1 NAG G . 30.51 2.11 7.89
C2 NAG G . 29.10 1.54 8.04
C3 NAG G . 28.80 1.22 9.50
C4 NAG G . 29.91 0.34 10.07
C5 NAG G . 31.30 0.89 9.74
C6 NAG G . 32.41 -0.09 9.99
C7 NAG G . 28.26 3.80 7.45
C8 NAG G . 27.55 4.62 6.43
N2 NAG G . 28.15 2.46 7.39
O3 NAG G . 27.56 0.56 9.53
O4 NAG G . 29.75 0.17 11.48
O5 NAG G . 31.44 1.18 8.37
O6 NAG G . 32.86 -0.42 8.68
O7 NAG G . 28.94 4.28 8.31
C1 NAG H . -38.11 21.18 14.78
C2 NAG H . -39.49 20.58 14.50
C3 NAG H . -40.09 21.10 13.21
C4 NAG H . -40.03 22.61 13.18
C5 NAG H . -38.59 23.06 13.36
C6 NAG H . -38.70 24.56 13.59
C7 NAG H . -40.68 18.59 15.09
C8 NAG H . -40.79 17.12 14.96
N2 NAG H . -39.62 19.15 14.53
O3 NAG H . -41.43 20.63 13.10
O4 NAG H . -40.56 23.09 11.92
O5 NAG H . -38.09 22.58 14.60
O6 NAG H . -39.56 24.80 14.70
O7 NAG H . -41.50 19.22 15.69
C1 NAG I . 30.39 -24.70 -20.76
C2 NAG I . 30.39 -26.16 -21.20
C3 NAG I . 30.51 -27.11 -20.02
C4 NAG I . 31.67 -26.69 -19.14
C5 NAG I . 31.49 -25.24 -18.71
C6 NAG I . 32.72 -24.80 -17.95
C7 NAG I . 28.76 -26.94 -22.93
C8 NAG I . 28.75 -26.00 -24.10
N2 NAG I . 29.07 -26.41 -21.75
O3 NAG I . 30.76 -28.42 -20.54
O4 NAG I . 31.75 -27.54 -18.00
O5 NAG I . 31.42 -24.40 -19.85
O6 NAG I . 33.68 -24.45 -18.94
O7 NAG I . 28.46 -28.11 -23.09
C1 NAG J . -12.40 -16.11 41.16
C2 NAG J . -13.11 -14.92 41.84
C3 NAG J . -12.13 -13.81 42.19
C4 NAG J . -10.95 -14.39 42.95
C5 NAG J . -10.30 -15.49 42.12
C6 NAG J . -9.13 -15.96 42.97
C7 NAG J . -15.40 -14.30 41.43
C8 NAG J . -16.05 -12.97 41.33
N2 NAG J . -14.14 -14.37 41.02
O3 NAG J . -12.88 -12.98 43.07
O4 NAG J . -10.03 -13.37 43.28
O5 NAG J . -11.24 -16.51 41.85
O6 NAG J . -9.47 -17.09 43.77
O7 NAG J . -16.01 -15.23 41.84
#